data_4JAQ
#
_entry.id   4JAQ
#
_cell.length_a   72.006
_cell.length_b   48.712
_cell.length_c   194.295
_cell.angle_alpha   90.00
_cell.angle_beta   97.89
_cell.angle_gamma   90.00
#
_symmetry.space_group_name_H-M   'P 1 21 1'
#
loop_
_entity.id
_entity.type
_entity.pdbx_description
1 polymer 'Alpha-pyrone synthesis polyketide synthase-like Pks11'
2 non-polymer '3,5-dioxoicosanoic acid'
3 non-polymer 'COENZYME A'
4 non-polymer 'PALMITIC ACID'
5 water water
#
_entity_poly.entity_id   1
_entity_poly.type   'polypeptide(L)'
_entity_poly.pdbx_seq_one_letter_code
;MSVIAGVFGALPPHRYSQSEITDSFVEFPGLKEHEEIIRRLHAAAKVNGRHLVLPLQQYPSLTDFGDANEIFIEKAVDLG
VEALLGALDDANLRPSDIDMIATATVTGVAVPSLDARIAGRLGLRPDVRRMPLFGLGCVAGAAGVARLRDYLRGAPDDVA
VLVSVELCSLTYPAVKPTVSSLVGTALFGDGAAAVVAVGDRRAEQVRAGGPDILDSRSSLYPDSLHIMGWDVGSHGLRLR
LSPDLTNLIERYLANDVTTFLDAHRLTKDDIGAWVSHPGGPKVIDAVATSLALPPEALELTWRSLGEIGNLSSASILHIL
RDTIEKRPPSGSAGLMLAMGPGFCTELVLLRWR
;
_entity_poly.pdbx_strand_id   D,A,C,B
#
# COMPACT_ATOMS: atom_id res chain seq x y z
N SER A 2 -4.52 8.72 -1.83
CA SER A 2 -3.11 9.12 -1.73
C SER A 2 -2.88 10.01 -0.52
N VAL A 3 -1.69 9.94 0.05
CA VAL A 3 -1.40 10.60 1.32
C VAL A 3 -0.02 11.24 1.29
N ILE A 4 0.08 12.50 1.70
CA ILE A 4 1.39 13.13 1.78
C ILE A 4 2.17 12.52 2.94
N ALA A 5 3.45 12.24 2.71
CA ALA A 5 4.29 11.67 3.76
C ALA A 5 5.44 12.60 4.15
N GLY A 6 5.80 13.50 3.23
CA GLY A 6 6.91 14.42 3.46
C GLY A 6 6.74 15.71 2.66
N VAL A 7 7.04 16.85 3.29
CA VAL A 7 7.06 18.13 2.58
C VAL A 7 8.25 18.90 3.11
N PHE A 8 9.01 19.53 2.22
CA PHE A 8 10.23 20.17 2.63
C PHE A 8 10.58 21.32 1.68
N GLY A 9 11.03 22.43 2.25
CA GLY A 9 11.45 23.58 1.44
C GLY A 9 12.96 23.78 1.52
N ALA A 10 13.55 24.22 0.42
CA ALA A 10 14.98 24.50 0.41
C ALA A 10 15.19 25.85 -0.22
N LEU A 11 16.05 26.64 0.41
CA LEU A 11 16.33 27.99 -0.05
C LEU A 11 17.83 28.18 -0.23
N PRO A 12 18.23 28.99 -1.23
CA PRO A 12 19.66 29.30 -1.33
C PRO A 12 20.18 30.03 -0.09
N PRO A 13 21.48 29.85 0.18
CA PRO A 13 22.05 30.45 1.39
C PRO A 13 22.04 31.98 1.36
N HIS A 14 22.27 32.62 0.21
CA HIS A 14 22.25 34.09 0.18
C HIS A 14 20.87 34.64 0.54
N ARG A 15 20.74 35.20 1.74
CA ARG A 15 19.51 35.86 2.17
C ARG A 15 19.70 37.37 2.30
N TYR A 16 18.80 38.15 1.71
CA TYR A 16 18.91 39.61 1.72
C TYR A 16 17.60 40.22 2.17
N SER A 17 17.65 41.36 2.84
CA SER A 17 16.41 42.06 3.11
C SER A 17 15.96 42.70 1.80
N GLN A 18 14.67 42.97 1.67
CA GLN A 18 14.17 43.69 0.51
C GLN A 18 14.92 45.02 0.32
N SER A 19 15.14 45.74 1.41
CA SER A 19 15.86 47.01 1.31
C SER A 19 17.26 46.85 0.71
N GLU A 20 17.96 45.78 1.10
CA GLU A 20 19.29 45.52 0.55
C GLU A 20 19.23 45.29 -0.94
N ILE A 21 18.31 44.42 -1.36
CA ILE A 21 18.15 44.13 -2.78
C ILE A 21 17.91 45.44 -3.52
N THR A 22 16.89 46.19 -3.09
CA THR A 22 16.56 47.43 -3.78
C THR A 22 17.77 48.36 -3.86
N ASP A 23 18.46 48.56 -2.75
CA ASP A 23 19.61 49.48 -2.75
C ASP A 23 20.63 49.14 -3.83
N SER A 24 20.92 47.86 -3.99
CA SER A 24 21.91 47.42 -4.99
C SER A 24 21.31 47.52 -6.38
N PHE A 25 20.09 47.04 -6.49
CA PHE A 25 19.40 46.94 -7.77
C PHE A 25 19.34 48.28 -8.53
N VAL A 26 18.96 49.34 -7.84
CA VAL A 26 18.85 50.65 -8.48
C VAL A 26 20.19 51.16 -9.04
N GLU A 27 21.30 50.58 -8.62
CA GLU A 27 22.60 50.99 -9.15
C GLU A 27 23.09 50.11 -10.31
N PHE A 28 22.31 49.09 -10.66
CA PHE A 28 22.71 48.21 -11.75
C PHE A 28 22.67 48.96 -13.08
N PRO A 29 23.50 48.55 -14.05
CA PRO A 29 23.55 49.25 -15.33
C PRO A 29 22.17 49.37 -15.96
N GLY A 30 21.83 50.58 -16.40
CA GLY A 30 20.58 50.82 -17.10
C GLY A 30 19.38 51.02 -16.21
N LEU A 31 19.56 51.00 -14.88
CA LEU A 31 18.45 51.11 -13.93
C LEU A 31 18.39 52.40 -13.15
N LYS A 32 19.50 53.10 -13.04
CA LYS A 32 19.51 54.30 -12.21
C LYS A 32 18.40 55.31 -12.57
N GLU A 33 18.12 55.46 -13.85
CA GLU A 33 17.10 56.39 -14.33
C GLU A 33 15.71 56.01 -13.86
N HIS A 34 15.59 54.81 -13.31
CA HIS A 34 14.29 54.29 -12.91
C HIS A 34 14.23 54.05 -11.41
N GLU A 35 15.16 54.66 -10.69
CA GLU A 35 15.27 54.46 -9.25
C GLU A 35 13.96 54.67 -8.53
N GLU A 36 13.24 55.74 -8.86
CA GLU A 36 12.05 56.06 -8.09
C GLU A 36 10.96 55.00 -8.24
N ILE A 37 10.68 54.61 -9.47
CA ILE A 37 9.63 53.62 -9.69
C ILE A 37 10.04 52.27 -9.13
N ILE A 38 11.34 51.97 -9.20
CA ILE A 38 11.84 50.71 -8.63
C ILE A 38 11.66 50.69 -7.11
N ARG A 39 12.11 51.74 -6.44
CA ARG A 39 11.89 51.83 -4.99
C ARG A 39 10.41 51.77 -4.62
N ARG A 40 9.57 52.44 -5.39
CA ARG A 40 8.14 52.41 -5.11
C ARG A 40 7.55 50.99 -5.23
N LEU A 41 7.90 50.30 -6.31
CA LEU A 41 7.37 48.95 -6.51
C LEU A 41 7.94 47.94 -5.53
N HIS A 42 9.23 48.06 -5.23
CA HIS A 42 9.85 47.14 -4.30
C HIS A 42 9.26 47.30 -2.90
N ALA A 43 8.92 48.53 -2.56
CA ALA A 43 8.39 48.84 -1.23
C ALA A 43 6.94 48.42 -1.04
N ALA A 44 6.18 48.36 -2.14
CA ALA A 44 4.74 48.05 -2.06
C ALA A 44 4.45 46.56 -2.14
N ALA A 45 5.50 45.76 -2.26
CA ALA A 45 5.36 44.33 -2.57
C ALA A 45 4.97 43.46 -1.38
N LYS A 46 5.05 44.02 -0.18
CA LYS A 46 4.81 43.26 1.04
C LYS A 46 5.81 42.11 1.15
N VAL A 47 6.98 42.32 0.56
CA VAL A 47 8.07 41.35 0.67
C VAL A 47 9.16 41.98 1.51
N ASN A 48 9.59 41.27 2.53
CA ASN A 48 10.58 41.82 3.46
C ASN A 48 11.97 41.25 3.24
N GLY A 49 12.06 40.16 2.52
CA GLY A 49 13.35 39.55 2.26
C GLY A 49 13.20 38.45 1.25
N ARG A 50 14.29 38.15 0.56
CA ARG A 50 14.31 37.07 -0.42
C ARG A 50 15.67 36.39 -0.43
N HIS A 51 15.67 35.10 -0.76
CA HIS A 51 16.88 34.34 -1.00
C HIS A 51 17.20 34.39 -2.49
N LEU A 52 18.47 34.60 -2.80
CA LEU A 52 18.91 34.66 -4.19
C LEU A 52 20.01 33.64 -4.42
N VAL A 53 19.98 33.02 -5.59
CA VAL A 53 20.86 31.90 -5.86
C VAL A 53 22.30 32.37 -6.15
N LEU A 54 22.44 33.63 -6.55
CA LEU A 54 23.73 34.28 -6.78
C LEU A 54 23.94 35.44 -5.81
N PRO A 55 25.21 35.75 -5.48
CA PRO A 55 25.40 36.97 -4.70
C PRO A 55 24.90 38.21 -5.46
N LEU A 56 24.42 39.20 -4.72
CA LEU A 56 23.81 40.38 -5.33
C LEU A 56 24.67 41.02 -6.41
N GLN A 57 25.95 41.19 -6.15
CA GLN A 57 26.81 41.91 -7.07
C GLN A 57 26.98 41.21 -8.43
N GLN A 58 26.63 39.93 -8.50
CA GLN A 58 26.87 39.16 -9.71
C GLN A 58 25.84 39.42 -10.80
N TYR A 59 24.66 39.94 -10.44
CA TYR A 59 23.59 40.07 -11.42
C TYR A 59 23.86 40.99 -12.63
N PRO A 60 24.54 42.14 -12.43
CA PRO A 60 24.85 42.97 -13.61
C PRO A 60 25.62 42.22 -14.71
N SER A 61 26.39 41.20 -14.33
CA SER A 61 27.17 40.41 -15.30
C SER A 61 26.32 39.34 -15.97
N LEU A 62 25.12 39.12 -15.45
CA LEU A 62 24.24 38.08 -15.95
C LEU A 62 23.35 38.66 -17.05
N THR A 63 23.97 38.99 -18.18
CA THR A 63 23.23 39.60 -19.30
C THR A 63 23.00 38.64 -20.44
N ASP A 64 23.64 37.48 -20.39
CA ASP A 64 23.50 36.50 -21.46
C ASP A 64 22.66 35.32 -21.00
N PHE A 65 21.60 35.04 -21.75
CA PHE A 65 20.66 33.98 -21.42
C PHE A 65 21.33 32.61 -21.37
N GLY A 66 22.30 32.38 -22.25
CA GLY A 66 23.08 31.15 -22.22
C GLY A 66 23.80 30.95 -20.90
N ASP A 67 24.47 32.00 -20.40
CA ASP A 67 25.09 31.93 -19.08
C ASP A 67 24.04 31.63 -18.02
N ALA A 68 22.97 32.42 -18.01
CA ALA A 68 21.96 32.31 -16.96
C ALA A 68 21.33 30.92 -16.91
N ASN A 69 20.99 30.39 -18.09
CA ASN A 69 20.33 29.10 -18.15
C ASN A 69 21.26 27.97 -17.76
N GLU A 70 22.55 28.11 -18.07
CA GLU A 70 23.52 27.10 -17.64
C GLU A 70 23.66 27.11 -16.12
N ILE A 71 23.71 28.31 -15.55
CA ILE A 71 23.74 28.42 -14.09
C ILE A 71 22.44 27.89 -13.49
N PHE A 72 21.31 28.19 -14.13
CA PHE A 72 20.04 27.62 -13.69
C PHE A 72 20.13 26.12 -13.54
N ILE A 73 20.56 25.45 -14.61
CA ILE A 73 20.64 23.99 -14.58
C ILE A 73 21.47 23.47 -13.40
N GLU A 74 22.66 24.02 -13.22
CA GLU A 74 23.51 23.58 -12.13
C GLU A 74 22.86 23.84 -10.76
N LYS A 75 22.36 25.06 -10.55
CA LYS A 75 21.82 25.44 -9.25
C LYS A 75 20.46 24.80 -8.95
N ALA A 76 19.67 24.57 -9.98
CA ALA A 76 18.35 23.99 -9.78
C ALA A 76 18.47 22.51 -9.39
N VAL A 77 19.42 21.80 -9.99
CA VAL A 77 19.61 20.41 -9.63
C VAL A 77 20.11 20.31 -8.19
N ASP A 78 21.03 21.18 -7.81
CA ASP A 78 21.47 21.25 -6.40
C ASP A 78 20.32 21.45 -5.41
N LEU A 79 19.50 22.46 -5.66
CA LEU A 79 18.40 22.83 -4.76
C LEU A 79 17.29 21.81 -4.82
N GLY A 80 17.04 21.25 -6.00
CA GLY A 80 16.02 20.22 -6.11
C GLY A 80 16.40 18.98 -5.34
N VAL A 81 17.65 18.57 -5.46
CA VAL A 81 18.17 17.46 -4.68
C VAL A 81 18.07 17.73 -3.17
N GLU A 82 18.41 18.94 -2.74
CA GLU A 82 18.33 19.27 -1.32
C GLU A 82 16.90 19.16 -0.80
N ALA A 83 15.96 19.68 -1.58
CA ALA A 83 14.55 19.66 -1.19
C ALA A 83 13.99 18.24 -1.18
N LEU A 84 14.35 17.45 -2.19
CA LEU A 84 13.86 16.07 -2.24
C LEU A 84 14.44 15.25 -1.09
N LEU A 85 15.72 15.43 -0.79
CA LEU A 85 16.31 14.70 0.34
C LEU A 85 15.60 15.06 1.64
N GLY A 86 15.32 16.34 1.84
CA GLY A 86 14.65 16.78 3.05
C GLY A 86 13.26 16.18 3.16
N ALA A 87 12.54 16.14 2.04
CA ALA A 87 11.20 15.59 2.04
C ALA A 87 11.22 14.08 2.29
N LEU A 88 12.22 13.40 1.73
CA LEU A 88 12.36 11.96 1.95
C LEU A 88 12.66 11.66 3.42
N ASP A 89 13.55 12.44 4.03
CA ASP A 89 13.85 12.33 5.47
C ASP A 89 12.58 12.54 6.31
N ASP A 90 11.80 13.55 5.96
CA ASP A 90 10.53 13.84 6.63
C ASP A 90 9.57 12.64 6.51
N ALA A 91 9.61 11.96 5.37
CA ALA A 91 8.77 10.79 5.11
C ALA A 91 9.35 9.45 5.59
N ASN A 92 10.59 9.45 6.08
CA ASN A 92 11.25 8.20 6.43
C ASN A 92 11.32 7.24 5.25
N LEU A 93 11.59 7.78 4.06
CA LEU A 93 11.76 6.97 2.86
C LEU A 93 13.11 7.26 2.22
N ARG A 94 13.49 6.46 1.24
CA ARG A 94 14.79 6.59 0.58
C ARG A 94 14.60 6.81 -0.92
N PRO A 95 15.63 7.35 -1.59
CA PRO A 95 15.56 7.55 -3.04
C PRO A 95 15.09 6.31 -3.79
N SER A 96 15.58 5.14 -3.41
CA SER A 96 15.23 3.92 -4.15
C SER A 96 13.75 3.53 -4.03
N ASP A 97 13.04 4.16 -3.09
CA ASP A 97 11.61 3.89 -2.89
C ASP A 97 10.74 4.60 -3.93
N ILE A 98 11.31 5.61 -4.59
CA ILE A 98 10.53 6.46 -5.47
C ILE A 98 10.18 5.76 -6.78
N ASP A 99 8.89 5.70 -7.10
CA ASP A 99 8.42 5.08 -8.34
C ASP A 99 8.16 6.08 -9.46
N MET A 100 7.90 7.33 -9.08
CA MET A 100 7.63 8.38 -10.08
C MET A 100 8.10 9.70 -9.53
N ILE A 101 8.77 10.48 -10.36
CA ILE A 101 9.21 11.82 -9.96
C ILE A 101 8.70 12.83 -10.96
N ALA A 102 8.00 13.84 -10.47
CA ALA A 102 7.56 14.93 -11.32
C ALA A 102 8.34 16.17 -10.90
N THR A 103 8.81 16.93 -11.88
CA THR A 103 9.48 18.19 -11.54
C THR A 103 8.70 19.34 -12.17
N ALA A 104 8.66 20.46 -11.48
CA ALA A 104 8.01 21.64 -12.03
C ALA A 104 8.98 22.82 -11.99
N THR A 105 9.09 23.50 -13.10
CA THR A 105 9.77 24.79 -13.14
C THR A 105 9.25 25.57 -14.32
N VAL A 106 9.42 26.89 -14.27
CA VAL A 106 9.12 27.74 -15.42
C VAL A 106 10.29 28.70 -15.67
N THR A 107 11.32 28.62 -14.83
CA THR A 107 12.38 29.63 -14.85
C THR A 107 13.68 29.21 -15.55
N GLY A 108 13.64 28.06 -16.23
CA GLY A 108 14.80 27.60 -16.98
C GLY A 108 14.48 26.42 -17.88
N VAL A 109 15.34 26.17 -18.86
CA VAL A 109 15.04 25.19 -19.91
C VAL A 109 16.10 24.09 -19.88
N ALA A 110 15.69 22.89 -19.46
CA ALA A 110 16.64 21.79 -19.32
C ALA A 110 16.22 20.57 -20.13
N VAL A 111 17.09 20.15 -21.04
CA VAL A 111 16.93 18.89 -21.76
C VAL A 111 18.30 18.23 -21.85
N PRO A 112 18.50 17.12 -21.12
CA PRO A 112 17.55 16.36 -20.31
C PRO A 112 16.93 17.19 -19.19
N SER A 113 15.75 16.76 -18.77
CA SER A 113 14.96 17.48 -17.77
C SER A 113 15.62 17.46 -16.40
N LEU A 114 15.10 18.29 -15.49
CA LEU A 114 15.59 18.30 -14.12
C LEU A 114 15.39 16.94 -13.44
N ASP A 115 14.30 16.26 -13.75
CA ASP A 115 14.05 14.98 -13.06
C ASP A 115 15.10 13.93 -13.41
N ALA A 116 15.61 13.97 -14.64
CA ALA A 116 16.65 13.01 -15.03
C ALA A 116 17.94 13.30 -14.27
N ARG A 117 18.20 14.58 -14.06
CA ARG A 117 19.42 15.03 -13.39
C ARG A 117 19.31 14.77 -11.90
N ILE A 118 18.13 15.02 -11.33
CA ILE A 118 17.93 14.72 -9.92
C ILE A 118 17.98 13.20 -9.67
N ALA A 119 17.37 12.43 -10.57
CA ALA A 119 17.38 10.98 -10.45
C ALA A 119 18.83 10.48 -10.39
N GLY A 120 19.68 11.03 -11.26
CA GLY A 120 21.07 10.61 -11.31
C GLY A 120 21.84 10.95 -10.06
N ARG A 121 21.62 12.16 -9.55
CA ARG A 121 22.31 12.66 -8.37
C ARG A 121 21.97 11.85 -7.12
N LEU A 122 20.70 11.49 -6.97
CA LEU A 122 20.28 10.76 -5.77
C LEU A 122 20.25 9.25 -5.92
N GLY A 123 20.55 8.76 -7.11
CA GLY A 123 20.57 7.33 -7.36
C GLY A 123 19.18 6.72 -7.30
N LEU A 124 18.20 7.41 -7.87
CA LEU A 124 16.87 6.82 -8.02
C LEU A 124 16.99 5.61 -8.91
N ARG A 125 16.04 4.69 -8.81
CA ARG A 125 16.05 3.49 -9.63
C ARG A 125 16.03 3.87 -11.11
N PRO A 126 16.72 3.07 -11.94
CA PRO A 126 16.76 3.35 -13.38
C PRO A 126 15.37 3.29 -14.05
N ASP A 127 14.42 2.57 -13.44
CA ASP A 127 13.06 2.52 -13.99
C ASP A 127 12.10 3.57 -13.42
N VAL A 128 12.60 4.57 -12.71
CA VAL A 128 11.70 5.58 -12.16
C VAL A 128 10.94 6.31 -13.27
N ARG A 129 9.65 6.52 -13.07
CA ARG A 129 8.82 7.22 -14.04
C ARG A 129 9.05 8.72 -13.88
N ARG A 130 9.33 9.40 -14.99
CA ARG A 130 9.66 10.83 -14.96
C ARG A 130 8.55 11.68 -15.56
N MET A 131 8.20 12.77 -14.89
CA MET A 131 7.16 13.67 -15.39
C MET A 131 7.62 15.11 -15.30
N PRO A 132 8.38 15.58 -16.31
CA PRO A 132 8.85 16.97 -16.34
C PRO A 132 7.76 17.97 -16.76
N LEU A 133 7.23 18.68 -15.78
CA LEU A 133 6.15 19.63 -15.99
C LEU A 133 6.72 21.02 -16.18
N PHE A 134 6.68 21.52 -17.41
CA PHE A 134 7.15 22.86 -17.70
C PHE A 134 6.01 23.69 -18.29
N GLY A 135 5.79 24.89 -17.75
CA GLY A 135 4.84 25.82 -18.36
C GLY A 135 3.54 26.02 -17.61
N LEU A 136 3.40 25.36 -16.48
CA LEU A 136 2.26 25.59 -15.61
C LEU A 136 2.50 26.83 -14.77
N GLY A 137 3.74 27.28 -14.69
CA GLY A 137 4.06 28.43 -13.86
C GLY A 137 3.60 28.29 -12.43
N CYS A 138 2.97 29.33 -11.92
CA CYS A 138 2.60 29.42 -10.52
C CYS A 138 1.53 28.44 -10.06
N VAL A 139 0.92 27.73 -10.99
CA VAL A 139 -0.09 26.75 -10.60
C VAL A 139 0.53 25.38 -10.29
N ALA A 140 1.81 25.20 -10.65
CA ALA A 140 2.41 23.86 -10.63
C ALA A 140 2.59 23.20 -9.27
N GLY A 141 2.59 24.01 -8.19
CA GLY A 141 2.72 23.46 -6.86
C GLY A 141 1.46 22.67 -6.54
N ALA A 142 0.32 23.32 -6.74
CA ALA A 142 -0.97 22.66 -6.52
C ALA A 142 -1.24 21.59 -7.57
N ALA A 143 -1.08 21.97 -8.84
CA ALA A 143 -1.30 21.05 -9.94
C ALA A 143 -0.39 19.82 -9.82
N GLY A 144 0.84 20.06 -9.38
CA GLY A 144 1.80 18.99 -9.19
C GLY A 144 1.30 17.99 -8.14
N VAL A 145 0.76 18.51 -7.04
CA VAL A 145 0.20 17.63 -6.00
C VAL A 145 -0.98 16.83 -6.55
N ALA A 146 -1.79 17.47 -7.40
CA ALA A 146 -2.92 16.79 -8.05
C ALA A 146 -2.46 15.70 -9.00
N ARG A 147 -1.37 15.93 -9.72
CA ARG A 147 -0.83 14.90 -10.61
C ARG A 147 -0.26 13.70 -9.82
N LEU A 148 0.34 13.96 -8.68
CA LEU A 148 0.78 12.86 -7.81
C LEU A 148 -0.41 12.00 -7.43
N ARG A 149 -1.50 12.65 -7.03
CA ARG A 149 -2.71 11.92 -6.70
C ARG A 149 -3.20 11.10 -7.89
N ASP A 150 -3.25 11.71 -9.08
CA ASP A 150 -3.68 10.96 -10.26
C ASP A 150 -2.84 9.70 -10.48
N TYR A 151 -1.54 9.84 -10.30
CA TYR A 151 -0.64 8.70 -10.43
C TYR A 151 -0.90 7.63 -9.37
N LEU A 152 -1.00 8.06 -8.11
CA LEU A 152 -1.07 7.15 -7.00
C LEU A 152 -2.45 6.48 -6.89
N ARG A 153 -3.45 7.13 -7.45
CA ARG A 153 -4.78 6.52 -7.51
C ARG A 153 -4.70 5.32 -8.45
N GLY A 154 -3.84 5.42 -9.46
CA GLY A 154 -3.62 4.32 -10.39
C GLY A 154 -2.62 3.29 -9.88
N ALA A 155 -1.75 3.71 -8.97
CA ALA A 155 -0.68 2.87 -8.45
C ALA A 155 -0.64 2.96 -6.93
N PRO A 156 -1.62 2.33 -6.26
CA PRO A 156 -1.79 2.59 -4.84
C PRO A 156 -0.72 2.00 -3.92
N ASP A 157 0.14 1.15 -4.46
CA ASP A 157 1.26 0.63 -3.68
C ASP A 157 2.54 1.47 -3.84
N ASP A 158 2.48 2.54 -4.63
CA ASP A 158 3.67 3.29 -5.02
C ASP A 158 3.97 4.53 -4.18
N VAL A 159 5.17 5.09 -4.42
CA VAL A 159 5.61 6.34 -3.83
C VAL A 159 5.89 7.27 -5.01
N ALA A 160 5.38 8.49 -4.93
CA ALA A 160 5.58 9.48 -6.01
C ALA A 160 5.99 10.80 -5.39
N VAL A 161 6.85 11.54 -6.08
CA VAL A 161 7.38 12.77 -5.52
C VAL A 161 7.24 13.92 -6.50
N LEU A 162 7.05 15.12 -5.97
CA LEU A 162 7.07 16.33 -6.76
C LEU A 162 8.24 17.18 -6.30
N VAL A 163 9.01 17.68 -7.26
CA VAL A 163 10.08 18.63 -6.92
C VAL A 163 9.89 19.90 -7.74
N SER A 164 9.73 21.02 -7.04
CA SER A 164 9.53 22.31 -7.66
C SER A 164 10.77 23.12 -7.41
N VAL A 165 11.34 23.69 -8.46
CA VAL A 165 12.50 24.54 -8.29
C VAL A 165 12.30 25.76 -9.15
N GLU A 166 12.33 26.93 -8.53
CA GLU A 166 12.13 28.17 -9.28
C GLU A 166 13.22 29.15 -8.93
N LEU A 167 14.07 29.45 -9.92
CA LEU A 167 15.17 30.40 -9.71
C LEU A 167 14.86 31.66 -10.52
N CYS A 168 13.85 32.39 -10.07
CA CYS A 168 13.35 33.56 -10.78
C CYS A 168 14.42 34.62 -11.06
N SER A 169 15.35 34.82 -10.13
CA SER A 169 16.38 35.83 -10.31
C SER A 169 17.27 35.58 -11.53
N LEU A 170 17.32 34.33 -11.99
CA LEU A 170 18.22 34.00 -13.09
C LEU A 170 17.59 34.35 -14.43
N THR A 171 16.35 34.83 -14.41
CA THR A 171 15.77 35.38 -15.64
C THR A 171 16.22 36.83 -15.85
N TYR A 172 17.15 37.29 -15.00
CA TYR A 172 17.67 38.64 -15.10
C TYR A 172 18.04 39.14 -16.52
N PRO A 173 18.63 38.29 -17.37
CA PRO A 173 18.98 38.77 -18.71
C PRO A 173 17.79 39.33 -19.49
N ALA A 174 16.58 38.92 -19.13
CA ALA A 174 15.36 39.41 -19.82
C ALA A 174 14.70 40.62 -19.12
N VAL A 175 15.23 41.01 -17.97
CA VAL A 175 14.65 42.15 -17.25
C VAL A 175 14.82 43.47 -18.02
N LYS A 176 13.73 44.23 -18.09
CA LYS A 176 13.72 45.55 -18.74
C LYS A 176 13.08 46.54 -17.79
N PRO A 177 13.37 47.84 -17.97
CA PRO A 177 12.81 48.92 -17.16
C PRO A 177 11.33 49.18 -17.48
N THR A 178 10.53 48.13 -17.56
CA THR A 178 9.11 48.27 -17.81
C THR A 178 8.33 47.89 -16.56
N VAL A 179 7.08 48.35 -16.48
CA VAL A 179 6.28 48.11 -15.29
C VAL A 179 6.19 46.62 -14.95
N SER A 180 5.87 45.79 -15.95
CA SER A 180 5.75 44.35 -15.74
C SER A 180 7.05 43.70 -15.23
N SER A 181 8.16 43.92 -15.92
CA SER A 181 9.42 43.34 -15.45
C SER A 181 9.77 43.86 -14.06
N LEU A 182 9.58 45.16 -13.82
CA LEU A 182 9.96 45.72 -12.54
C LEU A 182 9.08 45.20 -11.41
N VAL A 183 7.80 44.98 -11.69
CA VAL A 183 6.94 44.35 -10.70
C VAL A 183 7.52 42.99 -10.37
N GLY A 184 7.93 42.26 -11.40
CA GLY A 184 8.62 41.00 -11.20
C GLY A 184 9.83 41.11 -10.26
N THR A 185 10.68 42.10 -10.48
CA THR A 185 11.87 42.26 -9.63
C THR A 185 11.53 42.63 -8.19
N ALA A 186 10.30 43.09 -7.94
CA ALA A 186 9.85 43.41 -6.59
C ALA A 186 9.40 42.17 -5.82
N LEU A 187 8.83 41.22 -6.56
CA LEU A 187 8.10 40.12 -5.96
C LEU A 187 8.85 38.80 -5.86
N PHE A 188 9.53 38.39 -6.93
CA PHE A 188 10.02 37.02 -7.03
C PHE A 188 11.37 36.76 -6.38
N GLY A 189 11.42 35.64 -5.65
CA GLY A 189 12.64 35.11 -5.05
C GLY A 189 13.01 33.76 -5.62
N ASP A 190 14.04 33.15 -5.05
CA ASP A 190 14.54 31.86 -5.51
C ASP A 190 14.31 30.80 -4.44
N GLY A 191 14.04 29.57 -4.85
CA GLY A 191 13.85 28.52 -3.87
C GLY A 191 13.30 27.24 -4.46
N ALA A 192 13.12 26.23 -3.61
CA ALA A 192 12.69 24.92 -4.05
C ALA A 192 11.80 24.30 -2.99
N ALA A 193 11.10 23.23 -3.37
CA ALA A 193 10.30 22.50 -2.40
C ALA A 193 9.99 21.14 -2.98
N ALA A 194 9.76 20.16 -2.11
CA ALA A 194 9.46 18.82 -2.57
C ALA A 194 8.34 18.24 -1.73
N VAL A 195 7.48 17.47 -2.37
CA VAL A 195 6.44 16.72 -1.67
C VAL A 195 6.69 15.25 -1.94
N VAL A 196 6.61 14.45 -0.88
CA VAL A 196 6.66 13.01 -1.07
C VAL A 196 5.30 12.44 -0.71
N ALA A 197 4.70 11.68 -1.63
CA ALA A 197 3.37 11.10 -1.40
C ALA A 197 3.35 9.60 -1.66
N VAL A 198 2.44 8.90 -0.98
CA VAL A 198 2.29 7.46 -1.15
C VAL A 198 0.84 7.10 -1.45
N GLY A 199 0.64 6.00 -2.15
CA GLY A 199 -0.71 5.55 -2.50
C GLY A 199 -1.41 5.01 -1.25
N ASP A 200 -2.72 4.79 -1.37
CA ASP A 200 -3.51 4.39 -0.20
C ASP A 200 -3.03 3.07 0.39
N ARG A 201 -2.68 2.12 -0.47
CA ARG A 201 -2.17 0.84 0.05
C ARG A 201 -0.80 1.03 0.70
N ARG A 202 0.07 1.80 0.06
CA ARG A 202 1.38 2.07 0.62
C ARG A 202 1.25 2.71 1.99
N ALA A 203 0.27 3.58 2.12
CA ALA A 203 0.00 4.24 3.42
C ALA A 203 -0.49 3.27 4.50
N GLU A 204 -0.98 2.11 4.07
CA GLU A 204 -1.46 1.07 4.99
C GLU A 204 -0.33 0.05 5.28
N GLN A 205 0.81 0.24 4.62
CA GLN A 205 1.96 -0.64 4.80
C GLN A 205 3.00 0.01 5.70
N VAL A 206 3.25 1.30 5.47
CA VAL A 206 4.17 2.08 6.28
C VAL A 206 3.49 3.38 6.66
N ARG A 207 4.04 4.10 7.64
CA ARG A 207 3.32 5.26 8.16
C ARG A 207 3.54 6.51 7.34
N ALA A 208 2.44 7.18 7.01
CA ALA A 208 2.46 8.47 6.35
C ALA A 208 1.71 9.48 7.21
N GLY A 209 2.39 10.53 7.63
CA GLY A 209 1.85 11.45 8.61
C GLY A 209 1.25 12.75 8.09
N GLY A 210 1.38 12.99 6.79
CA GLY A 210 0.89 14.22 6.18
C GLY A 210 -0.60 14.09 5.89
N PRO A 211 -1.20 15.14 5.31
CA PRO A 211 -2.63 15.09 5.01
C PRO A 211 -2.97 14.19 3.82
N ASP A 212 -4.22 13.76 3.74
CA ASP A 212 -4.69 12.98 2.62
C ASP A 212 -4.98 13.93 1.48
N ILE A 213 -4.65 13.52 0.26
CA ILE A 213 -5.03 14.28 -0.93
C ILE A 213 -6.35 13.71 -1.45
N LEU A 214 -7.44 14.42 -1.18
CA LEU A 214 -8.77 13.89 -1.45
C LEU A 214 -9.22 14.03 -2.89
N ASP A 215 -8.96 15.19 -3.49
CA ASP A 215 -9.47 15.45 -4.81
C ASP A 215 -8.87 16.75 -5.30
N SER A 216 -9.06 17.03 -6.58
CA SER A 216 -8.54 18.26 -7.17
C SER A 216 -9.46 18.71 -8.28
N ARG A 217 -9.37 19.99 -8.63
CA ARG A 217 -10.09 20.49 -9.80
C ARG A 217 -9.35 21.64 -10.47
N SER A 218 -9.15 21.48 -11.76
CA SER A 218 -8.56 22.51 -12.60
C SER A 218 -9.66 23.43 -13.12
N SER A 219 -9.32 24.67 -13.43
CA SER A 219 -10.26 25.57 -14.09
C SER A 219 -9.50 26.47 -15.08
N LEU A 220 -9.57 26.12 -16.36
CA LEU A 220 -8.91 26.88 -17.42
C LEU A 220 -9.91 27.90 -17.96
N TYR A 221 -9.54 29.17 -17.88
CA TYR A 221 -10.45 30.25 -18.29
C TYR A 221 -10.36 30.51 -19.79
N PRO A 222 -11.52 30.61 -20.45
CA PRO A 222 -11.56 30.78 -21.90
C PRO A 222 -10.92 32.11 -22.30
N ASP A 223 -10.25 32.14 -23.45
CA ASP A 223 -9.72 33.37 -24.02
C ASP A 223 -8.90 34.20 -23.03
N SER A 224 -7.97 33.56 -22.32
CA SER A 224 -7.19 34.25 -21.30
C SER A 224 -5.68 33.96 -21.39
N LEU A 225 -5.21 33.63 -22.59
CA LEU A 225 -3.79 33.33 -22.78
C LEU A 225 -2.92 34.53 -22.39
N HIS A 226 -3.47 35.73 -22.51
CA HIS A 226 -2.71 36.97 -22.33
C HIS A 226 -2.53 37.38 -20.88
N ILE A 227 -3.22 36.69 -19.97
CA ILE A 227 -3.24 37.14 -18.57
C ILE A 227 -1.86 37.08 -17.92
N MET A 228 -1.14 35.97 -18.14
CA MET A 228 0.22 35.84 -17.66
C MET A 228 0.97 34.83 -18.50
N GLY A 229 2.28 34.99 -18.60
CA GLY A 229 3.11 34.06 -19.34
C GLY A 229 4.47 34.63 -19.62
N TRP A 230 5.24 33.94 -20.47
CA TRP A 230 6.56 34.42 -20.86
C TRP A 230 6.52 34.97 -22.28
N ASP A 231 7.31 36.02 -22.51
CA ASP A 231 7.77 36.39 -23.84
C ASP A 231 9.14 35.72 -23.98
N VAL A 232 9.31 34.80 -24.92
CA VAL A 232 10.56 34.03 -25.03
C VAL A 232 11.41 34.49 -26.21
N GLY A 233 12.68 34.76 -25.96
CA GLY A 233 13.56 35.25 -27.02
C GLY A 233 15.04 35.16 -26.71
N SER A 234 15.84 35.86 -27.49
CA SER A 234 17.28 35.78 -27.36
C SER A 234 17.79 36.24 -26.00
N HIS A 235 16.98 37.06 -25.31
CA HIS A 235 17.35 37.48 -23.95
C HIS A 235 16.80 36.56 -22.86
N GLY A 236 16.13 35.49 -23.27
CA GLY A 236 15.59 34.53 -22.32
C GLY A 236 14.10 34.69 -22.09
N LEU A 237 13.71 34.68 -20.81
CA LEU A 237 12.32 34.59 -20.41
C LEU A 237 11.85 35.91 -19.79
N ARG A 238 10.99 36.62 -20.52
CA ARG A 238 10.55 37.95 -20.11
C ARG A 238 9.10 37.92 -19.64
N LEU A 239 8.87 38.43 -18.43
CA LEU A 239 7.57 38.35 -17.80
C LEU A 239 6.52 39.18 -18.52
N ARG A 240 5.41 38.53 -18.82
CA ARG A 240 4.23 39.20 -19.32
C ARG A 240 3.18 39.04 -18.22
N LEU A 241 2.65 40.15 -17.75
CA LEU A 241 1.68 40.15 -16.66
C LEU A 241 0.60 41.18 -16.98
N SER A 242 -0.66 40.75 -17.02
CA SER A 242 -1.75 41.63 -17.42
C SER A 242 -2.38 42.29 -16.20
N PRO A 243 -2.76 43.57 -16.33
CA PRO A 243 -3.40 44.26 -15.22
C PRO A 243 -4.80 43.71 -14.97
N ASP A 244 -5.31 42.87 -15.86
CA ASP A 244 -6.65 42.30 -15.73
C ASP A 244 -6.70 41.08 -14.81
N LEU A 245 -5.54 40.65 -14.33
CA LEU A 245 -5.46 39.47 -13.47
C LEU A 245 -6.43 39.51 -12.28
N THR A 246 -6.32 40.54 -11.45
CA THR A 246 -7.15 40.62 -10.25
C THR A 246 -8.65 40.67 -10.58
N ASN A 247 -9.02 41.41 -11.62
CA ASN A 247 -10.43 41.49 -12.02
C ASN A 247 -10.96 40.10 -12.37
N LEU A 248 -10.12 39.32 -13.05
CA LEU A 248 -10.45 37.93 -13.37
C LEU A 248 -10.66 37.10 -12.11
N ILE A 249 -9.79 37.27 -11.13
CA ILE A 249 -9.93 36.58 -9.86
C ILE A 249 -11.22 36.99 -9.19
N GLU A 250 -11.41 38.30 -9.07
CA GLU A 250 -12.58 38.84 -8.38
C GLU A 250 -13.87 38.37 -9.02
N ARG A 251 -13.84 38.19 -10.34
CA ARG A 251 -15.04 37.84 -11.07
C ARG A 251 -15.35 36.34 -11.08
N TYR A 252 -14.32 35.49 -11.01
CA TYR A 252 -14.55 34.06 -11.28
C TYR A 252 -14.14 33.07 -10.18
N LEU A 253 -13.23 33.46 -9.29
CA LEU A 253 -12.70 32.50 -8.32
C LEU A 253 -13.75 31.83 -7.42
N ALA A 254 -14.71 32.61 -6.94
CA ALA A 254 -15.74 32.10 -6.04
C ALA A 254 -16.52 30.93 -6.67
N ASN A 255 -16.75 31.03 -7.97
CA ASN A 255 -17.43 29.98 -8.71
C ASN A 255 -16.58 28.72 -8.82
N ASP A 256 -15.27 28.89 -9.06
CA ASP A 256 -14.34 27.74 -9.08
C ASP A 256 -14.45 26.99 -7.75
N VAL A 257 -14.39 27.73 -6.65
CA VAL A 257 -14.41 27.12 -5.32
C VAL A 257 -15.75 26.44 -5.01
N THR A 258 -16.84 27.18 -5.23
CA THR A 258 -18.17 26.62 -5.00
C THR A 258 -18.43 25.36 -5.81
N THR A 259 -18.08 25.41 -7.09
CA THR A 259 -18.25 24.24 -7.95
C THR A 259 -17.54 23.03 -7.34
N PHE A 260 -16.26 23.20 -6.99
CA PHE A 260 -15.46 22.12 -6.42
C PHE A 260 -15.99 21.63 -5.07
N LEU A 261 -16.19 22.55 -4.15
CA LEU A 261 -16.62 22.17 -2.81
C LEU A 261 -18.03 21.56 -2.84
N ASP A 262 -18.86 22.02 -3.76
CA ASP A 262 -20.22 21.45 -3.88
C ASP A 262 -20.18 19.94 -4.09
N ALA A 263 -19.23 19.50 -4.92
CA ALA A 263 -19.09 18.09 -5.25
C ALA A 263 -18.77 17.24 -4.03
N HIS A 264 -18.29 17.88 -2.97
CA HIS A 264 -17.94 17.17 -1.76
C HIS A 264 -18.90 17.53 -0.64
N ARG A 265 -19.98 18.21 -1.01
CA ARG A 265 -20.96 18.69 -0.05
C ARG A 265 -20.29 19.46 1.08
N LEU A 266 -19.40 20.35 0.69
CA LEU A 266 -18.71 21.24 1.63
C LEU A 266 -18.99 22.67 1.25
N THR A 267 -18.85 23.57 2.21
CA THR A 267 -18.91 24.99 1.95
C THR A 267 -17.55 25.55 2.35
N LYS A 268 -17.26 26.79 1.93
CA LYS A 268 -15.97 27.38 2.27
C LYS A 268 -15.79 27.44 3.78
N ASP A 269 -16.91 27.40 4.51
CA ASP A 269 -16.85 27.45 5.97
C ASP A 269 -16.47 26.10 6.58
N ASP A 270 -16.40 25.06 5.75
CA ASP A 270 -16.00 23.74 6.20
C ASP A 270 -14.47 23.58 6.12
N ILE A 271 -13.81 24.48 5.42
CA ILE A 271 -12.37 24.30 5.30
C ILE A 271 -11.61 24.99 6.43
N GLY A 272 -10.80 24.20 7.13
CA GLY A 272 -10.13 24.67 8.34
C GLY A 272 -8.76 25.27 8.12
N ALA A 273 -8.18 25.02 6.95
CA ALA A 273 -6.90 25.63 6.61
C ALA A 273 -6.81 25.93 5.13
N TRP A 274 -6.59 27.20 4.80
CA TRP A 274 -6.45 27.63 3.42
C TRP A 274 -4.97 27.68 3.09
N VAL A 275 -4.59 27.10 1.95
CA VAL A 275 -3.20 27.12 1.52
C VAL A 275 -3.14 27.74 0.14
N SER A 276 -2.96 29.06 0.09
CA SER A 276 -3.06 29.77 -1.17
C SER A 276 -1.71 30.29 -1.65
N HIS A 277 -1.57 30.32 -2.97
CA HIS A 277 -0.39 30.89 -3.60
C HIS A 277 -0.35 32.40 -3.36
N PRO A 278 0.83 32.92 -3.01
CA PRO A 278 0.99 34.35 -2.71
C PRO A 278 1.45 35.12 -3.94
N GLY A 279 0.57 35.34 -4.90
CA GLY A 279 0.99 36.01 -6.12
C GLY A 279 1.58 37.38 -5.88
N GLY A 280 1.06 38.05 -4.86
CA GLY A 280 1.46 39.41 -4.54
C GLY A 280 0.30 40.00 -3.76
N PRO A 281 0.49 41.20 -3.19
CA PRO A 281 -0.51 41.78 -2.29
C PRO A 281 -1.89 41.97 -2.92
N LYS A 282 -1.96 42.52 -4.13
CA LYS A 282 -3.25 42.73 -4.79
C LYS A 282 -3.97 41.42 -5.07
N VAL A 283 -3.20 40.40 -5.45
CA VAL A 283 -3.76 39.09 -5.73
C VAL A 283 -4.34 38.45 -4.47
N ILE A 284 -3.57 38.46 -3.39
CA ILE A 284 -4.01 37.85 -2.15
C ILE A 284 -5.25 38.57 -1.65
N ASP A 285 -5.24 39.90 -1.75
CA ASP A 285 -6.41 40.71 -1.43
C ASP A 285 -7.62 40.27 -2.24
N ALA A 286 -7.39 40.02 -3.53
CA ALA A 286 -8.46 39.62 -4.44
C ALA A 286 -9.05 38.27 -4.03
N VAL A 287 -8.18 37.36 -3.63
CA VAL A 287 -8.62 36.05 -3.19
C VAL A 287 -9.47 36.16 -1.92
N ALA A 288 -9.01 36.93 -0.95
CA ALA A 288 -9.72 37.07 0.31
C ALA A 288 -11.09 37.72 0.10
N THR A 289 -11.13 38.74 -0.75
CA THR A 289 -12.36 39.47 -1.04
C THR A 289 -13.36 38.60 -1.78
N SER A 290 -12.89 37.93 -2.82
CA SER A 290 -13.72 37.08 -3.68
C SER A 290 -14.39 35.95 -2.92
N LEU A 291 -13.65 35.36 -2.00
CA LEU A 291 -14.14 34.23 -1.23
C LEU A 291 -14.68 34.67 0.12
N ALA A 292 -14.63 35.97 0.38
CA ALA A 292 -15.13 36.54 1.64
C ALA A 292 -14.53 35.81 2.83
N LEU A 293 -13.21 35.64 2.80
CA LEU A 293 -12.52 34.92 3.87
C LEU A 293 -12.35 35.81 5.11
N PRO A 294 -12.27 35.18 6.28
CA PRO A 294 -11.92 35.86 7.54
C PRO A 294 -10.54 36.50 7.41
N PRO A 295 -10.17 37.37 8.35
CA PRO A 295 -8.92 38.10 8.17
C PRO A 295 -7.67 37.23 8.30
N GLU A 296 -7.72 36.19 9.11
CA GLU A 296 -6.55 35.35 9.33
C GLU A 296 -6.49 34.10 8.44
N ALA A 297 -7.46 33.95 7.55
CA ALA A 297 -7.49 32.76 6.69
C ALA A 297 -6.21 32.59 5.89
N LEU A 298 -5.67 33.70 5.40
CA LEU A 298 -4.52 33.64 4.51
C LEU A 298 -3.25 34.14 5.19
N GLU A 299 -3.24 34.11 6.53
CA GLU A 299 -2.12 34.62 7.31
C GLU A 299 -0.79 33.98 6.96
N LEU A 300 -0.79 32.66 6.77
CA LEU A 300 0.46 31.97 6.44
C LEU A 300 0.93 32.30 5.02
N THR A 301 -0.01 32.64 4.14
CA THR A 301 0.36 33.08 2.80
C THR A 301 1.05 34.46 2.84
N TRP A 302 0.48 35.40 3.59
CA TRP A 302 1.09 36.71 3.79
C TRP A 302 2.46 36.56 4.45
N ARG A 303 2.56 35.68 5.44
CA ARG A 303 3.81 35.53 6.18
C ARG A 303 4.91 35.01 5.26
N SER A 304 4.57 34.03 4.41
CA SER A 304 5.53 33.47 3.47
C SER A 304 6.01 34.52 2.45
N LEU A 305 5.07 35.25 1.85
CA LEU A 305 5.42 36.27 0.89
C LEU A 305 6.37 37.26 1.55
N GLY A 306 6.10 37.58 2.81
CA GLY A 306 6.93 38.53 3.53
C GLY A 306 8.33 38.01 3.79
N GLU A 307 8.43 36.73 4.11
CA GLU A 307 9.70 36.13 4.50
C GLU A 307 10.64 35.77 3.35
N ILE A 308 10.07 35.26 2.26
CA ILE A 308 10.89 34.69 1.17
C ILE A 308 10.47 35.18 -0.21
N GLY A 309 9.43 36.00 -0.27
CA GLY A 309 8.91 36.46 -1.55
C GLY A 309 8.07 35.41 -2.27
N ASN A 310 7.86 35.67 -3.56
CA ASN A 310 7.07 34.80 -4.41
C ASN A 310 8.02 33.84 -5.13
N LEU A 311 7.91 32.55 -4.83
CA LEU A 311 8.78 31.55 -5.45
C LEU A 311 8.07 30.80 -6.56
N SER A 312 7.17 31.47 -7.27
CA SER A 312 6.38 30.79 -8.29
C SER A 312 5.80 29.50 -7.71
N SER A 313 5.94 28.40 -8.43
CA SER A 313 5.33 27.12 -8.02
C SER A 313 5.79 26.59 -6.64
N ALA A 314 6.95 26.99 -6.17
CA ALA A 314 7.44 26.49 -4.89
C ALA A 314 6.76 27.13 -3.66
N SER A 315 6.21 28.33 -3.82
CA SER A 315 5.68 29.08 -2.68
C SER A 315 4.55 28.34 -1.98
N ILE A 316 3.61 27.80 -2.75
CA ILE A 316 2.48 27.11 -2.13
C ILE A 316 2.95 25.89 -1.34
N LEU A 317 4.06 25.31 -1.76
CA LEU A 317 4.59 24.15 -1.05
C LEU A 317 5.24 24.56 0.28
N HIS A 318 5.89 25.73 0.29
CA HIS A 318 6.42 26.27 1.53
C HIS A 318 5.28 26.54 2.50
N ILE A 319 4.18 27.09 1.98
CA ILE A 319 3.02 27.42 2.78
C ILE A 319 2.31 26.16 3.28
N LEU A 320 2.33 25.10 2.46
CA LEU A 320 1.77 23.81 2.86
C LEU A 320 2.53 23.27 4.06
N ARG A 321 3.86 23.28 3.97
CA ARG A 321 4.69 22.87 5.10
C ARG A 321 4.40 23.69 6.37
N ASP A 322 4.35 25.02 6.23
CA ASP A 322 4.03 25.88 7.38
C ASP A 322 2.68 25.50 7.99
N THR A 323 1.74 25.14 7.13
CA THR A 323 0.39 24.77 7.56
C THR A 323 0.40 23.45 8.30
N ILE A 324 1.10 22.47 7.74
CA ILE A 324 1.22 21.17 8.37
C ILE A 324 1.82 21.32 9.77
N GLU A 325 2.84 22.18 9.89
CA GLU A 325 3.53 22.38 11.18
C GLU A 325 2.67 23.02 12.26
N LYS A 326 1.71 23.86 11.88
CA LYS A 326 0.77 24.43 12.84
C LYS A 326 -0.20 23.35 13.34
N ARG A 327 -0.09 22.16 12.76
CA ARG A 327 -0.91 20.99 13.13
C ARG A 327 -2.40 21.29 13.19
N PRO A 328 -3.05 21.42 12.02
CA PRO A 328 -4.47 21.78 11.96
C PRO A 328 -5.34 20.71 12.63
N PRO A 329 -6.56 21.08 13.01
CA PRO A 329 -7.48 20.16 13.71
C PRO A 329 -7.62 18.83 12.97
N SER A 330 -7.25 17.74 13.64
CA SER A 330 -7.29 16.42 13.03
C SER A 330 -8.64 16.14 12.38
N GLY A 331 -8.59 15.65 11.15
CA GLY A 331 -9.80 15.30 10.42
C GLY A 331 -10.43 16.43 9.61
N SER A 332 -9.95 17.66 9.82
CA SER A 332 -10.53 18.80 9.13
C SER A 332 -10.01 18.95 7.70
N ALA A 333 -10.68 19.80 6.93
CA ALA A 333 -10.36 19.97 5.52
C ALA A 333 -9.40 21.12 5.27
N GLY A 334 -8.54 20.93 4.29
CA GLY A 334 -7.64 21.98 3.85
C GLY A 334 -7.89 22.21 2.38
N LEU A 335 -7.59 23.40 1.89
CA LEU A 335 -7.76 23.66 0.49
C LEU A 335 -6.56 24.41 -0.07
N MET A 336 -5.87 23.78 -1.03
CA MET A 336 -4.80 24.45 -1.77
C MET A 336 -5.43 25.21 -2.92
N LEU A 337 -4.98 26.45 -3.12
CA LEU A 337 -5.49 27.29 -4.20
C LEU A 337 -4.30 27.94 -4.89
N ALA A 338 -4.15 27.68 -6.19
CA ALA A 338 -3.10 28.33 -6.97
C ALA A 338 -3.63 28.81 -8.32
N MET A 339 -2.87 29.67 -8.96
CA MET A 339 -3.27 30.17 -10.26
C MET A 339 -2.03 30.37 -11.11
N GLY A 340 -2.20 30.42 -12.42
CA GLY A 340 -1.04 30.55 -13.27
C GLY A 340 -1.39 30.68 -14.73
N PRO A 341 -0.35 30.74 -15.59
CA PRO A 341 -0.53 30.92 -17.03
C PRO A 341 -1.52 29.91 -17.58
N GLY A 342 -2.41 30.39 -18.43
CA GLY A 342 -3.50 29.58 -18.93
C GLY A 342 -4.56 30.43 -19.58
N PHE A 343 -5.19 31.32 -18.83
CA PHE A 343 -5.07 31.45 -17.38
C PHE A 343 -5.83 30.33 -16.70
N CYS A 344 -5.35 29.86 -15.55
CA CYS A 344 -6.04 28.79 -14.84
C CYS A 344 -5.91 28.88 -13.32
N THR A 345 -6.84 28.20 -12.62
CA THR A 345 -6.71 27.96 -11.19
C THR A 345 -6.71 26.46 -10.96
N GLU A 346 -6.14 26.04 -9.83
CA GLU A 346 -6.13 24.66 -9.43
C GLU A 346 -6.47 24.64 -7.96
N LEU A 347 -7.39 23.75 -7.60
CA LEU A 347 -7.82 23.58 -6.23
C LEU A 347 -7.49 22.15 -5.87
N VAL A 348 -6.98 21.95 -4.66
CA VAL A 348 -6.73 20.61 -4.16
C VAL A 348 -7.32 20.48 -2.75
N LEU A 349 -8.22 19.53 -2.60
CA LEU A 349 -8.84 19.28 -1.31
C LEU A 349 -8.01 18.33 -0.45
N LEU A 350 -7.71 18.75 0.77
CA LEU A 350 -6.92 17.94 1.69
C LEU A 350 -7.71 17.60 2.94
N ARG A 351 -7.32 16.51 3.59
CA ARG A 351 -7.82 16.20 4.93
C ARG A 351 -6.65 16.04 5.90
N TRP A 352 -6.60 16.90 6.91
CA TRP A 352 -5.45 16.93 7.82
C TRP A 352 -5.45 15.76 8.79
N ARG A 353 -4.25 15.34 9.18
CA ARG A 353 -3.95 14.15 9.99
C ARG A 353 -3.57 12.95 9.12
N SER B 2 6.55 -5.68 5.98
CA SER B 2 6.84 -7.07 6.34
C SER B 2 7.43 -7.80 5.14
N VAL B 3 8.47 -8.59 5.38
CA VAL B 3 9.11 -9.37 4.32
C VAL B 3 9.35 -10.81 4.79
N ILE B 4 9.00 -11.79 3.98
CA ILE B 4 9.26 -13.17 4.37
C ILE B 4 10.75 -13.46 4.29
N ALA B 5 11.29 -14.12 5.32
CA ALA B 5 12.72 -14.43 5.37
C ALA B 5 12.99 -15.93 5.37
N GLY B 6 12.01 -16.72 5.79
CA GLY B 6 12.16 -18.16 5.80
C GLY B 6 10.83 -18.87 5.66
N VAL B 7 10.81 -19.96 4.90
CA VAL B 7 9.65 -20.85 4.81
C VAL B 7 10.13 -22.29 4.80
N PHE B 8 9.50 -23.16 5.57
CA PHE B 8 10.01 -24.52 5.67
C PHE B 8 8.86 -25.49 5.99
N GLY B 9 8.92 -26.67 5.37
CA GLY B 9 7.91 -27.67 5.60
C GLY B 9 8.49 -28.90 6.25
N ALA B 10 7.75 -29.50 7.18
CA ALA B 10 8.18 -30.69 7.88
C ALA B 10 7.08 -31.74 7.79
N LEU B 11 7.48 -32.99 7.64
CA LEU B 11 6.53 -34.07 7.44
C LEU B 11 6.99 -35.26 8.25
N PRO B 12 6.02 -36.03 8.78
CA PRO B 12 6.39 -37.26 9.47
C PRO B 12 7.22 -38.16 8.55
N PRO B 13 8.10 -38.98 9.12
CA PRO B 13 8.93 -39.88 8.30
C PRO B 13 8.13 -40.98 7.57
N HIS B 14 7.11 -41.56 8.20
CA HIS B 14 6.32 -42.61 7.57
C HIS B 14 5.50 -42.06 6.39
N ARG B 15 5.85 -42.43 5.17
CA ARG B 15 5.06 -42.09 4.00
C ARG B 15 4.48 -43.35 3.37
N TYR B 16 3.22 -43.27 2.99
CA TYR B 16 2.53 -44.38 2.36
C TYR B 16 1.95 -43.93 1.03
N SER B 17 1.88 -44.84 0.07
CA SER B 17 1.15 -44.55 -1.15
C SER B 17 -0.34 -44.59 -0.84
N GLN B 18 -1.12 -43.85 -1.62
CA GLN B 18 -2.56 -43.81 -1.43
C GLN B 18 -3.13 -45.24 -1.49
N SER B 19 -2.60 -46.04 -2.40
CA SER B 19 -3.07 -47.39 -2.61
C SER B 19 -2.83 -48.26 -1.36
N GLU B 20 -1.66 -48.12 -0.74
CA GLU B 20 -1.32 -48.80 0.50
C GLU B 20 -2.28 -48.37 1.61
N ILE B 21 -2.52 -47.07 1.72
CA ILE B 21 -3.43 -46.56 2.72
C ILE B 21 -4.82 -47.17 2.53
N THR B 22 -5.34 -47.12 1.32
CA THR B 22 -6.68 -47.61 1.06
C THR B 22 -6.79 -49.11 1.30
N ASP B 23 -5.79 -49.86 0.86
CA ASP B 23 -5.83 -51.31 1.03
C ASP B 23 -5.94 -51.71 2.50
N SER B 24 -5.24 -51.01 3.37
CA SER B 24 -5.29 -51.30 4.81
C SER B 24 -6.59 -50.78 5.42
N PHE B 25 -6.97 -49.58 5.01
CA PHE B 25 -8.13 -48.90 5.58
C PHE B 25 -9.42 -49.70 5.45
N VAL B 26 -9.64 -50.29 4.27
CA VAL B 26 -10.89 -51.00 4.03
C VAL B 26 -10.97 -52.27 4.88
N GLU B 27 -9.86 -52.64 5.50
CA GLU B 27 -9.84 -53.80 6.39
C GLU B 27 -9.89 -53.40 7.87
N PHE B 28 -9.94 -52.10 8.15
CA PHE B 28 -10.07 -51.64 9.53
C PHE B 28 -11.46 -51.99 10.04
N PRO B 29 -11.60 -52.12 11.37
CA PRO B 29 -12.88 -52.49 11.95
C PRO B 29 -14.01 -51.54 11.55
N GLY B 30 -15.08 -52.12 11.09
CA GLY B 30 -16.28 -51.39 10.78
C GLY B 30 -16.35 -50.79 9.40
N LEU B 31 -15.29 -50.98 8.62
CA LEU B 31 -15.22 -50.45 7.29
C LEU B 31 -15.42 -51.42 6.14
N LYS B 32 -15.23 -52.74 6.32
CA LYS B 32 -15.25 -53.61 5.16
C LYS B 32 -16.56 -53.53 4.39
N GLU B 33 -17.64 -53.29 5.08
CA GLU B 33 -18.94 -53.14 4.44
C GLU B 33 -19.02 -51.90 3.55
N HIS B 34 -17.98 -51.07 3.58
CA HIS B 34 -18.01 -49.83 2.82
C HIS B 34 -16.87 -49.75 1.83
N GLU B 35 -16.26 -50.90 1.55
CA GLU B 35 -15.09 -50.97 0.70
C GLU B 35 -15.29 -50.25 -0.62
N GLU B 36 -16.47 -50.42 -1.22
CA GLU B 36 -16.77 -49.84 -2.52
C GLU B 36 -16.63 -48.34 -2.51
N ILE B 37 -17.36 -47.67 -1.61
CA ILE B 37 -17.33 -46.22 -1.58
C ILE B 37 -15.97 -45.70 -1.11
N ILE B 38 -15.35 -46.42 -0.17
CA ILE B 38 -14.00 -46.05 0.25
C ILE B 38 -13.02 -46.04 -0.92
N ARG B 39 -12.98 -47.11 -1.70
CA ARG B 39 -12.05 -47.17 -2.83
C ARG B 39 -12.34 -46.09 -3.87
N ARG B 40 -13.61 -45.84 -4.14
CA ARG B 40 -13.99 -44.81 -5.10
C ARG B 40 -13.53 -43.42 -4.66
N LEU B 41 -13.82 -43.06 -3.41
CA LEU B 41 -13.42 -41.74 -2.91
C LEU B 41 -11.91 -41.60 -2.82
N HIS B 42 -11.24 -42.65 -2.34
CA HIS B 42 -9.78 -42.57 -2.22
C HIS B 42 -9.12 -42.43 -3.59
N ALA B 43 -9.65 -43.13 -4.58
CA ALA B 43 -9.08 -43.08 -5.93
C ALA B 43 -9.35 -41.72 -6.57
N ALA B 44 -10.50 -41.14 -6.28
CA ALA B 44 -10.88 -39.90 -6.94
C ALA B 44 -10.24 -38.66 -6.32
N ALA B 45 -9.39 -38.86 -5.31
CA ALA B 45 -8.86 -37.73 -4.54
C ALA B 45 -7.68 -37.01 -5.20
N LYS B 46 -7.11 -37.62 -6.23
CA LYS B 46 -5.91 -37.09 -6.87
C LYS B 46 -4.77 -36.90 -5.86
N VAL B 47 -4.77 -37.76 -4.87
CA VAL B 47 -3.70 -37.84 -3.88
C VAL B 47 -2.91 -39.13 -4.11
N ASN B 48 -1.60 -39.00 -4.30
CA ASN B 48 -0.77 -40.16 -4.63
C ASN B 48 -0.15 -40.83 -3.42
N GLY B 49 -0.07 -40.08 -2.32
CA GLY B 49 0.52 -40.60 -1.11
C GLY B 49 0.43 -39.55 -0.02
N ARG B 50 0.57 -40.01 1.21
CA ARG B 50 0.50 -39.14 2.38
C ARG B 50 1.46 -39.60 3.45
N HIS B 51 1.89 -38.64 4.27
CA HIS B 51 2.70 -38.92 5.45
C HIS B 51 1.74 -39.03 6.63
N LEU B 52 1.96 -40.05 7.44
CA LEU B 52 1.14 -40.27 8.63
C LEU B 52 2.04 -40.28 9.85
N VAL B 53 1.56 -39.66 10.92
CA VAL B 53 2.34 -39.47 12.13
C VAL B 53 2.49 -40.76 12.92
N LEU B 54 1.53 -41.69 12.77
CA LEU B 54 1.65 -43.04 13.33
C LEU B 54 1.84 -44.07 12.22
N PRO B 55 2.44 -45.23 12.55
CA PRO B 55 2.45 -46.35 11.61
C PRO B 55 1.02 -46.69 11.18
N LEU B 56 0.84 -47.04 9.91
CA LEU B 56 -0.49 -47.30 9.38
C LEU B 56 -1.25 -48.30 10.24
N GLN B 57 -0.53 -49.34 10.70
CA GLN B 57 -1.11 -50.42 11.48
C GLN B 57 -1.69 -49.97 12.82
N GLN B 58 -1.28 -48.82 13.31
CA GLN B 58 -1.67 -48.40 14.65
C GLN B 58 -3.07 -47.80 14.69
N TYR B 59 -3.56 -47.31 13.54
CA TYR B 59 -4.81 -46.56 13.55
C TYR B 59 -6.08 -47.24 14.07
N PRO B 60 -6.28 -48.52 13.73
CA PRO B 60 -7.47 -49.19 14.27
C PRO B 60 -7.53 -49.19 15.80
N SER B 61 -6.38 -49.07 16.47
CA SER B 61 -6.36 -49.03 17.93
C SER B 61 -6.60 -47.63 18.46
N LEU B 62 -6.68 -46.65 17.56
CA LEU B 62 -6.88 -45.25 17.94
C LEU B 62 -8.35 -44.88 17.96
N THR B 63 -9.08 -45.38 18.94
CA THR B 63 -10.51 -45.13 19.03
C THR B 63 -10.88 -44.17 20.14
N ASP B 64 -9.93 -43.84 21.01
CA ASP B 64 -10.20 -42.94 22.12
C ASP B 64 -9.66 -41.53 21.85
N PHE B 65 -10.53 -40.54 21.93
CA PHE B 65 -10.15 -39.16 21.63
C PHE B 65 -9.11 -38.66 22.63
N GLY B 66 -9.20 -39.13 23.87
CA GLY B 66 -8.19 -38.81 24.88
C GLY B 66 -6.80 -39.32 24.50
N ASP B 67 -6.73 -40.58 24.06
CA ASP B 67 -5.47 -41.12 23.59
C ASP B 67 -4.97 -40.29 22.41
N ALA B 68 -5.86 -40.02 21.46
CA ALA B 68 -5.44 -39.34 20.22
C ALA B 68 -4.95 -37.92 20.49
N ASN B 69 -5.66 -37.21 21.35
CA ASN B 69 -5.29 -35.83 21.62
C ASN B 69 -3.98 -35.75 22.39
N GLU B 70 -3.76 -36.68 23.32
CA GLU B 70 -2.46 -36.72 24.02
C GLU B 70 -1.32 -36.94 23.03
N ILE B 71 -1.53 -37.87 22.10
CA ILE B 71 -0.53 -38.15 21.08
C ILE B 71 -0.33 -36.91 20.21
N PHE B 72 -1.43 -36.25 19.87
CA PHE B 72 -1.35 -35.01 19.10
C PHE B 72 -0.41 -33.99 19.75
N ILE B 73 -0.59 -33.76 21.04
CA ILE B 73 0.20 -32.76 21.72
C ILE B 73 1.70 -33.09 21.60
N GLU B 74 2.06 -34.33 21.86
CA GLU B 74 3.46 -34.76 21.79
C GLU B 74 4.04 -34.62 20.36
N LYS B 75 3.33 -35.17 19.38
CA LYS B 75 3.81 -35.22 17.99
C LYS B 75 3.78 -33.85 17.33
N ALA B 76 2.79 -33.05 17.69
CA ALA B 76 2.64 -31.72 17.08
C ALA B 76 3.76 -30.78 17.55
N VAL B 77 4.12 -30.86 18.82
CA VAL B 77 5.20 -30.02 19.30
C VAL B 77 6.50 -30.42 18.59
N ASP B 78 6.75 -31.72 18.47
CA ASP B 78 7.94 -32.20 17.74
C ASP B 78 8.00 -31.65 16.31
N LEU B 79 6.92 -31.83 15.57
CA LEU B 79 6.90 -31.39 14.18
C LEU B 79 6.94 -29.86 14.06
N GLY B 80 6.28 -29.17 14.97
CA GLY B 80 6.28 -27.71 14.98
C GLY B 80 7.67 -27.15 15.21
N VAL B 81 8.42 -27.83 16.09
CA VAL B 81 9.77 -27.42 16.42
C VAL B 81 10.65 -27.64 15.20
N GLU B 82 10.50 -28.79 14.56
CA GLU B 82 11.25 -29.09 13.35
C GLU B 82 11.00 -28.05 12.26
N ALA B 83 9.74 -27.68 12.06
CA ALA B 83 9.41 -26.75 10.98
C ALA B 83 10.00 -25.40 11.28
N LEU B 84 9.89 -24.96 12.53
CA LEU B 84 10.39 -23.63 12.90
C LEU B 84 11.91 -23.56 12.85
N LEU B 85 12.59 -24.61 13.32
CA LEU B 85 14.05 -24.64 13.18
C LEU B 85 14.49 -24.53 11.72
N GLY B 86 13.79 -25.25 10.84
CA GLY B 86 14.08 -25.23 9.42
C GLY B 86 13.86 -23.85 8.85
N ALA B 87 12.75 -23.22 9.19
CA ALA B 87 12.48 -21.86 8.71
C ALA B 87 13.49 -20.84 9.23
N LEU B 88 13.90 -20.99 10.49
CA LEU B 88 14.93 -20.12 11.07
C LEU B 88 16.25 -20.29 10.34
N ASP B 89 16.59 -21.54 10.02
CA ASP B 89 17.81 -21.80 9.26
C ASP B 89 17.75 -21.11 7.89
N ASP B 90 16.62 -21.24 7.21
CA ASP B 90 16.40 -20.60 5.89
C ASP B 90 16.58 -19.09 5.99
N ALA B 91 16.17 -18.51 7.12
CA ALA B 91 16.28 -17.07 7.34
C ALA B 91 17.63 -16.62 7.91
N ASN B 92 18.48 -17.57 8.28
CA ASN B 92 19.73 -17.28 8.98
C ASN B 92 19.45 -16.51 10.27
N LEU B 93 18.43 -16.93 11.01
CA LEU B 93 18.07 -16.31 12.28
C LEU B 93 18.06 -17.36 13.39
N ARG B 94 17.93 -16.90 14.62
CA ARG B 94 17.96 -17.80 15.77
C ARG B 94 16.70 -17.65 16.60
N PRO B 95 16.38 -18.67 17.41
CA PRO B 95 15.18 -18.62 18.25
C PRO B 95 15.08 -17.37 19.09
N SER B 96 16.19 -16.93 19.69
CA SER B 96 16.19 -15.71 20.51
C SER B 96 15.85 -14.43 19.73
N ASP B 97 15.92 -14.47 18.40
CA ASP B 97 15.52 -13.33 17.58
C ASP B 97 14.00 -13.12 17.52
N ILE B 98 13.24 -14.16 17.82
CA ILE B 98 11.79 -14.11 17.64
C ILE B 98 11.06 -13.22 18.66
N ASP B 99 10.24 -12.30 18.17
CA ASP B 99 9.49 -11.39 19.04
C ASP B 99 8.04 -11.80 19.20
N MET B 100 7.54 -12.60 18.27
CA MET B 100 6.13 -13.00 18.27
C MET B 100 6.02 -14.34 17.57
N ILE B 101 5.32 -15.28 18.21
CA ILE B 101 5.03 -16.56 17.59
C ILE B 101 3.52 -16.76 17.54
N ALA B 102 3.02 -17.04 16.34
CA ALA B 102 1.64 -17.44 16.15
C ALA B 102 1.64 -18.93 15.80
N THR B 103 0.69 -19.68 16.35
CA THR B 103 0.55 -21.06 15.93
C THR B 103 -0.85 -21.33 15.43
N ALA B 104 -0.96 -22.23 14.46
CA ALA B 104 -2.24 -22.56 13.88
C ALA B 104 -2.41 -24.05 13.86
N THR B 105 -3.55 -24.52 14.37
CA THR B 105 -3.95 -25.89 14.20
C THR B 105 -5.46 -25.93 14.31
N VAL B 106 -6.05 -26.97 13.75
CA VAL B 106 -7.45 -27.26 14.00
C VAL B 106 -7.63 -28.74 14.38
N THR B 107 -6.52 -29.46 14.49
CA THR B 107 -6.60 -30.93 14.61
C THR B 107 -6.33 -31.49 16.00
N GLY B 108 -6.09 -30.60 16.95
CA GLY B 108 -5.95 -31.00 18.34
C GLY B 108 -6.15 -29.85 19.30
N VAL B 109 -6.32 -30.17 20.57
CA VAL B 109 -6.72 -29.19 21.55
C VAL B 109 -5.69 -29.14 22.66
N ALA B 110 -4.95 -28.04 22.73
CA ALA B 110 -3.84 -27.96 23.66
C ALA B 110 -3.94 -26.72 24.54
N VAL B 111 -4.06 -26.93 25.84
CA VAL B 111 -3.96 -25.84 26.81
C VAL B 111 -3.07 -26.33 27.94
N PRO B 112 -1.88 -25.73 28.10
CA PRO B 112 -1.35 -24.59 27.33
C PRO B 112 -1.14 -24.88 25.86
N SER B 113 -1.06 -23.81 25.09
CA SER B 113 -1.10 -23.87 23.64
C SER B 113 0.20 -24.41 23.07
N LEU B 114 0.15 -24.78 21.80
CA LEU B 114 1.34 -25.24 21.08
C LEU B 114 2.45 -24.18 21.07
N ASP B 115 2.10 -22.90 20.97
CA ASP B 115 3.14 -21.88 20.98
C ASP B 115 3.89 -21.83 22.30
N ALA B 116 3.20 -22.08 23.41
CA ALA B 116 3.90 -22.13 24.70
C ALA B 116 4.88 -23.30 24.73
N ARG B 117 4.46 -24.42 24.18
CA ARG B 117 5.26 -25.63 24.21
C ARG B 117 6.47 -25.49 23.28
N ILE B 118 6.23 -24.93 22.09
CA ILE B 118 7.33 -24.72 21.15
C ILE B 118 8.33 -23.69 21.70
N ALA B 119 7.81 -22.62 22.28
CA ALA B 119 8.68 -21.63 22.89
C ALA B 119 9.59 -22.27 23.93
N GLY B 120 9.03 -23.16 24.75
CA GLY B 120 9.83 -23.83 25.76
C GLY B 120 10.89 -24.74 25.15
N ARG B 121 10.50 -25.52 24.15
CA ARG B 121 11.44 -26.45 23.50
C ARG B 121 12.63 -25.73 22.83
N LEU B 122 12.34 -24.62 22.17
CA LEU B 122 13.38 -23.93 21.39
C LEU B 122 14.05 -22.77 22.14
N GLY B 123 13.66 -22.58 23.39
CA GLY B 123 14.24 -21.55 24.23
C GLY B 123 13.98 -20.13 23.74
N LEU B 124 12.77 -19.87 23.25
CA LEU B 124 12.43 -18.49 22.87
C LEU B 124 12.47 -17.59 24.11
N ARG B 125 12.67 -16.30 23.91
CA ARG B 125 12.70 -15.38 25.04
C ARG B 125 11.42 -15.50 25.87
N PRO B 126 11.55 -15.41 27.19
CA PRO B 126 10.35 -15.51 28.03
C PRO B 126 9.31 -14.43 27.73
N ASP B 127 9.72 -13.31 27.13
CA ASP B 127 8.78 -12.24 26.81
C ASP B 127 8.21 -12.31 25.39
N VAL B 128 8.45 -13.42 24.69
CA VAL B 128 7.91 -13.53 23.33
C VAL B 128 6.38 -13.40 23.34
N ARG B 129 5.83 -12.67 22.39
CA ARG B 129 4.39 -12.50 22.28
C ARG B 129 3.81 -13.76 21.65
N ARG B 130 2.70 -14.29 22.21
CA ARG B 130 2.12 -15.55 21.72
C ARG B 130 0.74 -15.34 21.13
N MET B 131 0.47 -16.00 20.00
CA MET B 131 -0.83 -15.88 19.33
C MET B 131 -1.33 -17.25 18.87
N PRO B 132 -1.94 -18.00 19.78
CA PRO B 132 -2.47 -19.32 19.43
C PRO B 132 -3.80 -19.25 18.69
N LEU B 133 -3.72 -19.41 17.36
CA LEU B 133 -4.90 -19.36 16.50
C LEU B 133 -5.53 -20.73 16.33
N PHE B 134 -6.66 -20.94 16.98
CA PHE B 134 -7.38 -22.20 16.82
C PHE B 134 -8.73 -21.96 16.16
N GLY B 135 -9.08 -22.78 15.17
CA GLY B 135 -10.41 -22.76 14.64
C GLY B 135 -10.56 -22.06 13.31
N LEU B 136 -9.43 -21.63 12.75
CA LEU B 136 -9.46 -21.03 11.44
C LEU B 136 -9.43 -22.12 10.39
N GLY B 137 -9.00 -23.31 10.78
CA GLY B 137 -8.93 -24.40 9.82
C GLY B 137 -8.02 -24.14 8.62
N CYS B 138 -8.50 -24.52 7.44
CA CYS B 138 -7.69 -24.48 6.23
C CYS B 138 -7.34 -23.08 5.77
N VAL B 139 -7.93 -22.08 6.41
CA VAL B 139 -7.60 -20.71 6.00
C VAL B 139 -6.35 -20.18 6.73
N ALA B 140 -5.90 -20.89 7.76
CA ALA B 140 -4.91 -20.37 8.71
C ALA B 140 -3.50 -20.17 8.16
N GLY B 141 -3.15 -20.89 7.09
CA GLY B 141 -1.88 -20.67 6.43
C GLY B 141 -1.82 -19.27 5.87
N ALA B 142 -2.88 -18.89 5.15
CA ALA B 142 -2.95 -17.56 4.55
C ALA B 142 -3.22 -16.51 5.60
N ALA B 143 -4.21 -16.74 6.46
CA ALA B 143 -4.56 -15.79 7.50
C ALA B 143 -3.40 -15.57 8.47
N GLY B 144 -2.62 -16.62 8.70
CA GLY B 144 -1.48 -16.54 9.59
C GLY B 144 -0.45 -15.57 9.06
N VAL B 145 -0.17 -15.65 7.76
CA VAL B 145 0.79 -14.73 7.13
C VAL B 145 0.24 -13.31 7.25
N ALA B 146 -1.08 -13.18 7.06
CA ALA B 146 -1.73 -11.87 7.19
C ALA B 146 -1.58 -11.29 8.59
N ARG B 147 -1.73 -12.14 9.61
CA ARG B 147 -1.56 -11.70 10.98
C ARG B 147 -0.11 -11.29 11.26
N LEU B 148 0.84 -12.00 10.67
CA LEU B 148 2.24 -11.61 10.82
C LEU B 148 2.46 -10.20 10.28
N ARG B 149 1.90 -9.93 9.11
CA ARG B 149 2.05 -8.62 8.50
C ARG B 149 1.47 -7.55 9.39
N ASP B 150 0.26 -7.79 9.88
CA ASP B 150 -0.41 -6.84 10.77
C ASP B 150 0.43 -6.54 12.00
N TYR B 151 1.04 -7.56 12.57
CA TYR B 151 1.92 -7.36 13.71
C TYR B 151 3.14 -6.53 13.30
N LEU B 152 3.78 -6.91 12.19
CA LEU B 152 5.06 -6.30 11.84
C LEU B 152 4.87 -4.88 11.31
N ARG B 153 3.65 -4.55 10.94
CA ARG B 153 3.28 -3.21 10.55
C ARG B 153 3.40 -2.25 11.72
N GLY B 154 3.00 -2.70 12.91
CA GLY B 154 3.13 -1.92 14.12
C GLY B 154 4.48 -2.07 14.82
N ALA B 155 5.24 -3.06 14.40
CA ALA B 155 6.54 -3.35 15.00
C ALA B 155 7.56 -3.65 13.89
N PRO B 156 7.94 -2.60 13.14
CA PRO B 156 8.73 -2.80 11.92
C PRO B 156 10.20 -3.18 12.16
N ASP B 157 10.66 -3.22 13.41
CA ASP B 157 12.00 -3.73 13.71
C ASP B 157 12.00 -5.19 14.15
N ASP B 158 10.83 -5.81 14.17
CA ASP B 158 10.70 -7.13 14.80
C ASP B 158 10.81 -8.33 13.88
N VAL B 159 10.84 -9.50 14.51
CA VAL B 159 10.81 -10.77 13.82
C VAL B 159 9.60 -11.55 14.33
N ALA B 160 8.76 -12.04 13.43
CA ALA B 160 7.58 -12.78 13.83
C ALA B 160 7.48 -14.07 13.03
N VAL B 161 6.96 -15.12 13.67
CA VAL B 161 6.93 -16.43 13.02
C VAL B 161 5.55 -17.04 13.10
N LEU B 162 5.19 -17.84 12.11
CA LEU B 162 3.95 -18.60 12.12
C LEU B 162 4.33 -20.06 12.03
N VAL B 163 3.75 -20.89 12.91
CA VAL B 163 3.93 -22.33 12.83
C VAL B 163 2.58 -23.01 12.67
N SER B 164 2.43 -23.76 11.59
CA SER B 164 1.19 -24.49 11.35
C SER B 164 1.52 -25.96 11.55
N VAL B 165 0.70 -26.66 12.34
CA VAL B 165 0.86 -28.09 12.52
C VAL B 165 -0.51 -28.73 12.44
N GLU B 166 -0.68 -29.65 11.50
CA GLU B 166 -1.96 -30.32 11.35
C GLU B 166 -1.77 -31.82 11.24
N LEU B 167 -2.27 -32.56 12.22
CA LEU B 167 -2.13 -34.00 12.23
C LEU B 167 -3.52 -34.58 12.02
N CYS B 168 -4.02 -34.43 10.80
CA CYS B 168 -5.38 -34.84 10.47
C CYS B 168 -5.68 -36.29 10.81
N SER B 169 -4.70 -37.17 10.63
CA SER B 169 -4.90 -38.60 10.87
C SER B 169 -5.27 -38.89 12.32
N LEU B 170 -4.86 -38.02 13.24
CA LEU B 170 -5.13 -38.29 14.65
C LEU B 170 -6.58 -38.01 15.03
N THR B 171 -7.37 -37.46 14.09
CA THR B 171 -8.79 -37.30 14.34
C THR B 171 -9.56 -38.60 14.10
N TYR B 172 -8.82 -39.66 13.77
CA TYR B 172 -9.41 -40.98 13.52
C TYR B 172 -10.52 -41.45 14.48
N PRO B 173 -10.37 -41.20 15.80
CA PRO B 173 -11.41 -41.67 16.73
C PRO B 173 -12.82 -41.19 16.35
N ALA B 174 -12.90 -40.06 15.66
CA ALA B 174 -14.19 -39.47 15.30
C ALA B 174 -14.70 -39.92 13.93
N VAL B 175 -13.89 -40.69 13.22
CA VAL B 175 -14.25 -41.11 11.87
C VAL B 175 -15.38 -42.14 11.85
N LYS B 176 -16.34 -41.89 10.97
CA LYS B 176 -17.49 -42.78 10.76
C LYS B 176 -17.60 -43.06 9.27
N PRO B 177 -18.33 -44.14 8.90
CA PRO B 177 -18.52 -44.51 7.48
C PRO B 177 -19.59 -43.66 6.81
N THR B 178 -19.47 -42.34 6.93
CA THR B 178 -20.37 -41.41 6.26
C THR B 178 -19.65 -40.73 5.10
N VAL B 179 -20.39 -40.11 4.19
CA VAL B 179 -19.76 -39.52 3.02
C VAL B 179 -18.75 -38.44 3.39
N SER B 180 -19.12 -37.56 4.31
CA SER B 180 -18.24 -36.45 4.67
C SER B 180 -16.97 -36.96 5.33
N SER B 181 -17.12 -37.91 6.24
CA SER B 181 -15.97 -38.48 6.94
C SER B 181 -15.05 -39.24 6.00
N LEU B 182 -15.65 -40.02 5.11
CA LEU B 182 -14.87 -40.83 4.18
C LEU B 182 -14.13 -39.95 3.18
N VAL B 183 -14.77 -38.86 2.72
CA VAL B 183 -14.07 -37.87 1.91
C VAL B 183 -12.81 -37.41 2.64
N GLY B 184 -12.94 -37.20 3.95
CA GLY B 184 -11.81 -36.79 4.77
C GLY B 184 -10.68 -37.81 4.76
N THR B 185 -11.03 -39.09 4.88
CA THR B 185 -10.02 -40.13 4.88
C THR B 185 -9.33 -40.24 3.54
N ALA B 186 -9.97 -39.70 2.50
CA ALA B 186 -9.39 -39.75 1.17
C ALA B 186 -8.33 -38.68 0.95
N LEU B 187 -8.50 -37.53 1.61
CA LEU B 187 -7.76 -36.32 1.25
C LEU B 187 -6.67 -35.91 2.24
N PHE B 188 -6.94 -36.02 3.53
CA PHE B 188 -6.12 -35.32 4.51
C PHE B 188 -4.90 -36.11 4.98
N GLY B 189 -3.76 -35.43 5.10
CA GLY B 189 -2.54 -36.05 5.58
C GLY B 189 -1.98 -35.26 6.76
N ASP B 190 -0.77 -35.63 7.19
CA ASP B 190 -0.14 -35.01 8.35
C ASP B 190 1.09 -34.21 7.94
N GLY B 191 1.34 -33.10 8.62
CA GLY B 191 2.51 -32.29 8.31
C GLY B 191 2.53 -30.97 9.05
N ALA B 192 3.60 -30.21 8.86
CA ALA B 192 3.73 -28.91 9.49
C ALA B 192 4.47 -27.95 8.56
N ALA B 193 4.39 -26.66 8.87
CA ALA B 193 5.15 -25.65 8.12
C ALA B 193 5.38 -24.44 9.01
N ALA B 194 6.39 -23.65 8.66
CA ALA B 194 6.70 -22.46 9.42
C ALA B 194 7.07 -21.37 8.47
N VAL B 195 6.68 -20.13 8.79
CA VAL B 195 7.10 -18.94 8.08
C VAL B 195 7.80 -18.02 9.07
N VAL B 196 8.95 -17.49 8.69
CA VAL B 196 9.63 -16.46 9.47
C VAL B 196 9.54 -15.18 8.67
N ALA B 197 9.00 -14.12 9.27
CA ALA B 197 8.92 -12.82 8.57
C ALA B 197 9.53 -11.73 9.45
N VAL B 198 10.01 -10.67 8.81
CA VAL B 198 10.63 -9.58 9.54
C VAL B 198 10.03 -8.23 9.12
N GLY B 199 10.11 -7.26 10.02
CA GLY B 199 9.57 -5.93 9.75
C GLY B 199 10.40 -5.21 8.68
N ASP B 200 9.81 -4.18 8.10
CA ASP B 200 10.45 -3.46 6.99
C ASP B 200 11.80 -2.88 7.39
N ARG B 201 11.91 -2.42 8.63
CA ARG B 201 13.17 -1.83 9.11
C ARG B 201 14.24 -2.87 9.41
N ARG B 202 13.83 -4.13 9.43
CA ARG B 202 14.71 -5.22 9.81
C ARG B 202 15.15 -6.00 8.57
N ALA B 203 14.43 -5.85 7.46
CA ALA B 203 14.63 -6.70 6.30
C ALA B 203 16.03 -6.61 5.71
N GLU B 204 16.58 -5.39 5.65
CA GLU B 204 17.87 -5.19 5.01
C GLU B 204 19.01 -5.81 5.83
N GLN B 205 18.97 -5.62 7.14
CA GLN B 205 19.96 -6.15 8.04
C GLN B 205 20.04 -7.69 7.97
N VAL B 206 18.88 -8.33 7.89
CA VAL B 206 18.83 -9.80 7.86
C VAL B 206 18.92 -10.38 6.45
N ARG B 207 18.99 -9.52 5.44
CA ARG B 207 19.04 -9.96 4.04
C ARG B 207 17.81 -10.79 3.70
N ALA B 208 16.64 -10.33 4.13
CA ALA B 208 15.42 -11.12 3.94
C ALA B 208 15.18 -11.47 2.47
N GLY B 209 15.06 -12.76 2.20
CA GLY B 209 14.92 -13.27 0.85
C GLY B 209 13.58 -13.03 0.16
N GLY B 210 12.59 -12.53 0.88
CA GLY B 210 11.28 -12.24 0.28
C GLY B 210 10.44 -13.50 0.20
N PRO B 211 9.22 -13.39 -0.36
CA PRO B 211 8.58 -12.20 -0.93
C PRO B 211 8.16 -11.17 0.11
N ASP B 212 7.90 -9.95 -0.35
CA ASP B 212 7.28 -8.93 0.50
C ASP B 212 5.83 -9.33 0.76
N ILE B 213 5.33 -9.10 1.96
CA ILE B 213 3.91 -9.27 2.24
C ILE B 213 3.25 -7.90 2.13
N LEU B 214 2.42 -7.70 1.11
CA LEU B 214 1.87 -6.36 0.81
C LEU B 214 0.53 -6.05 1.49
N ASP B 215 -0.37 -7.02 1.48
CA ASP B 215 -1.74 -6.77 1.91
C ASP B 215 -2.47 -8.10 2.04
N SER B 216 -3.66 -8.03 2.63
CA SER B 216 -4.53 -9.19 2.77
C SER B 216 -5.98 -8.76 2.76
N ARG B 217 -6.86 -9.70 2.43
CA ARG B 217 -8.29 -9.46 2.57
C ARG B 217 -9.03 -10.73 2.98
N SER B 218 -9.79 -10.61 4.07
CA SER B 218 -10.68 -11.66 4.54
C SER B 218 -12.04 -11.50 3.86
N SER B 219 -12.74 -12.60 3.64
CA SER B 219 -14.12 -12.54 3.16
C SER B 219 -14.96 -13.62 3.87
N LEU B 220 -15.73 -13.19 4.85
CA LEU B 220 -16.60 -14.09 5.63
C LEU B 220 -17.97 -14.08 4.97
N TYR B 221 -18.42 -15.24 4.50
CA TYR B 221 -19.69 -15.30 3.77
C TYR B 221 -20.86 -15.34 4.76
N PRO B 222 -21.89 -14.49 4.54
CA PRO B 222 -23.04 -14.53 5.45
C PRO B 222 -23.75 -15.87 5.43
N ASP B 223 -24.29 -16.28 6.58
CA ASP B 223 -25.10 -17.48 6.71
C ASP B 223 -24.46 -18.75 6.12
N SER B 224 -23.20 -19.00 6.45
CA SER B 224 -22.47 -20.12 5.87
C SER B 224 -21.73 -20.94 6.91
N LEU B 225 -22.20 -20.89 8.16
CA LEU B 225 -21.54 -21.67 9.21
C LEU B 225 -21.53 -23.16 8.88
N HIS B 226 -22.54 -23.60 8.13
CA HIS B 226 -22.73 -25.01 7.85
C HIS B 226 -21.79 -25.56 6.78
N ILE B 227 -21.09 -24.69 6.07
CA ILE B 227 -20.30 -25.17 4.94
C ILE B 227 -19.17 -26.11 5.33
N MET B 228 -18.50 -25.81 6.44
CA MET B 228 -17.32 -26.57 6.84
C MET B 228 -17.07 -26.37 8.33
N GLY B 229 -16.75 -27.42 9.06
CA GLY B 229 -16.43 -27.26 10.47
C GLY B 229 -16.23 -28.58 11.21
N TRP B 230 -16.17 -28.53 12.54
CA TRP B 230 -16.11 -29.74 13.37
C TRP B 230 -17.42 -29.94 14.10
N ASP B 231 -17.85 -31.19 14.18
CA ASP B 231 -18.83 -31.64 15.18
C ASP B 231 -18.02 -32.19 16.34
N VAL B 232 -18.04 -31.52 17.49
CA VAL B 232 -17.17 -31.86 18.60
C VAL B 232 -17.93 -32.67 19.66
N GLY B 233 -17.35 -33.78 20.10
CA GLY B 233 -18.00 -34.59 21.11
C GLY B 233 -17.09 -35.62 21.72
N SER B 234 -17.70 -36.59 22.38
CA SER B 234 -16.98 -37.64 23.09
C SER B 234 -15.99 -38.36 22.18
N HIS B 235 -16.30 -38.42 20.88
CA HIS B 235 -15.42 -39.10 19.93
C HIS B 235 -14.35 -38.20 19.31
N GLY B 236 -14.36 -36.93 19.69
CA GLY B 236 -13.33 -36.03 19.22
C GLY B 236 -13.86 -35.06 18.20
N LEU B 237 -13.12 -34.90 17.10
CA LEU B 237 -13.38 -33.86 16.14
C LEU B 237 -13.86 -34.49 14.84
N ARG B 238 -15.17 -34.44 14.62
CA ARG B 238 -15.79 -35.08 13.47
C ARG B 238 -16.04 -34.08 12.35
N LEU B 239 -15.55 -34.40 11.16
CA LEU B 239 -15.62 -33.47 10.05
C LEU B 239 -17.06 -33.22 9.58
N ARG B 240 -17.39 -31.95 9.41
CA ARG B 240 -18.58 -31.57 8.68
C ARG B 240 -18.10 -30.91 7.41
N LEU B 241 -18.62 -31.38 6.28
CA LEU B 241 -18.27 -30.81 5.00
C LEU B 241 -19.50 -30.83 4.10
N SER B 242 -19.99 -29.64 3.76
CA SER B 242 -21.21 -29.52 2.97
C SER B 242 -20.95 -29.67 1.48
N PRO B 243 -21.90 -30.27 0.76
CA PRO B 243 -21.81 -30.43 -0.71
C PRO B 243 -21.97 -29.11 -1.44
N ASP B 244 -22.30 -28.04 -0.72
CA ASP B 244 -22.52 -26.74 -1.37
C ASP B 244 -21.23 -25.92 -1.44
N LEU B 245 -20.13 -26.49 -0.96
CA LEU B 245 -18.87 -25.76 -0.91
C LEU B 245 -18.43 -25.30 -2.30
N THR B 246 -18.39 -26.22 -3.26
CA THR B 246 -17.89 -25.84 -4.57
C THR B 246 -18.80 -24.82 -5.26
N ASN B 247 -20.11 -24.96 -5.08
CA ASN B 247 -21.01 -23.98 -5.67
C ASN B 247 -20.86 -22.59 -5.05
N LEU B 248 -20.50 -22.54 -3.76
CA LEU B 248 -20.18 -21.27 -3.12
C LEU B 248 -18.99 -20.61 -3.78
N ILE B 249 -17.93 -21.39 -3.98
CA ILE B 249 -16.72 -20.87 -4.62
C ILE B 249 -17.04 -20.39 -6.02
N GLU B 250 -17.76 -21.21 -6.78
CA GLU B 250 -18.04 -20.88 -8.17
C GLU B 250 -18.84 -19.59 -8.29
N ARG B 251 -19.70 -19.31 -7.30
CA ARG B 251 -20.53 -18.13 -7.36
C ARG B 251 -19.84 -16.86 -6.84
N TYR B 252 -18.95 -17.00 -5.86
CA TYR B 252 -18.48 -15.84 -5.11
C TYR B 252 -16.97 -15.56 -5.12
N LEU B 253 -16.15 -16.54 -5.47
CA LEU B 253 -14.71 -16.36 -5.38
C LEU B 253 -14.21 -15.24 -6.26
N ALA B 254 -14.77 -15.12 -7.47
CA ALA B 254 -14.28 -14.12 -8.41
C ALA B 254 -14.46 -12.71 -7.85
N ASN B 255 -15.59 -12.46 -7.19
CA ASN B 255 -15.80 -11.18 -6.56
C ASN B 255 -14.80 -10.91 -5.43
N ASP B 256 -14.49 -11.94 -4.64
CA ASP B 256 -13.49 -11.80 -3.56
C ASP B 256 -12.18 -11.30 -4.18
N VAL B 257 -11.79 -11.93 -5.27
CA VAL B 257 -10.49 -11.66 -5.89
C VAL B 257 -10.50 -10.29 -6.58
N THR B 258 -11.56 -9.98 -7.30
CA THR B 258 -11.68 -8.71 -7.99
C THR B 258 -11.68 -7.54 -7.02
N THR B 259 -12.44 -7.68 -5.95
CA THR B 259 -12.51 -6.64 -4.93
C THR B 259 -11.13 -6.36 -4.34
N PHE B 260 -10.40 -7.42 -3.99
CA PHE B 260 -9.06 -7.26 -3.44
C PHE B 260 -8.10 -6.62 -4.44
N LEU B 261 -8.02 -7.19 -5.64
CA LEU B 261 -7.05 -6.74 -6.62
C LEU B 261 -7.39 -5.34 -7.15
N ASP B 262 -8.67 -5.01 -7.22
CA ASP B 262 -9.04 -3.65 -7.62
C ASP B 262 -8.47 -2.62 -6.67
N ALA B 263 -8.36 -3.00 -5.40
CA ALA B 263 -7.81 -2.10 -4.40
C ALA B 263 -6.33 -1.81 -4.65
N HIS B 264 -5.71 -2.63 -5.49
CA HIS B 264 -4.31 -2.43 -5.87
C HIS B 264 -4.20 -2.09 -7.34
N ARG B 265 -5.34 -1.82 -7.98
CA ARG B 265 -5.43 -1.63 -9.44
C ARG B 265 -4.65 -2.70 -10.20
N LEU B 266 -4.91 -3.96 -9.85
CA LEU B 266 -4.33 -5.12 -10.51
C LEU B 266 -5.44 -5.98 -11.10
N THR B 267 -5.11 -6.73 -12.14
CA THR B 267 -6.03 -7.71 -12.72
C THR B 267 -5.44 -9.08 -12.45
N LYS B 268 -6.22 -10.13 -12.66
CA LYS B 268 -5.70 -11.47 -12.50
C LYS B 268 -4.49 -11.72 -13.39
N ASP B 269 -4.45 -11.09 -14.57
CA ASP B 269 -3.30 -11.25 -15.46
C ASP B 269 -2.01 -10.71 -14.86
N ASP B 270 -2.14 -9.83 -13.88
CA ASP B 270 -0.97 -9.25 -13.24
C ASP B 270 -0.35 -10.20 -12.23
N ILE B 271 -1.03 -11.29 -11.91
CA ILE B 271 -0.50 -12.24 -10.94
C ILE B 271 0.56 -13.15 -11.54
N GLY B 272 1.78 -13.04 -11.03
CA GLY B 272 2.91 -13.82 -11.49
C GLY B 272 2.89 -15.26 -10.99
N ALA B 273 2.33 -15.47 -9.81
CA ALA B 273 2.21 -16.81 -9.27
C ALA B 273 1.04 -16.94 -8.31
N TRP B 274 0.23 -17.97 -8.53
CA TRP B 274 -0.90 -18.26 -7.65
C TRP B 274 -0.48 -19.29 -6.62
N VAL B 275 -0.83 -19.04 -5.35
CA VAL B 275 -0.46 -19.94 -4.27
C VAL B 275 -1.76 -20.40 -3.59
N SER B 276 -2.40 -21.42 -4.15
CA SER B 276 -3.75 -21.77 -3.72
C SER B 276 -3.82 -23.00 -2.83
N HIS B 277 -4.67 -22.93 -1.82
CA HIS B 277 -4.94 -24.10 -0.97
C HIS B 277 -5.53 -25.22 -1.80
N PRO B 278 -5.03 -26.44 -1.61
CA PRO B 278 -5.50 -27.63 -2.34
C PRO B 278 -6.60 -28.34 -1.57
N GLY B 279 -7.78 -27.76 -1.53
CA GLY B 279 -8.87 -28.35 -0.77
C GLY B 279 -9.15 -29.77 -1.21
N GLY B 280 -9.21 -29.98 -2.53
CA GLY B 280 -9.52 -31.26 -3.11
C GLY B 280 -9.69 -31.00 -4.60
N PRO B 281 -9.76 -32.07 -5.40
CA PRO B 281 -9.84 -31.88 -6.87
C PRO B 281 -11.02 -31.00 -7.28
N LYS B 282 -12.19 -31.22 -6.67
CA LYS B 282 -13.37 -30.45 -7.04
C LYS B 282 -13.23 -28.97 -6.67
N VAL B 283 -12.57 -28.70 -5.55
CA VAL B 283 -12.32 -27.33 -5.12
C VAL B 283 -11.30 -26.65 -6.03
N ILE B 284 -10.18 -27.32 -6.30
CA ILE B 284 -9.19 -26.75 -7.19
C ILE B 284 -9.81 -26.45 -8.55
N ASP B 285 -10.60 -27.39 -9.07
CA ASP B 285 -11.31 -27.15 -10.34
C ASP B 285 -12.18 -25.90 -10.26
N ALA B 286 -12.85 -25.72 -9.13
CA ALA B 286 -13.77 -24.60 -8.94
C ALA B 286 -13.02 -23.29 -8.93
N VAL B 287 -11.84 -23.29 -8.32
CA VAL B 287 -10.99 -22.11 -8.34
C VAL B 287 -10.53 -21.75 -9.76
N ALA B 288 -10.01 -22.72 -10.51
CA ALA B 288 -9.53 -22.46 -11.85
C ALA B 288 -10.68 -21.94 -12.73
N THR B 289 -11.84 -22.56 -12.59
CA THR B 289 -13.01 -22.19 -13.37
C THR B 289 -13.52 -20.79 -13.04
N SER B 290 -13.70 -20.53 -11.75
CA SER B 290 -14.14 -19.22 -11.24
C SER B 290 -13.26 -18.07 -11.68
N LEU B 291 -11.95 -18.31 -11.68
CA LEU B 291 -11.00 -17.25 -11.94
C LEU B 291 -10.50 -17.33 -13.38
N ALA B 292 -10.97 -18.34 -14.10
CA ALA B 292 -10.55 -18.60 -15.47
C ALA B 292 -9.03 -18.62 -15.62
N LEU B 293 -8.37 -19.41 -14.77
CA LEU B 293 -6.93 -19.60 -14.84
C LEU B 293 -6.55 -20.76 -15.74
N PRO B 294 -5.42 -20.63 -16.45
CA PRO B 294 -4.87 -21.70 -17.28
C PRO B 294 -4.28 -22.82 -16.42
N PRO B 295 -4.18 -24.03 -16.97
CA PRO B 295 -3.75 -25.22 -16.21
C PRO B 295 -2.42 -25.03 -15.48
N GLU B 296 -1.51 -24.23 -16.02
CA GLU B 296 -0.21 -24.04 -15.40
C GLU B 296 -0.28 -23.23 -14.10
N ALA B 297 -1.31 -22.40 -13.98
CA ALA B 297 -1.41 -21.46 -12.86
C ALA B 297 -1.43 -22.19 -11.53
N LEU B 298 -2.15 -23.31 -11.49
CA LEU B 298 -2.32 -24.06 -10.24
C LEU B 298 -1.51 -25.34 -10.22
N GLU B 299 -0.52 -25.46 -11.11
CA GLU B 299 0.25 -26.71 -11.19
C GLU B 299 0.89 -27.10 -9.85
N LEU B 300 1.45 -26.14 -9.14
CA LEU B 300 2.13 -26.47 -7.90
C LEU B 300 1.15 -26.91 -6.82
N THR B 301 -0.06 -26.38 -6.87
CA THR B 301 -1.10 -26.79 -5.94
C THR B 301 -1.50 -28.23 -6.19
N TRP B 302 -1.69 -28.59 -7.47
CA TRP B 302 -2.01 -29.97 -7.82
C TRP B 302 -0.88 -30.90 -7.44
N ARG B 303 0.36 -30.47 -7.69
CA ARG B 303 1.50 -31.31 -7.38
C ARG B 303 1.59 -31.58 -5.89
N SER B 304 1.29 -30.55 -5.09
CA SER B 304 1.38 -30.69 -3.65
C SER B 304 0.32 -31.66 -3.14
N LEU B 305 -0.91 -31.49 -3.65
CA LEU B 305 -2.00 -32.38 -3.28
C LEU B 305 -1.63 -33.82 -3.61
N GLY B 306 -1.02 -34.01 -4.78
CA GLY B 306 -0.61 -35.34 -5.20
C GLY B 306 0.43 -35.94 -4.26
N GLU B 307 1.41 -35.13 -3.90
CA GLU B 307 2.59 -35.64 -3.18
C GLU B 307 2.34 -35.90 -1.70
N ILE B 308 1.58 -35.02 -1.06
CA ILE B 308 1.45 -35.09 0.39
C ILE B 308 0.00 -35.02 0.90
N GLY B 309 -0.95 -34.87 -0.01
CA GLY B 309 -2.35 -34.75 0.40
C GLY B 309 -2.66 -33.36 0.90
N ASN B 310 -3.82 -33.22 1.56
CA ASN B 310 -4.29 -31.93 2.05
C ASN B 310 -3.90 -31.86 3.52
N LEU B 311 -3.03 -30.91 3.85
CA LEU B 311 -2.52 -30.78 5.21
C LEU B 311 -3.23 -29.64 5.95
N SER B 312 -4.50 -29.41 5.62
CA SER B 312 -5.24 -28.27 6.17
C SER B 312 -4.36 -27.01 6.05
N SER B 313 -4.17 -26.29 7.15
CA SER B 313 -3.48 -24.99 7.09
C SER B 313 -2.03 -25.05 6.62
N ALA B 314 -1.38 -26.20 6.78
CA ALA B 314 0.02 -26.33 6.40
C ALA B 314 0.26 -26.43 4.88
N SER B 315 -0.76 -26.85 4.14
CA SER B 315 -0.56 -27.09 2.71
C SER B 315 -0.18 -25.82 1.97
N ILE B 316 -0.91 -24.72 2.18
CA ILE B 316 -0.59 -23.50 1.43
C ILE B 316 0.85 -23.02 1.68
N LEU B 317 1.41 -23.39 2.83
CA LEU B 317 2.77 -22.99 3.17
C LEU B 317 3.82 -23.86 2.46
N HIS B 318 3.55 -25.16 2.38
CA HIS B 318 4.36 -26.02 1.54
C HIS B 318 4.37 -25.54 0.10
N ILE B 319 3.20 -25.17 -0.41
CA ILE B 319 3.09 -24.66 -1.78
C ILE B 319 3.82 -23.30 -1.93
N LEU B 320 3.69 -22.44 -0.92
CA LEU B 320 4.44 -21.19 -0.93
C LEU B 320 5.93 -21.50 -1.07
N ARG B 321 6.41 -22.42 -0.26
CA ARG B 321 7.83 -22.81 -0.35
C ARG B 321 8.18 -23.29 -1.76
N ASP B 322 7.34 -24.18 -2.30
CA ASP B 322 7.59 -24.74 -3.63
C ASP B 322 7.67 -23.61 -4.64
N THR B 323 6.78 -22.63 -4.48
CA THR B 323 6.67 -21.52 -5.42
C THR B 323 7.91 -20.63 -5.35
N ILE B 324 8.35 -20.33 -4.15
CA ILE B 324 9.56 -19.56 -3.93
C ILE B 324 10.76 -20.26 -4.57
N GLU B 325 10.84 -21.58 -4.41
CA GLU B 325 11.99 -22.31 -4.92
C GLU B 325 12.08 -22.25 -6.45
N LYS B 326 10.92 -22.16 -7.10
CA LYS B 326 10.83 -22.06 -8.55
C LYS B 326 11.10 -20.64 -9.03
N ARG B 327 11.19 -19.73 -8.09
CA ARG B 327 11.54 -18.36 -8.36
C ARG B 327 10.74 -17.66 -9.43
N PRO B 328 9.55 -17.20 -9.08
CA PRO B 328 8.68 -16.49 -10.02
C PRO B 328 9.32 -15.20 -10.52
N PRO B 329 8.75 -14.60 -11.58
CA PRO B 329 9.33 -13.38 -12.18
C PRO B 329 9.56 -12.31 -11.11
N SER B 330 10.80 -11.84 -11.03
CA SER B 330 11.21 -10.87 -10.02
C SER B 330 10.40 -9.57 -10.02
N GLY B 331 9.87 -9.21 -8.85
CA GLY B 331 9.08 -8.00 -8.72
C GLY B 331 7.63 -8.18 -9.10
N SER B 332 7.26 -9.37 -9.58
CA SER B 332 5.86 -9.61 -9.95
C SER B 332 5.01 -9.94 -8.72
N ALA B 333 3.69 -9.86 -8.89
CA ALA B 333 2.77 -10.08 -7.79
C ALA B 333 2.51 -11.55 -7.52
N GLY B 334 2.20 -11.86 -6.27
CA GLY B 334 1.84 -13.21 -5.89
C GLY B 334 0.53 -13.15 -5.14
N LEU B 335 -0.28 -14.19 -5.25
CA LEU B 335 -1.55 -14.23 -4.55
C LEU B 335 -1.73 -15.56 -3.82
N MET B 336 -1.76 -15.52 -2.49
CA MET B 336 -2.15 -16.66 -1.68
C MET B 336 -3.66 -16.65 -1.62
N LEU B 337 -4.26 -17.83 -1.73
CA LEU B 337 -5.71 -17.93 -1.70
C LEU B 337 -6.06 -19.18 -0.90
N ALA B 338 -6.78 -18.99 0.20
CA ALA B 338 -7.21 -20.12 1.03
C ALA B 338 -8.66 -19.93 1.43
N MET B 339 -9.27 -21.00 1.92
CA MET B 339 -10.66 -20.91 2.36
C MET B 339 -10.80 -21.82 3.56
N GLY B 340 -11.82 -21.61 4.38
CA GLY B 340 -11.95 -22.46 5.55
C GLY B 340 -13.23 -22.26 6.31
N PRO B 341 -13.35 -22.88 7.45
CA PRO B 341 -14.56 -22.75 8.26
C PRO B 341 -14.93 -21.32 8.50
N GLY B 342 -16.20 -21.00 8.37
CA GLY B 342 -16.63 -19.65 8.43
C GLY B 342 -18.02 -19.44 7.91
N PHE B 343 -18.24 -19.66 6.63
CA PHE B 343 -17.22 -19.96 5.63
C PHE B 343 -16.47 -18.70 5.26
N CYS B 344 -15.20 -18.81 4.95
CA CYS B 344 -14.44 -17.63 4.56
C CYS B 344 -13.36 -17.96 3.57
N THR B 345 -12.95 -16.93 2.82
CA THR B 345 -11.74 -17.01 2.03
C THR B 345 -10.76 -15.99 2.59
N GLU B 346 -9.47 -16.23 2.37
CA GLU B 346 -8.46 -15.25 2.73
C GLU B 346 -7.53 -15.08 1.54
N LEU B 347 -7.24 -13.83 1.21
CA LEU B 347 -6.30 -13.51 0.14
C LEU B 347 -5.09 -12.76 0.68
N VAL B 348 -3.90 -13.13 0.24
CA VAL B 348 -2.71 -12.38 0.63
C VAL B 348 -1.90 -11.97 -0.59
N LEU B 349 -1.65 -10.68 -0.71
CA LEU B 349 -0.87 -10.16 -1.84
C LEU B 349 0.62 -10.16 -1.49
N LEU B 350 1.42 -10.80 -2.35
CA LEU B 350 2.87 -10.88 -2.18
C LEU B 350 3.58 -10.20 -3.35
N ARG B 351 4.83 -9.83 -3.13
CA ARG B 351 5.67 -9.42 -4.24
C ARG B 351 6.96 -10.22 -4.23
N TRP B 352 7.20 -10.97 -5.31
CA TRP B 352 8.35 -11.86 -5.41
C TRP B 352 9.65 -11.08 -5.60
N ARG B 353 10.74 -11.60 -5.07
CA ARG B 353 12.01 -10.89 -5.12
C ARG B 353 12.77 -11.16 -6.42
N SER C 2 -6.59 0.31 -19.93
CA SER C 2 -6.30 1.42 -20.83
C SER C 2 -6.26 0.89 -22.24
N VAL C 3 -7.12 1.42 -23.11
CA VAL C 3 -7.22 0.96 -24.48
C VAL C 3 -7.12 2.15 -25.44
N ILE C 4 -6.28 2.02 -26.46
CA ILE C 4 -6.18 3.07 -27.45
C ILE C 4 -7.44 3.06 -28.32
N ALA C 5 -8.01 4.23 -28.56
CA ALA C 5 -9.20 4.34 -29.42
C ALA C 5 -8.95 5.10 -30.72
N GLY C 6 -7.86 5.86 -30.76
CA GLY C 6 -7.53 6.66 -31.92
C GLY C 6 -6.06 7.02 -31.96
N VAL C 7 -5.47 6.98 -33.16
CA VAL C 7 -4.10 7.44 -33.36
C VAL C 7 -4.08 8.17 -34.69
N PHE C 8 -3.49 9.37 -34.73
CA PHE C 8 -3.57 10.19 -35.93
C PHE C 8 -2.34 11.06 -36.10
N GLY C 9 -1.85 11.19 -37.34
CA GLY C 9 -0.68 12.02 -37.61
C GLY C 9 -1.02 13.25 -38.44
N ALA C 10 -0.33 14.35 -38.17
CA ALA C 10 -0.53 15.56 -38.97
C ALA C 10 0.81 16.09 -39.41
N LEU C 11 0.89 16.53 -40.68
CA LEU C 11 2.14 17.06 -41.22
C LEU C 11 1.88 18.42 -41.86
N PRO C 12 2.84 19.35 -41.74
CA PRO C 12 2.69 20.61 -42.46
C PRO C 12 2.66 20.38 -43.96
N PRO C 13 2.09 21.32 -44.71
CA PRO C 13 1.84 21.08 -46.13
C PRO C 13 3.08 21.22 -47.01
N HIS C 14 4.12 21.91 -46.53
CA HIS C 14 5.31 22.06 -47.35
C HIS C 14 6.12 20.76 -47.33
N ARG C 15 6.06 19.99 -48.40
CA ARG C 15 6.83 18.75 -48.48
C ARG C 15 7.91 18.85 -49.56
N TYR C 16 9.14 18.48 -49.20
CA TYR C 16 10.25 18.51 -50.14
C TYR C 16 10.98 17.18 -50.14
N SER C 17 11.53 16.78 -51.28
CA SER C 17 12.38 15.60 -51.30
C SER C 17 13.67 15.96 -50.57
N GLN C 18 14.36 14.93 -50.07
CA GLN C 18 15.64 15.13 -49.40
C GLN C 18 16.63 15.81 -50.37
N SER C 19 16.65 15.35 -51.62
CA SER C 19 17.54 15.97 -52.60
C SER C 19 17.26 17.48 -52.75
N GLU C 20 15.99 17.85 -52.78
CA GLU C 20 15.64 19.27 -52.92
C GLU C 20 16.10 20.05 -51.69
N ILE C 21 15.88 19.48 -50.51
CA ILE C 21 16.30 20.13 -49.28
C ILE C 21 17.82 20.33 -49.26
N THR C 22 18.56 19.28 -49.59
CA THR C 22 20.02 19.34 -49.58
C THR C 22 20.56 20.37 -50.59
N ASP C 23 19.99 20.37 -51.80
CA ASP C 23 20.44 21.31 -52.84
C ASP C 23 20.32 22.76 -52.39
N SER C 24 19.23 23.07 -51.70
CA SER C 24 19.01 24.42 -51.21
C SER C 24 19.94 24.71 -50.03
N PHE C 25 20.00 23.76 -49.12
CA PHE C 25 20.72 23.93 -47.86
C PHE C 25 22.20 24.27 -48.09
N VAL C 26 22.84 23.58 -49.02
CA VAL C 26 24.25 23.81 -49.23
C VAL C 26 24.52 25.23 -49.73
N GLU C 27 23.47 25.90 -50.24
CA GLU C 27 23.60 27.27 -50.72
C GLU C 27 23.15 28.32 -49.69
N PHE C 28 22.71 27.88 -48.51
CA PHE C 28 22.33 28.83 -47.46
C PHE C 28 23.57 29.57 -46.98
N PRO C 29 23.38 30.78 -46.41
CA PRO C 29 24.50 31.58 -45.93
C PRO C 29 25.39 30.79 -44.99
N GLY C 30 26.69 30.80 -45.27
CA GLY C 30 27.67 30.18 -44.39
C GLY C 30 27.88 28.70 -44.60
N LEU C 31 27.22 28.09 -45.60
CA LEU C 31 27.26 26.65 -45.73
C LEU C 31 27.99 26.06 -46.94
N LYS C 32 28.19 26.84 -47.97
CA LYS C 32 28.76 26.28 -49.19
C LYS C 32 30.12 25.59 -48.93
N GLU C 33 30.92 26.16 -48.04
CA GLU C 33 32.18 25.52 -47.67
C GLU C 33 32.01 24.11 -47.13
N HIS C 34 30.83 23.80 -46.61
CA HIS C 34 30.60 22.49 -45.99
C HIS C 34 29.77 21.56 -46.85
N GLU C 35 29.68 21.88 -48.13
CA GLU C 35 28.83 21.12 -49.05
C GLU C 35 29.10 19.62 -49.03
N GLU C 36 30.38 19.25 -49.04
CA GLU C 36 30.75 17.84 -49.08
C GLU C 36 30.20 17.04 -47.91
N ILE C 37 30.44 17.49 -46.68
CA ILE C 37 29.97 16.75 -45.53
C ILE C 37 28.44 16.82 -45.46
N ILE C 38 27.88 17.96 -45.85
CA ILE C 38 26.42 18.11 -45.81
C ILE C 38 25.75 17.09 -46.74
N ARG C 39 26.28 16.97 -47.96
CA ARG C 39 25.76 16.00 -48.92
C ARG C 39 25.93 14.56 -48.42
N ARG C 40 27.07 14.29 -47.79
CA ARG C 40 27.34 12.97 -47.23
C ARG C 40 26.32 12.61 -46.13
N LEU C 41 26.18 13.49 -45.14
CA LEU C 41 25.27 13.24 -44.04
C LEU C 41 23.81 13.14 -44.52
N HIS C 42 23.41 14.04 -45.41
CA HIS C 42 22.04 14.03 -45.92
C HIS C 42 21.71 12.77 -46.70
N ALA C 43 22.67 12.26 -47.48
CA ALA C 43 22.46 11.01 -48.22
C ALA C 43 22.45 9.80 -47.30
N ALA C 44 23.32 9.79 -46.29
CA ALA C 44 23.43 8.65 -45.39
C ALA C 44 22.22 8.50 -44.46
N ALA C 45 21.43 9.55 -44.34
CA ALA C 45 20.28 9.55 -43.42
C ALA C 45 19.16 8.54 -43.77
N LYS C 46 19.11 8.07 -45.02
CA LYS C 46 18.03 7.21 -45.48
C LYS C 46 16.66 7.87 -45.29
N VAL C 47 16.66 9.19 -45.46
CA VAL C 47 15.44 9.97 -45.45
C VAL C 47 15.23 10.45 -46.88
N ASN C 48 14.03 10.23 -47.42
CA ASN C 48 13.77 10.56 -48.82
C ASN C 48 12.97 11.85 -48.98
N GLY C 49 12.38 12.31 -47.90
CA GLY C 49 11.63 13.57 -47.92
C GLY C 49 11.25 13.98 -46.51
N ARG C 50 10.95 15.28 -46.35
CA ARG C 50 10.49 15.83 -45.09
C ARG C 50 9.46 16.92 -45.30
N HIS C 51 8.54 17.05 -44.36
CA HIS C 51 7.61 18.18 -44.33
C HIS C 51 8.17 19.30 -43.48
N LEU C 52 8.03 20.53 -43.95
CA LEU C 52 8.54 21.69 -43.24
C LEU C 52 7.42 22.70 -42.99
N VAL C 53 7.46 23.35 -41.84
CA VAL C 53 6.39 24.23 -41.44
C VAL C 53 6.49 25.56 -42.20
N LEU C 54 7.68 25.87 -42.72
CA LEU C 54 7.88 27.08 -43.53
C LEU C 54 8.37 26.70 -44.92
N PRO C 55 8.16 27.59 -45.90
CA PRO C 55 8.78 27.35 -47.21
C PRO C 55 10.29 27.17 -47.04
N LEU C 56 10.86 26.21 -47.75
CA LEU C 56 12.28 25.90 -47.64
C LEU C 56 13.19 27.13 -47.73
N GLN C 57 12.90 28.05 -48.66
CA GLN C 57 13.81 29.16 -48.91
C GLN C 57 13.65 30.26 -47.88
N GLN C 58 12.72 30.09 -46.94
CA GLN C 58 12.55 31.06 -45.86
C GLN C 58 13.52 30.84 -44.70
N TYR C 59 14.12 29.66 -44.61
CA TYR C 59 14.95 29.35 -43.45
C TYR C 59 16.19 30.23 -43.28
N PRO C 60 16.82 30.66 -44.38
CA PRO C 60 17.99 31.52 -44.20
C PRO C 60 17.68 32.81 -43.41
N SER C 61 16.43 33.28 -43.45
CA SER C 61 16.01 34.48 -42.75
C SER C 61 15.65 34.18 -41.30
N LEU C 62 15.62 32.90 -40.95
CA LEU C 62 15.18 32.53 -39.61
C LEU C 62 16.38 32.48 -38.67
N THR C 63 16.93 33.66 -38.36
CA THR C 63 18.14 33.72 -37.54
C THR C 63 17.91 34.12 -36.09
N ASP C 64 16.69 34.51 -35.75
CA ASP C 64 16.42 35.02 -34.41
C ASP C 64 15.52 34.08 -33.64
N PHE C 65 15.95 33.71 -32.44
CA PHE C 65 15.26 32.72 -31.63
C PHE C 65 13.87 33.23 -31.25
N GLY C 66 13.75 34.52 -30.99
CA GLY C 66 12.45 35.08 -30.68
C GLY C 66 11.43 34.90 -31.81
N ASP C 67 11.83 35.24 -33.03
CA ASP C 67 10.95 35.05 -34.18
C ASP C 67 10.58 33.60 -34.32
N ALA C 68 11.59 32.72 -34.21
CA ALA C 68 11.42 31.29 -34.47
C ALA C 68 10.48 30.66 -33.45
N ASN C 69 10.60 31.08 -32.19
CA ASN C 69 9.76 30.51 -31.14
C ASN C 69 8.34 31.03 -31.25
N GLU C 70 8.18 32.28 -31.70
CA GLU C 70 6.85 32.83 -31.96
C GLU C 70 6.15 32.03 -33.07
N ILE C 71 6.89 31.76 -34.14
CA ILE C 71 6.37 30.93 -35.22
C ILE C 71 6.07 29.52 -34.69
N PHE C 72 6.96 28.98 -33.84
CA PHE C 72 6.69 27.68 -33.24
C PHE C 72 5.33 27.63 -32.54
N ILE C 73 5.07 28.61 -31.69
CA ILE C 73 3.83 28.62 -30.94
C ILE C 73 2.63 28.68 -31.89
N GLU C 74 2.70 29.56 -32.88
CA GLU C 74 1.63 29.67 -33.86
C GLU C 74 1.36 28.35 -34.58
N LYS C 75 2.40 27.76 -35.15
CA LYS C 75 2.25 26.56 -35.97
C LYS C 75 2.00 25.29 -35.16
N ALA C 76 2.60 25.22 -33.97
CA ALA C 76 2.47 24.03 -33.13
C ALA C 76 1.04 23.87 -32.66
N VAL C 77 0.37 24.97 -32.34
CA VAL C 77 -1.01 24.85 -31.90
C VAL C 77 -1.88 24.37 -33.06
N ASP C 78 -1.67 24.92 -34.25
CA ASP C 78 -2.42 24.46 -35.43
C ASP C 78 -2.27 22.95 -35.68
N LEU C 79 -1.04 22.48 -35.71
CA LEU C 79 -0.77 21.07 -35.98
C LEU C 79 -1.25 20.15 -34.85
N GLY C 80 -1.12 20.60 -33.62
CA GLY C 80 -1.58 19.82 -32.49
C GLY C 80 -3.08 19.69 -32.55
N VAL C 81 -3.76 20.76 -32.91
CA VAL C 81 -5.21 20.73 -33.00
C VAL C 81 -5.64 19.78 -34.10
N GLU C 82 -5.01 19.92 -35.27
CA GLU C 82 -5.31 19.02 -36.38
C GLU C 82 -5.12 17.56 -36.00
N ALA C 83 -4.00 17.26 -35.36
CA ALA C 83 -3.70 15.88 -34.96
C ALA C 83 -4.74 15.35 -33.97
N LEU C 84 -5.05 16.15 -32.96
CA LEU C 84 -5.97 15.70 -31.92
C LEU C 84 -7.36 15.51 -32.48
N LEU C 85 -7.81 16.47 -33.28
CA LEU C 85 -9.13 16.37 -33.90
C LEU C 85 -9.21 15.08 -34.71
N GLY C 86 -8.13 14.77 -35.43
CA GLY C 86 -8.04 13.57 -36.22
C GLY C 86 -8.15 12.30 -35.40
N ALA C 87 -7.46 12.27 -34.25
CA ALA C 87 -7.50 11.09 -33.39
C ALA C 87 -8.87 10.94 -32.75
N LEU C 88 -9.47 12.06 -32.35
CA LEU C 88 -10.82 12.02 -31.78
C LEU C 88 -11.80 11.45 -32.80
N ASP C 89 -11.65 11.83 -34.07
CA ASP C 89 -12.50 11.32 -35.14
C ASP C 89 -12.33 9.81 -35.30
N ASP C 90 -11.07 9.36 -35.24
CA ASP C 90 -10.74 7.93 -35.29
C ASP C 90 -11.46 7.19 -34.18
N ALA C 91 -11.48 7.81 -32.99
CA ALA C 91 -12.03 7.21 -31.79
C ALA C 91 -13.55 7.36 -31.71
N ASN C 92 -14.11 8.19 -32.58
CA ASN C 92 -15.50 8.58 -32.50
C ASN C 92 -15.81 9.22 -31.15
N LEU C 93 -14.98 10.18 -30.76
CA LEU C 93 -15.17 10.92 -29.52
C LEU C 93 -15.08 12.42 -29.78
N ARG C 94 -15.42 13.20 -28.77
CA ARG C 94 -15.53 14.64 -28.91
C ARG C 94 -14.56 15.33 -27.96
N PRO C 95 -14.21 16.59 -28.25
CA PRO C 95 -13.30 17.34 -27.37
C PRO C 95 -13.78 17.35 -25.92
N SER C 96 -15.08 17.55 -25.70
CA SER C 96 -15.61 17.62 -24.34
C SER C 96 -15.51 16.29 -23.58
N ASP C 97 -15.21 15.21 -24.29
CA ASP C 97 -15.07 13.90 -23.64
C ASP C 97 -13.73 13.77 -22.92
N ILE C 98 -12.77 14.60 -23.30
CA ILE C 98 -11.42 14.46 -22.77
C ILE C 98 -11.33 14.88 -21.31
N ASP C 99 -10.77 13.99 -20.50
CA ASP C 99 -10.57 14.23 -19.06
C ASP C 99 -9.16 14.68 -18.74
N MET C 100 -8.22 14.28 -19.58
CA MET C 100 -6.84 14.70 -19.38
C MET C 100 -6.10 14.79 -20.71
N ILE C 101 -5.31 15.86 -20.85
CA ILE C 101 -4.51 16.06 -22.04
C ILE C 101 -3.05 16.25 -21.65
N ALA C 102 -2.19 15.41 -22.22
CA ALA C 102 -0.76 15.57 -22.04
C ALA C 102 -0.21 16.03 -23.38
N THR C 103 0.74 16.95 -23.35
CA THR C 103 1.39 17.38 -24.58
C THR C 103 2.88 17.14 -24.45
N ALA C 104 3.53 16.92 -25.57
CA ALA C 104 4.95 16.64 -25.58
C ALA C 104 5.57 17.42 -26.70
N THR C 105 6.61 18.17 -26.38
CA THR C 105 7.44 18.80 -27.37
C THR C 105 8.81 19.03 -26.76
N VAL C 106 9.80 19.16 -27.62
CA VAL C 106 11.12 19.56 -27.17
C VAL C 106 11.65 20.68 -28.07
N THR C 107 10.83 21.15 -29.00
CA THR C 107 11.33 22.03 -30.05
C THR C 107 10.93 23.50 -29.93
N GLY C 108 10.26 23.86 -28.84
CA GLY C 108 9.87 25.23 -28.57
C GLY C 108 9.45 25.44 -27.12
N VAL C 109 9.35 26.69 -26.71
CA VAL C 109 9.11 27.02 -25.32
C VAL C 109 7.85 27.87 -25.20
N ALA C 110 6.80 27.28 -24.62
CA ALA C 110 5.49 27.94 -24.59
C ALA C 110 4.96 28.02 -23.17
N VAL C 111 4.80 29.24 -22.66
CA VAL C 111 4.10 29.50 -21.42
C VAL C 111 3.16 30.70 -21.66
N PRO C 112 1.83 30.47 -21.65
CA PRO C 112 1.10 29.23 -21.39
C PRO C 112 1.48 28.08 -22.32
N SER C 113 1.33 26.87 -21.81
CA SER C 113 1.77 25.65 -22.49
C SER C 113 0.91 25.31 -23.71
N LEU C 114 1.41 24.39 -24.54
CA LEU C 114 0.66 23.95 -25.71
C LEU C 114 -0.66 23.29 -25.34
N ASP C 115 -0.71 22.58 -24.22
CA ASP C 115 -1.98 21.96 -23.83
C ASP C 115 -3.05 22.99 -23.49
N ALA C 116 -2.65 24.10 -22.87
CA ALA C 116 -3.61 25.16 -22.55
C ALA C 116 -4.15 25.75 -23.85
N ARG C 117 -3.25 25.92 -24.82
CA ARG C 117 -3.63 26.52 -26.10
C ARG C 117 -4.53 25.56 -26.88
N ILE C 118 -4.16 24.29 -26.93
CA ILE C 118 -4.95 23.33 -27.69
C ILE C 118 -6.30 23.18 -27.01
N ALA C 119 -6.31 23.10 -25.69
CA ALA C 119 -7.57 23.02 -24.95
C ALA C 119 -8.50 24.17 -25.31
N GLY C 120 -7.96 25.39 -25.39
CA GLY C 120 -8.75 26.55 -25.74
C GLY C 120 -9.30 26.49 -27.15
N ARG C 121 -8.46 26.11 -28.10
CA ARG C 121 -8.85 26.04 -29.51
C ARG C 121 -9.96 25.01 -29.77
N LEU C 122 -9.92 23.89 -29.06
CA LEU C 122 -10.89 22.82 -29.29
C LEU C 122 -12.05 22.81 -28.30
N GLY C 123 -12.04 23.75 -27.36
CA GLY C 123 -13.12 23.80 -26.39
C GLY C 123 -13.18 22.59 -25.48
N LEU C 124 -12.02 22.13 -25.02
CA LEU C 124 -12.00 21.09 -23.99
C LEU C 124 -12.68 21.67 -22.74
N ARG C 125 -13.18 20.80 -21.86
CA ARG C 125 -13.77 21.25 -20.61
C ARG C 125 -12.78 22.05 -19.77
N PRO C 126 -13.27 23.08 -19.06
CA PRO C 126 -12.38 23.88 -18.23
C PRO C 126 -11.66 23.08 -17.16
N ASP C 127 -12.22 21.94 -16.76
CA ASP C 127 -11.60 21.12 -15.72
C ASP C 127 -10.71 20.00 -16.27
N VAL C 128 -10.34 20.09 -17.55
CA VAL C 128 -9.49 19.06 -18.12
C VAL C 128 -8.15 19.10 -17.39
N ARG C 129 -7.62 17.92 -17.08
CA ARG C 129 -6.31 17.82 -16.42
C ARG C 129 -5.22 18.01 -17.45
N ARG C 130 -4.28 18.92 -17.20
CA ARG C 130 -3.20 19.17 -18.15
C ARG C 130 -1.85 18.66 -17.69
N MET C 131 -1.11 18.06 -18.62
CA MET C 131 0.21 17.54 -18.34
C MET C 131 1.20 17.94 -19.44
N PRO C 132 1.76 19.14 -19.36
CA PRO C 132 2.73 19.59 -20.37
C PRO C 132 4.12 19.02 -20.19
N LEU C 133 4.43 17.98 -20.96
CA LEU C 133 5.69 17.26 -20.82
C LEU C 133 6.73 17.89 -21.71
N PHE C 134 7.71 18.55 -21.09
CA PHE C 134 8.77 19.16 -21.89
C PHE C 134 10.14 18.62 -21.50
N GLY C 135 10.94 18.23 -22.48
CA GLY C 135 12.30 17.81 -22.18
C GLY C 135 12.55 16.32 -22.19
N LEU C 136 11.52 15.55 -22.50
CA LEU C 136 11.69 14.12 -22.71
C LEU C 136 12.28 13.85 -24.09
N GLY C 137 12.12 14.80 -25.00
CA GLY C 137 12.64 14.66 -26.35
C GLY C 137 12.10 13.41 -27.04
N CYS C 138 12.96 12.69 -27.74
CA CYS C 138 12.53 11.58 -28.60
C CYS C 138 11.87 10.40 -27.88
N VAL C 139 11.91 10.38 -26.56
CA VAL C 139 11.28 9.28 -25.84
C VAL C 139 9.79 9.55 -25.58
N ALA C 140 9.34 10.78 -25.84
CA ALA C 140 8.03 11.23 -25.34
C ALA C 140 6.81 10.59 -26.00
N GLY C 141 6.94 10.08 -27.23
CA GLY C 141 5.83 9.36 -27.85
C GLY C 141 5.54 8.14 -27.01
N ALA C 142 6.58 7.35 -26.74
CA ALA C 142 6.41 6.14 -25.92
C ALA C 142 6.05 6.49 -24.48
N ALA C 143 6.80 7.40 -23.88
CA ALA C 143 6.57 7.76 -22.49
C ALA C 143 5.19 8.40 -22.32
N GLY C 144 4.77 9.18 -23.30
CA GLY C 144 3.46 9.80 -23.24
C GLY C 144 2.36 8.76 -23.18
N VAL C 145 2.47 7.74 -24.03
CA VAL C 145 1.49 6.65 -24.01
C VAL C 145 1.50 5.93 -22.64
N ALA C 146 2.69 5.75 -22.07
CA ALA C 146 2.81 5.15 -20.74
C ALA C 146 2.18 6.04 -19.67
N ARG C 147 2.33 7.35 -19.82
CA ARG C 147 1.68 8.30 -18.90
C ARG C 147 0.15 8.25 -19.00
N LEU C 148 -0.39 8.03 -20.20
CA LEU C 148 -1.83 7.86 -20.37
C LEU C 148 -2.29 6.61 -19.61
N ARG C 149 -1.56 5.51 -19.80
CA ARG C 149 -1.89 4.29 -19.05
C ARG C 149 -1.90 4.54 -17.56
N ASP C 150 -0.87 5.23 -17.05
CA ASP C 150 -0.78 5.43 -15.60
C ASP C 150 -1.97 6.23 -15.09
N TYR C 151 -2.44 7.16 -15.90
CA TYR C 151 -3.61 7.94 -15.51
C TYR C 151 -4.88 7.10 -15.57
N LEU C 152 -5.09 6.41 -16.69
CA LEU C 152 -6.32 5.66 -16.92
C LEU C 152 -6.47 4.44 -16.02
N ARG C 153 -5.33 3.94 -15.54
CA ARG C 153 -5.34 2.83 -14.59
C ARG C 153 -6.07 3.22 -13.30
N GLY C 154 -6.01 4.51 -12.96
CA GLY C 154 -6.70 5.01 -11.78
C GLY C 154 -8.03 5.68 -12.10
N ALA C 155 -8.40 5.66 -13.37
CA ALA C 155 -9.59 6.36 -13.84
C ALA C 155 -10.22 5.58 -14.99
N PRO C 156 -10.86 4.45 -14.66
CA PRO C 156 -11.29 3.45 -15.65
C PRO C 156 -12.41 3.93 -16.56
N ASP C 157 -13.11 4.99 -16.19
CA ASP C 157 -14.19 5.54 -17.00
C ASP C 157 -13.74 6.71 -17.87
N ASP C 158 -12.45 7.05 -17.80
CA ASP C 158 -11.97 8.32 -18.39
C ASP C 158 -11.42 8.21 -19.82
N VAL C 159 -11.29 9.38 -20.44
CA VAL C 159 -10.65 9.53 -21.74
C VAL C 159 -9.41 10.39 -21.53
N ALA C 160 -8.26 9.93 -22.00
CA ALA C 160 -7.02 10.69 -21.88
C ALA C 160 -6.33 10.75 -23.23
N VAL C 161 -5.71 11.89 -23.54
CA VAL C 161 -5.12 12.07 -24.86
C VAL C 161 -3.70 12.59 -24.75
N LEU C 162 -2.88 12.22 -25.73
CA LEU C 162 -1.50 12.69 -25.85
C LEU C 162 -1.36 13.41 -27.18
N VAL C 163 -0.78 14.59 -27.15
CA VAL C 163 -0.48 15.31 -28.39
C VAL C 163 1.01 15.63 -28.42
N SER C 164 1.68 15.13 -29.45
CA SER C 164 3.09 15.38 -29.70
C SER C 164 3.21 16.34 -30.88
N VAL C 165 3.96 17.42 -30.70
CA VAL C 165 4.24 18.32 -31.81
C VAL C 165 5.70 18.67 -31.79
N GLU C 166 6.38 18.33 -32.89
CA GLU C 166 7.79 18.63 -33.00
C GLU C 166 8.08 19.36 -34.31
N LEU C 167 8.48 20.62 -34.18
CA LEU C 167 8.83 21.42 -35.34
C LEU C 167 10.34 21.65 -35.30
N CYS C 168 11.08 20.58 -35.58
CA CYS C 168 12.53 20.60 -35.52
C CYS C 168 13.15 21.70 -36.40
N SER C 169 12.51 22.02 -37.51
CA SER C 169 13.11 22.97 -38.46
C SER C 169 13.23 24.36 -37.85
N LEU C 170 12.33 24.68 -36.94
CA LEU C 170 12.30 25.99 -36.35
C LEU C 170 13.44 26.25 -35.38
N THR C 171 14.28 25.24 -35.12
CA THR C 171 15.44 25.45 -34.24
C THR C 171 16.60 25.96 -35.06
N TYR C 172 16.34 26.22 -36.33
CA TYR C 172 17.37 26.72 -37.24
C TYR C 172 18.26 27.88 -36.74
N PRO C 173 17.72 28.83 -35.94
CA PRO C 173 18.62 29.90 -35.46
C PRO C 173 19.85 29.41 -34.68
N ALA C 174 19.77 28.20 -34.13
CA ALA C 174 20.86 27.65 -33.35
C ALA C 174 21.78 26.77 -34.19
N VAL C 175 21.41 26.55 -35.44
CA VAL C 175 22.22 25.69 -36.30
C VAL C 175 23.48 26.41 -36.79
N LYS C 176 24.62 25.75 -36.60
CA LYS C 176 25.88 26.15 -37.21
C LYS C 176 26.49 24.95 -37.94
N PRO C 177 27.49 25.19 -38.79
CA PRO C 177 28.01 24.04 -39.54
C PRO C 177 29.04 23.23 -38.73
N THR C 178 28.62 22.71 -37.59
CA THR C 178 29.42 21.72 -36.87
C THR C 178 28.80 20.35 -37.13
N VAL C 179 29.57 19.30 -36.90
CA VAL C 179 29.07 17.98 -37.24
C VAL C 179 27.75 17.63 -36.55
N SER C 180 27.67 17.84 -35.25
CA SER C 180 26.43 17.51 -34.52
C SER C 180 25.21 18.22 -35.09
N SER C 181 25.32 19.53 -35.34
CA SER C 181 24.19 20.24 -35.93
C SER C 181 23.86 19.72 -37.32
N LEU C 182 24.89 19.52 -38.14
CA LEU C 182 24.66 19.07 -39.50
C LEU C 182 24.00 17.69 -39.54
N VAL C 183 24.36 16.81 -38.60
CA VAL C 183 23.67 15.53 -38.49
C VAL C 183 22.17 15.76 -38.29
N GLY C 184 21.84 16.69 -37.42
CA GLY C 184 20.44 17.04 -37.17
C GLY C 184 19.76 17.52 -38.44
N THR C 185 20.47 18.35 -39.23
CA THR C 185 19.89 18.88 -40.48
C THR C 185 19.63 17.79 -41.49
N ALA C 186 20.31 16.66 -41.34
CA ALA C 186 20.13 15.51 -42.24
C ALA C 186 18.85 14.72 -41.94
N LEU C 187 18.47 14.66 -40.68
CA LEU C 187 17.48 13.69 -40.20
C LEU C 187 16.12 14.26 -39.81
N PHE C 188 16.10 15.42 -39.15
CA PHE C 188 14.85 15.86 -38.50
C PHE C 188 13.91 16.65 -39.39
N GLY C 189 12.62 16.32 -39.30
CA GLY C 189 11.57 17.04 -39.99
C GLY C 189 10.51 17.54 -39.03
N ASP C 190 9.42 18.06 -39.57
CA ASP C 190 8.35 18.65 -38.78
C ASP C 190 7.08 17.78 -38.83
N GLY C 191 6.37 17.71 -37.72
CA GLY C 191 5.08 17.01 -37.72
C GLY C 191 4.46 16.89 -36.35
N ALA C 192 3.33 16.21 -36.29
CA ALA C 192 2.62 16.05 -35.02
C ALA C 192 1.85 14.76 -35.03
N ALA C 193 1.41 14.33 -33.85
CA ALA C 193 0.61 13.12 -33.75
C ALA C 193 -0.18 13.16 -32.45
N ALA C 194 -1.31 12.45 -32.42
CA ALA C 194 -2.09 12.39 -31.19
C ALA C 194 -2.55 10.97 -30.96
N VAL C 195 -2.68 10.60 -29.70
CA VAL C 195 -3.28 9.32 -29.31
C VAL C 195 -4.45 9.59 -28.39
N VAL C 196 -5.57 8.93 -28.65
CA VAL C 196 -6.71 8.98 -27.75
C VAL C 196 -6.86 7.61 -27.09
N ALA C 197 -6.88 7.59 -25.76
CA ALA C 197 -7.02 6.36 -25.02
C ALA C 197 -8.15 6.46 -24.01
N VAL C 198 -8.69 5.31 -23.62
CA VAL C 198 -9.80 5.30 -22.67
C VAL C 198 -9.59 4.25 -21.59
N GLY C 199 -10.28 4.44 -20.47
CA GLY C 199 -10.25 3.50 -19.37
C GLY C 199 -10.88 2.17 -19.75
N ASP C 200 -10.52 1.14 -19.01
CA ASP C 200 -11.00 -0.22 -19.26
C ASP C 200 -12.51 -0.29 -19.19
N ARG C 201 -13.10 0.50 -18.29
CA ARG C 201 -14.55 0.52 -18.16
C ARG C 201 -15.20 1.28 -19.32
N ARG C 202 -14.53 2.31 -19.83
CA ARG C 202 -15.03 3.08 -20.97
C ARG C 202 -14.86 2.33 -22.30
N ALA C 203 -13.89 1.42 -22.33
CA ALA C 203 -13.49 0.77 -23.58
C ALA C 203 -14.65 0.10 -24.34
N GLU C 204 -15.48 -0.65 -23.62
CA GLU C 204 -16.62 -1.31 -24.26
C GLU C 204 -17.59 -0.26 -24.80
N GLN C 205 -17.91 0.71 -23.97
CA GLN C 205 -18.88 1.74 -24.31
C GLN C 205 -18.57 2.48 -25.62
N VAL C 206 -17.29 2.70 -25.89
CA VAL C 206 -16.91 3.46 -27.09
C VAL C 206 -16.40 2.56 -28.22
N ARG C 207 -16.42 1.25 -27.98
CA ARG C 207 -15.90 0.30 -28.95
C ARG C 207 -14.48 0.68 -29.38
N ALA C 208 -13.59 0.86 -28.41
CA ALA C 208 -12.21 1.23 -28.71
C ALA C 208 -11.51 0.14 -29.51
N GLY C 209 -10.84 0.54 -30.60
CA GLY C 209 -10.23 -0.40 -31.51
C GLY C 209 -8.90 -1.01 -31.07
N GLY C 210 -8.37 -0.56 -29.94
CA GLY C 210 -7.11 -1.08 -29.44
C GLY C 210 -5.93 -0.45 -30.17
N PRO C 211 -4.71 -0.91 -29.87
CA PRO C 211 -4.38 -2.00 -28.95
C PRO C 211 -4.52 -1.63 -27.48
N ASP C 212 -4.50 -2.64 -26.60
CA ASP C 212 -4.49 -2.45 -25.16
C ASP C 212 -3.11 -1.96 -24.75
N ILE C 213 -3.08 -1.02 -23.80
CA ILE C 213 -1.82 -0.62 -23.19
C ILE C 213 -1.67 -1.38 -21.88
N LEU C 214 -0.72 -2.30 -21.83
CA LEU C 214 -0.61 -3.26 -20.72
C LEU C 214 0.36 -2.83 -19.62
N ASP C 215 1.47 -2.19 -20.00
CA ASP C 215 2.52 -1.89 -19.04
C ASP C 215 3.62 -1.14 -19.77
N SER C 216 4.57 -0.60 -18.99
CA SER C 216 5.70 0.15 -19.54
C SER C 216 6.89 0.01 -18.62
N ARG C 217 8.07 0.35 -19.13
CA ARG C 217 9.25 0.45 -18.29
C ARG C 217 10.25 1.47 -18.80
N SER C 218 10.64 2.39 -17.94
CA SER C 218 11.72 3.34 -18.26
C SER C 218 13.06 2.69 -17.98
N SER C 219 14.11 3.17 -18.64
CA SER C 219 15.46 2.80 -18.28
C SER C 219 16.39 4.01 -18.46
N LEU C 220 16.72 4.66 -17.35
CA LEU C 220 17.61 5.81 -17.38
C LEU C 220 19.04 5.34 -17.16
N TYR C 221 19.93 5.64 -18.12
CA TYR C 221 21.32 5.17 -18.06
C TYR C 221 22.17 6.09 -17.20
N PRO C 222 22.88 5.51 -16.22
CA PRO C 222 23.66 6.39 -15.34
C PRO C 222 24.76 7.16 -16.07
N ASP C 223 25.05 8.34 -15.55
CA ASP C 223 26.09 9.23 -16.06
C ASP C 223 26.08 9.39 -17.58
N SER C 224 24.93 9.80 -18.10
CA SER C 224 24.73 9.80 -19.55
C SER C 224 24.03 11.08 -20.03
N LEU C 225 24.02 12.10 -19.19
CA LEU C 225 23.30 13.34 -19.53
C LEU C 225 23.84 13.99 -20.81
N HIS C 226 25.11 13.75 -21.10
CA HIS C 226 25.82 14.39 -22.20
C HIS C 226 25.52 13.75 -23.55
N ILE C 227 24.90 12.57 -23.53
CA ILE C 227 24.68 11.80 -24.74
C ILE C 227 23.78 12.51 -25.75
N MET C 228 22.68 13.09 -25.26
CA MET C 228 21.75 13.80 -26.12
C MET C 228 20.98 14.87 -25.36
N GLY C 229 20.70 16.00 -26.01
CA GLY C 229 20.02 17.08 -25.32
C GLY C 229 20.15 18.40 -26.06
N TRP C 230 19.74 19.47 -25.40
CA TRP C 230 19.93 20.81 -25.95
C TRP C 230 20.98 21.56 -25.17
N ASP C 231 21.74 22.40 -25.88
CA ASP C 231 22.49 23.46 -25.26
C ASP C 231 21.71 24.73 -25.57
N VAL C 232 21.13 25.32 -24.52
CA VAL C 232 20.20 26.45 -24.67
C VAL C 232 20.87 27.79 -24.42
N GLY C 233 20.57 28.78 -25.26
CA GLY C 233 21.18 30.08 -25.12
C GLY C 233 20.48 31.10 -25.99
N SER C 234 21.18 32.20 -26.26
CA SER C 234 20.58 33.33 -26.95
C SER C 234 20.13 32.98 -28.36
N HIS C 235 20.71 31.93 -28.93
CA HIS C 235 20.35 31.51 -30.28
C HIS C 235 19.35 30.36 -30.30
N GLY C 236 18.87 30.00 -29.12
CA GLY C 236 17.80 29.02 -29.03
C GLY C 236 18.30 27.65 -28.60
N LEU C 237 17.86 26.64 -29.34
CA LEU C 237 18.02 25.26 -28.93
C LEU C 237 19.00 24.57 -29.86
N ARG C 238 20.24 24.38 -29.38
CA ARG C 238 21.30 23.79 -30.19
C ARG C 238 21.50 22.34 -29.82
N LEU C 239 21.49 21.47 -30.83
CA LEU C 239 21.54 20.03 -30.60
C LEU C 239 22.86 19.61 -29.99
N ARG C 240 22.77 18.85 -28.91
CA ARG C 240 23.91 18.09 -28.42
C ARG C 240 23.61 16.63 -28.71
N LEU C 241 24.53 15.99 -29.42
CA LEU C 241 24.35 14.60 -29.81
C LEU C 241 25.70 13.93 -29.89
N SER C 242 25.90 12.92 -29.06
CA SER C 242 27.18 12.21 -28.98
C SER C 242 27.23 11.04 -29.95
N PRO C 243 28.39 10.84 -30.59
CA PRO C 243 28.57 9.67 -31.44
C PRO C 243 28.53 8.36 -30.65
N ASP C 244 28.63 8.47 -29.32
CA ASP C 244 28.61 7.30 -28.44
C ASP C 244 27.21 6.71 -28.23
N LEU C 245 26.19 7.41 -28.71
CA LEU C 245 24.83 6.97 -28.47
C LEU C 245 24.63 5.54 -28.94
N THR C 246 25.01 5.26 -30.19
CA THR C 246 24.79 3.93 -30.74
C THR C 246 25.44 2.82 -29.89
N ASN C 247 26.64 3.08 -29.39
CA ASN C 247 27.33 2.12 -28.52
C ASN C 247 26.56 1.76 -27.25
N LEU C 248 25.89 2.75 -26.65
CA LEU C 248 25.11 2.52 -25.44
C LEU C 248 23.94 1.58 -25.72
N ILE C 249 23.26 1.83 -26.83
CA ILE C 249 22.17 0.95 -27.24
C ILE C 249 22.67 -0.48 -27.41
N GLU C 250 23.75 -0.63 -28.17
CA GLU C 250 24.30 -1.96 -28.45
C GLU C 250 24.69 -2.70 -27.18
N ARG C 251 25.12 -1.94 -26.17
CA ARG C 251 25.58 -2.56 -24.94
C ARG C 251 24.44 -2.95 -24.00
N TYR C 252 23.37 -2.15 -23.97
CA TYR C 252 22.39 -2.28 -22.90
C TYR C 252 20.93 -2.52 -23.28
N LEU C 253 20.57 -2.36 -24.56
CA LEU C 253 19.16 -2.47 -24.94
C LEU C 253 18.58 -3.86 -24.67
N ALA C 254 19.33 -4.90 -25.02
CA ALA C 254 18.85 -6.27 -24.84
C ALA C 254 18.43 -6.49 -23.39
N ASN C 255 19.23 -5.98 -22.46
CA ASN C 255 18.93 -6.12 -21.05
C ASN C 255 17.67 -5.34 -20.64
N ASP C 256 17.52 -4.13 -21.16
CA ASP C 256 16.30 -3.35 -20.93
C ASP C 256 15.08 -4.19 -21.32
N VAL C 257 15.14 -4.81 -22.50
CA VAL C 257 14.01 -5.53 -23.04
C VAL C 257 13.74 -6.81 -22.28
N THR C 258 14.80 -7.60 -22.04
CA THR C 258 14.67 -8.83 -21.26
C THR C 258 14.16 -8.59 -19.84
N THR C 259 14.66 -7.55 -19.18
CA THR C 259 14.20 -7.22 -17.82
C THR C 259 12.70 -6.94 -17.83
N PHE C 260 12.24 -6.23 -18.85
CA PHE C 260 10.82 -5.89 -18.98
C PHE C 260 9.97 -7.11 -19.33
N LEU C 261 10.37 -7.86 -20.36
CA LEU C 261 9.56 -8.98 -20.83
C LEU C 261 9.51 -10.09 -19.79
N ASP C 262 10.62 -10.32 -19.10
CA ASP C 262 10.69 -11.36 -18.07
C ASP C 262 9.54 -11.20 -17.08
N ALA C 263 9.30 -9.96 -16.67
CA ALA C 263 8.31 -9.68 -15.64
C ALA C 263 6.92 -10.11 -16.08
N HIS C 264 6.75 -10.27 -17.40
CA HIS C 264 5.46 -10.69 -17.94
C HIS C 264 5.50 -12.11 -18.49
N ARG C 265 6.54 -12.86 -18.12
CA ARG C 265 6.76 -14.19 -18.68
C ARG C 265 6.63 -14.17 -20.20
N LEU C 266 7.30 -13.22 -20.83
CA LEU C 266 7.28 -13.12 -22.28
C LEU C 266 8.70 -13.23 -22.79
N THR C 267 8.83 -13.61 -24.05
CA THR C 267 10.10 -13.61 -24.75
C THR C 267 10.00 -12.67 -25.95
N LYS C 268 11.13 -12.34 -26.56
CA LYS C 268 11.12 -11.53 -27.78
C LYS C 268 10.26 -12.20 -28.85
N ASP C 269 10.29 -13.53 -28.86
CA ASP C 269 9.55 -14.30 -29.85
C ASP C 269 8.04 -14.15 -29.69
N ASP C 270 7.61 -13.69 -28.52
CA ASP C 270 6.19 -13.46 -28.28
C ASP C 270 5.72 -12.16 -28.92
N ILE C 271 6.65 -11.28 -29.28
CA ILE C 271 6.25 -9.99 -29.86
C ILE C 271 5.76 -10.13 -31.30
N GLY C 272 4.49 -9.78 -31.53
CA GLY C 272 3.90 -9.84 -32.85
C GLY C 272 4.24 -8.66 -33.74
N ALA C 273 4.57 -7.53 -33.11
CA ALA C 273 4.93 -6.34 -33.87
C ALA C 273 5.76 -5.40 -33.02
N TRP C 274 6.86 -4.93 -33.59
CA TRP C 274 7.75 -3.97 -32.94
C TRP C 274 7.42 -2.57 -33.46
N VAL C 275 7.30 -1.61 -32.55
CA VAL C 275 7.04 -0.22 -32.91
C VAL C 275 8.16 0.63 -32.35
N SER C 276 9.21 0.81 -33.15
CA SER C 276 10.44 1.42 -32.66
C SER C 276 10.67 2.81 -33.23
N HIS C 277 11.25 3.69 -32.41
CA HIS C 277 11.61 5.03 -32.84
C HIS C 277 12.78 5.04 -33.84
N PRO C 278 12.63 5.80 -34.95
CA PRO C 278 13.58 5.87 -36.05
C PRO C 278 14.62 6.96 -35.82
N GLY C 279 15.50 6.75 -34.85
CA GLY C 279 16.48 7.76 -34.52
C GLY C 279 17.31 8.15 -35.71
N GLY C 280 17.78 7.15 -36.45
CA GLY C 280 18.67 7.32 -37.58
C GLY C 280 19.08 5.91 -37.99
N PRO C 281 19.68 5.75 -39.18
CA PRO C 281 19.98 4.41 -39.69
C PRO C 281 20.83 3.59 -38.74
N LYS C 282 21.87 4.20 -38.19
CA LYS C 282 22.81 3.49 -37.33
C LYS C 282 22.11 3.04 -36.05
N VAL C 283 21.19 3.86 -35.56
CA VAL C 283 20.40 3.53 -34.39
C VAL C 283 19.47 2.36 -34.66
N ILE C 284 18.79 2.41 -35.80
CA ILE C 284 17.86 1.33 -36.14
C ILE C 284 18.60 -0.01 -36.30
N ASP C 285 19.75 0.04 -36.97
CA ASP C 285 20.60 -1.14 -37.11
C ASP C 285 20.98 -1.66 -35.72
N ALA C 286 21.37 -0.75 -34.83
CA ALA C 286 21.80 -1.15 -33.48
C ALA C 286 20.69 -1.84 -32.71
N VAL C 287 19.46 -1.38 -32.91
CA VAL C 287 18.31 -1.99 -32.28
C VAL C 287 18.10 -3.41 -32.81
N ALA C 288 18.14 -3.56 -34.13
CA ALA C 288 17.94 -4.87 -34.76
C ALA C 288 19.04 -5.85 -34.34
N THR C 289 20.29 -5.40 -34.44
CA THR C 289 21.44 -6.18 -34.02
C THR C 289 21.38 -6.58 -32.55
N SER C 290 21.08 -5.61 -31.68
CA SER C 290 21.12 -5.88 -30.25
C SER C 290 20.02 -6.85 -29.82
N LEU C 291 18.90 -6.81 -30.53
CA LEU C 291 17.75 -7.65 -30.19
C LEU C 291 17.64 -8.88 -31.09
N ALA C 292 18.60 -9.04 -31.99
CA ALA C 292 18.60 -10.18 -32.91
C ALA C 292 17.23 -10.32 -33.58
N LEU C 293 16.76 -9.22 -34.17
CA LEU C 293 15.46 -9.23 -34.83
C LEU C 293 15.63 -9.48 -36.32
N PRO C 294 14.64 -10.15 -36.94
CA PRO C 294 14.60 -10.28 -38.40
C PRO C 294 14.46 -8.92 -39.06
N PRO C 295 14.85 -8.80 -40.35
CA PRO C 295 14.85 -7.54 -41.10
C PRO C 295 13.48 -6.90 -41.18
N GLU C 296 12.44 -7.73 -41.29
CA GLU C 296 11.08 -7.21 -41.42
C GLU C 296 10.56 -6.60 -40.12
N ALA C 297 11.18 -6.94 -39.00
CA ALA C 297 10.67 -6.50 -37.71
C ALA C 297 10.54 -4.97 -37.65
N LEU C 298 11.55 -4.28 -38.16
CA LEU C 298 11.59 -2.82 -38.07
C LEU C 298 11.25 -2.12 -39.39
N GLU C 299 10.65 -2.86 -40.33
CA GLU C 299 10.38 -2.32 -41.65
C GLU C 299 9.56 -1.03 -41.67
N LEU C 300 8.52 -0.95 -40.84
CA LEU C 300 7.67 0.25 -40.83
C LEU C 300 8.39 1.46 -40.25
N THR C 301 9.37 1.20 -39.39
CA THR C 301 10.23 2.24 -38.84
C THR C 301 11.16 2.82 -39.91
N TRP C 302 11.81 1.93 -40.68
CA TRP C 302 12.58 2.36 -41.83
C TRP C 302 11.69 3.12 -42.81
N ARG C 303 10.50 2.61 -43.08
CA ARG C 303 9.62 3.29 -44.04
C ARG C 303 9.29 4.70 -43.61
N SER C 304 8.97 4.88 -42.33
CA SER C 304 8.57 6.19 -41.81
C SER C 304 9.73 7.15 -41.89
N LEU C 305 10.91 6.68 -41.50
CA LEU C 305 12.12 7.47 -41.62
C LEU C 305 12.29 7.94 -43.06
N GLY C 306 12.09 7.02 -44.00
CA GLY C 306 12.25 7.34 -45.40
C GLY C 306 11.27 8.41 -45.84
N GLU C 307 10.03 8.26 -45.39
CA GLU C 307 8.94 9.07 -45.91
C GLU C 307 8.89 10.49 -45.33
N ILE C 308 9.15 10.62 -44.03
CA ILE C 308 8.94 11.91 -43.35
C ILE C 308 10.10 12.36 -42.44
N GLY C 309 11.16 11.56 -42.39
CA GLY C 309 12.28 11.86 -41.51
C GLY C 309 12.02 11.53 -40.05
N ASN C 310 12.90 11.99 -39.18
CA ASN C 310 12.80 11.83 -37.74
C ASN C 310 11.99 13.02 -37.16
N LEU C 311 10.80 12.73 -36.61
CA LEU C 311 9.94 13.77 -36.03
C LEU C 311 10.04 13.83 -34.50
N SER C 312 11.21 13.45 -33.97
CA SER C 312 11.37 13.37 -32.52
C SER C 312 10.22 12.55 -31.95
N SER C 313 9.56 13.06 -30.92
CA SER C 313 8.54 12.27 -30.21
C SER C 313 7.34 11.86 -31.07
N ALA C 314 7.08 12.58 -32.16
CA ALA C 314 5.94 12.24 -33.02
C ALA C 314 6.13 10.99 -33.91
N SER C 315 7.37 10.65 -34.26
CA SER C 315 7.62 9.53 -35.20
C SER C 315 7.03 8.19 -34.75
N ILE C 316 7.27 7.84 -33.50
CA ILE C 316 6.83 6.53 -33.02
C ILE C 316 5.31 6.42 -33.09
N LEU C 317 4.64 7.56 -32.99
CA LEU C 317 3.18 7.59 -33.07
C LEU C 317 2.70 7.41 -34.51
N HIS C 318 3.42 7.97 -35.47
CA HIS C 318 3.14 7.72 -36.88
C HIS C 318 3.34 6.24 -37.17
N ILE C 319 4.41 5.68 -36.64
CA ILE C 319 4.71 4.26 -36.84
C ILE C 319 3.68 3.37 -36.14
N LEU C 320 3.22 3.80 -34.97
CA LEU C 320 2.17 3.08 -34.27
C LEU C 320 0.90 3.04 -35.11
N ARG C 321 0.54 4.17 -35.71
CA ARG C 321 -0.62 4.22 -36.57
C ARG C 321 -0.48 3.27 -37.77
N ASP C 322 0.70 3.30 -38.41
CA ASP C 322 0.99 2.44 -39.56
C ASP C 322 0.85 0.98 -39.17
N THR C 323 1.37 0.64 -37.98
CA THR C 323 1.35 -0.72 -37.48
C THR C 323 -0.07 -1.21 -37.25
N ILE C 324 -0.87 -0.37 -36.61
CA ILE C 324 -2.26 -0.71 -36.34
C ILE C 324 -2.96 -0.99 -37.66
N GLU C 325 -2.73 -0.12 -38.63
CA GLU C 325 -3.35 -0.30 -39.95
C GLU C 325 -2.94 -1.61 -40.63
N LYS C 326 -1.74 -2.12 -40.34
CA LYS C 326 -1.29 -3.37 -40.94
C LYS C 326 -1.89 -4.56 -40.20
N ARG C 327 -2.46 -4.32 -39.04
CA ARG C 327 -3.09 -5.33 -38.24
C ARG C 327 -2.21 -6.50 -37.94
N PRO C 328 -1.49 -6.42 -36.83
CA PRO C 328 -0.68 -7.56 -36.38
C PRO C 328 -1.60 -8.69 -35.89
N PRO C 329 -1.07 -9.91 -35.75
CA PRO C 329 -1.87 -11.05 -35.30
C PRO C 329 -2.72 -10.69 -34.07
N SER C 330 -4.02 -10.96 -34.15
CA SER C 330 -4.93 -10.62 -33.06
C SER C 330 -4.55 -11.29 -31.74
N GLY C 331 -4.55 -10.51 -30.67
CA GLY C 331 -4.19 -11.01 -29.36
C GLY C 331 -2.70 -11.12 -29.11
N SER C 332 -1.88 -10.84 -30.12
CA SER C 332 -0.44 -10.95 -29.96
C SER C 332 0.14 -9.73 -29.25
N ALA C 333 1.35 -9.87 -28.72
CA ALA C 333 1.99 -8.78 -28.00
C ALA C 333 2.62 -7.77 -28.96
N GLY C 334 2.63 -6.51 -28.54
CA GLY C 334 3.36 -5.48 -29.27
C GLY C 334 4.30 -4.78 -28.32
N LEU C 335 5.39 -4.22 -28.85
CA LEU C 335 6.33 -3.48 -28.01
C LEU C 335 6.72 -2.16 -28.65
N MET C 336 6.37 -1.05 -27.99
CA MET C 336 6.91 0.25 -28.37
C MET C 336 8.30 0.41 -27.78
N LEU C 337 9.23 0.96 -28.55
CA LEU C 337 10.58 1.16 -28.09
C LEU C 337 11.06 2.54 -28.53
N ALA C 338 11.34 3.41 -27.57
CA ALA C 338 11.89 4.73 -27.88
C ALA C 338 13.09 5.03 -27.01
N MET C 339 13.91 5.98 -27.42
CA MET C 339 15.03 6.42 -26.60
C MET C 339 15.19 7.93 -26.75
N GLY C 340 15.93 8.55 -25.84
CA GLY C 340 16.04 10.01 -25.88
C GLY C 340 16.92 10.55 -24.79
N PRO C 341 16.93 11.89 -24.65
CA PRO C 341 17.77 12.60 -23.68
C PRO C 341 17.59 12.03 -22.28
N GLY C 342 18.71 11.79 -21.61
CA GLY C 342 18.67 11.12 -20.33
C GLY C 342 20.05 10.64 -19.91
N PHE C 343 20.65 9.73 -20.66
CA PHE C 343 20.06 9.03 -21.79
C PHE C 343 19.09 7.98 -21.28
N CYS C 344 18.03 7.71 -22.03
CA CYS C 344 17.04 6.75 -21.57
C CYS C 344 16.34 5.99 -22.70
N THR C 345 15.75 4.86 -22.32
CA THR C 345 14.87 4.12 -23.20
C THR C 345 13.53 3.97 -22.52
N GLU C 346 12.48 3.82 -23.32
CA GLU C 346 11.15 3.54 -22.80
C GLU C 346 10.55 2.43 -23.63
N LEU C 347 9.97 1.45 -22.93
CA LEU C 347 9.29 0.33 -23.55
C LEU C 347 7.84 0.36 -23.12
N VAL C 348 6.95 0.08 -24.06
CA VAL C 348 5.53 -0.02 -23.76
C VAL C 348 4.99 -1.33 -24.30
N LEU C 349 4.39 -2.12 -23.43
CA LEU C 349 3.79 -3.39 -23.82
C LEU C 349 2.34 -3.20 -24.27
N LEU C 350 2.02 -3.73 -25.45
CA LEU C 350 0.68 -3.59 -26.03
C LEU C 350 0.12 -4.96 -26.33
N ARG C 351 -1.20 -5.03 -26.48
CA ARG C 351 -1.82 -6.22 -27.06
C ARG C 351 -2.70 -5.80 -28.23
N TRP C 352 -2.42 -6.35 -29.42
CA TRP C 352 -3.16 -5.97 -30.61
C TRP C 352 -4.57 -6.57 -30.62
N ARG C 353 -5.49 -5.90 -31.32
CA ARG C 353 -6.88 -6.36 -31.41
C ARG C 353 -7.03 -7.53 -32.39
N SER D 2 -3.01 3.51 20.99
CA SER D 2 -4.17 2.65 21.20
C SER D 2 -4.90 3.11 22.45
N VAL D 3 -6.20 3.39 22.31
CA VAL D 3 -7.01 3.90 23.40
C VAL D 3 -8.31 3.10 23.54
N ILE D 4 -8.62 2.68 24.76
CA ILE D 4 -9.89 2.00 25.01
C ILE D 4 -11.07 2.97 24.90
N ALA D 5 -12.11 2.55 24.20
CA ALA D 5 -13.29 3.40 23.98
C ALA D 5 -14.53 2.83 24.68
N GLY D 6 -14.53 1.54 24.94
CA GLY D 6 -15.67 0.89 25.58
C GLY D 6 -15.26 -0.38 26.26
N VAL D 7 -15.90 -0.67 27.39
CA VAL D 7 -15.66 -1.91 28.12
C VAL D 7 -17.01 -2.31 28.71
N PHE D 8 -17.34 -3.59 28.68
CA PHE D 8 -18.69 -4.02 29.05
C PHE D 8 -18.68 -5.50 29.41
N GLY D 9 -19.33 -5.83 30.51
CA GLY D 9 -19.42 -7.22 30.96
C GLY D 9 -20.83 -7.77 30.77
N ALA D 10 -20.94 -9.06 30.45
CA ALA D 10 -22.25 -9.69 30.33
C ALA D 10 -22.26 -10.93 31.21
N LEU D 11 -23.39 -11.19 31.86
CA LEU D 11 -23.51 -12.33 32.73
C LEU D 11 -24.84 -13.03 32.48
N PRO D 12 -24.80 -14.37 32.52
CA PRO D 12 -26.08 -15.06 32.33
C PRO D 12 -27.01 -14.70 33.48
N PRO D 13 -28.32 -14.81 33.24
CA PRO D 13 -29.30 -14.34 34.21
C PRO D 13 -29.43 -15.25 35.44
N HIS D 14 -29.06 -16.53 35.33
CA HIS D 14 -29.18 -17.42 36.49
C HIS D 14 -28.11 -17.06 37.52
N ARG D 15 -28.49 -16.31 38.56
CA ARG D 15 -27.54 -16.00 39.62
C ARG D 15 -27.89 -16.79 40.88
N TYR D 16 -26.87 -17.38 41.51
CA TYR D 16 -27.07 -18.09 42.77
C TYR D 16 -26.03 -17.69 43.81
N SER D 17 -26.42 -17.73 45.07
CA SER D 17 -25.48 -17.52 46.17
C SER D 17 -24.54 -18.70 46.20
N GLN D 18 -23.31 -18.48 46.69
CA GLN D 18 -22.39 -19.59 46.87
C GLN D 18 -23.02 -20.64 47.76
N SER D 19 -23.67 -20.21 48.84
CA SER D 19 -24.29 -21.18 49.74
C SER D 19 -25.37 -22.03 49.04
N GLU D 20 -26.15 -21.40 48.16
CA GLU D 20 -27.16 -22.12 47.36
C GLU D 20 -26.48 -23.13 46.42
N ILE D 21 -25.41 -22.68 45.77
CA ILE D 21 -24.66 -23.57 44.90
C ILE D 21 -24.12 -24.77 45.67
N THR D 22 -23.44 -24.51 46.78
CA THR D 22 -22.86 -25.58 47.59
C THR D 22 -23.92 -26.56 48.11
N ASP D 23 -25.04 -26.01 48.58
CA ASP D 23 -26.12 -26.84 49.13
C ASP D 23 -26.64 -27.83 48.09
N SER D 24 -26.79 -27.38 46.85
CA SER D 24 -27.27 -28.25 45.78
C SER D 24 -26.18 -29.22 45.31
N PHE D 25 -24.98 -28.70 45.16
CA PHE D 25 -23.88 -29.45 44.59
C PHE D 25 -23.59 -30.71 45.41
N VAL D 26 -23.56 -30.58 46.73
CA VAL D 26 -23.32 -31.74 47.59
C VAL D 26 -24.37 -32.83 47.47
N GLU D 27 -25.55 -32.48 46.92
CA GLU D 27 -26.58 -33.48 46.69
C GLU D 27 -26.58 -34.07 45.26
N PHE D 28 -25.70 -33.58 44.40
CA PHE D 28 -25.59 -34.10 43.03
C PHE D 28 -25.13 -35.56 43.07
N PRO D 29 -25.41 -36.33 42.01
CA PRO D 29 -25.02 -37.75 41.99
C PRO D 29 -23.51 -37.94 42.14
N GLY D 30 -23.12 -38.84 43.05
CA GLY D 30 -21.72 -39.14 43.26
C GLY D 30 -20.97 -38.22 44.20
N LEU D 31 -21.64 -37.20 44.74
CA LEU D 31 -20.97 -36.16 45.50
C LEU D 31 -21.16 -36.09 47.00
N LYS D 32 -22.29 -36.56 47.49
CA LYS D 32 -22.60 -36.40 48.90
C LYS D 32 -21.50 -36.94 49.83
N GLU D 33 -20.85 -38.03 49.41
CA GLU D 33 -19.77 -38.60 50.20
C GLU D 33 -18.62 -37.59 50.41
N HIS D 34 -18.57 -36.59 49.54
CA HIS D 34 -17.50 -35.60 49.58
C HIS D 34 -17.96 -34.24 50.12
N GLU D 35 -19.09 -34.23 50.81
CA GLU D 35 -19.65 -32.99 51.34
C GLU D 35 -18.65 -32.17 52.16
N GLU D 36 -17.89 -32.80 53.04
CA GLU D 36 -17.01 -32.02 53.91
C GLU D 36 -16.00 -31.23 53.10
N ILE D 37 -15.30 -31.89 52.19
CA ILE D 37 -14.26 -31.20 51.45
C ILE D 37 -14.89 -30.14 50.53
N ILE D 38 -16.05 -30.45 49.96
CA ILE D 38 -16.76 -29.49 49.11
C ILE D 38 -17.12 -28.22 49.86
N ARG D 39 -17.73 -28.35 51.03
CA ARG D 39 -18.10 -27.17 51.80
C ARG D 39 -16.86 -26.39 52.21
N ARG D 40 -15.80 -27.11 52.57
CA ARG D 40 -14.57 -26.45 52.97
C ARG D 40 -14.00 -25.62 51.81
N LEU D 41 -13.86 -26.22 50.63
CA LEU D 41 -13.28 -25.53 49.49
C LEU D 41 -14.18 -24.38 49.03
N HIS D 42 -15.49 -24.63 49.02
CA HIS D 42 -16.43 -23.62 48.54
C HIS D 42 -16.49 -22.40 49.47
N ALA D 43 -16.40 -22.65 50.78
CA ALA D 43 -16.31 -21.57 51.75
C ALA D 43 -14.99 -20.83 51.66
N ALA D 44 -13.89 -21.55 51.45
CA ALA D 44 -12.57 -20.91 51.44
C ALA D 44 -12.32 -20.04 50.21
N ALA D 45 -13.16 -20.19 49.18
CA ALA D 45 -12.97 -19.50 47.91
C ALA D 45 -13.23 -17.99 47.96
N LYS D 46 -13.93 -17.53 48.99
CA LYS D 46 -14.30 -16.11 49.10
C LYS D 46 -15.07 -15.67 47.86
N VAL D 47 -15.92 -16.58 47.37
CA VAL D 47 -16.88 -16.29 46.32
C VAL D 47 -18.25 -16.34 46.98
N ASN D 48 -19.05 -15.30 46.80
CA ASN D 48 -20.33 -15.22 47.48
C ASN D 48 -21.51 -15.49 46.56
N GLY D 49 -21.25 -15.45 45.26
CA GLY D 49 -22.28 -15.80 44.29
C GLY D 49 -21.66 -16.00 42.93
N ARG D 50 -22.38 -16.70 42.06
CA ARG D 50 -21.94 -16.91 40.68
C ARG D 50 -23.11 -16.92 39.73
N HIS D 51 -22.87 -16.51 38.48
CA HIS D 51 -23.87 -16.65 37.44
C HIS D 51 -23.60 -17.93 36.64
N LEU D 52 -24.68 -18.66 36.31
CA LEU D 52 -24.58 -19.91 35.57
C LEU D 52 -25.44 -19.85 34.31
N VAL D 53 -24.96 -20.46 33.23
CA VAL D 53 -25.69 -20.42 31.97
C VAL D 53 -26.91 -21.33 31.98
N LEU D 54 -26.88 -22.39 32.78
CA LEU D 54 -28.03 -23.28 32.95
C LEU D 54 -28.57 -23.18 34.37
N PRO D 55 -29.85 -23.53 34.57
CA PRO D 55 -30.36 -23.65 35.94
C PRO D 55 -29.50 -24.62 36.74
N LEU D 56 -29.27 -24.28 38.00
CA LEU D 56 -28.40 -25.07 38.89
C LEU D 56 -28.76 -26.56 38.92
N GLN D 57 -30.04 -26.87 38.98
CA GLN D 57 -30.44 -28.26 39.12
C GLN D 57 -30.35 -29.04 37.80
N GLN D 58 -29.96 -28.35 36.72
CA GLN D 58 -29.78 -29.03 35.43
C GLN D 58 -28.41 -29.67 35.26
N TYR D 59 -27.44 -29.24 36.05
CA TYR D 59 -26.09 -29.78 35.87
C TYR D 59 -25.87 -31.30 36.03
N PRO D 60 -26.60 -31.95 36.94
CA PRO D 60 -26.37 -33.40 37.01
C PRO D 60 -26.70 -34.15 35.71
N SER D 61 -27.57 -33.60 34.87
CA SER D 61 -27.87 -34.22 33.58
C SER D 61 -26.85 -33.84 32.49
N LEU D 62 -25.92 -32.96 32.83
CA LEU D 62 -24.92 -32.52 31.86
C LEU D 62 -23.68 -33.41 31.92
N THR D 63 -23.81 -34.63 31.38
CA THR D 63 -22.75 -35.63 31.50
C THR D 63 -22.03 -35.93 30.19
N ASP D 64 -22.58 -35.44 29.09
CA ASP D 64 -21.99 -35.71 27.78
C ASP D 64 -21.29 -34.47 27.21
N PHE D 65 -20.03 -34.64 26.82
CA PHE D 65 -19.23 -33.56 26.28
C PHE D 65 -19.86 -32.96 25.03
N GLY D 66 -20.43 -33.80 24.17
CA GLY D 66 -21.09 -33.32 22.97
C GLY D 66 -22.24 -32.35 23.26
N ASP D 67 -23.15 -32.75 24.14
CA ASP D 67 -24.25 -31.89 24.58
C ASP D 67 -23.69 -30.56 25.13
N ALA D 68 -22.72 -30.67 26.03
CA ALA D 68 -22.19 -29.51 26.73
C ALA D 68 -21.51 -28.54 25.77
N ASN D 69 -20.79 -29.07 24.80
CA ASN D 69 -20.09 -28.20 23.87
C ASN D 69 -21.07 -27.53 22.91
N GLU D 70 -22.14 -28.24 22.55
CA GLU D 70 -23.19 -27.64 21.73
C GLU D 70 -23.85 -26.50 22.50
N ILE D 71 -24.20 -26.74 23.76
CA ILE D 71 -24.75 -25.68 24.60
C ILE D 71 -23.76 -24.51 24.73
N PHE D 72 -22.47 -24.83 24.86
CA PHE D 72 -21.44 -23.79 24.91
C PHE D 72 -21.51 -22.89 23.68
N ILE D 73 -21.54 -23.48 22.50
CA ILE D 73 -21.57 -22.67 21.28
C ILE D 73 -22.82 -21.78 21.22
N GLU D 74 -23.97 -22.35 21.56
CA GLU D 74 -25.21 -21.58 21.59
C GLU D 74 -25.10 -20.41 22.56
N LYS D 75 -24.74 -20.73 23.80
CA LYS D 75 -24.73 -19.71 24.86
C LYS D 75 -23.58 -18.72 24.72
N ALA D 76 -22.44 -19.21 24.26
CA ALA D 76 -21.25 -18.37 24.16
C ALA D 76 -21.48 -17.28 23.13
N VAL D 77 -22.10 -17.61 22.02
CA VAL D 77 -22.34 -16.59 21.00
C VAL D 77 -23.32 -15.52 21.53
N ASP D 78 -24.40 -15.98 22.17
CA ASP D 78 -25.35 -15.04 22.77
C ASP D 78 -24.66 -14.05 23.69
N LEU D 79 -23.89 -14.58 24.64
CA LEU D 79 -23.22 -13.74 25.62
C LEU D 79 -22.15 -12.86 24.98
N GLY D 80 -21.46 -13.40 23.98
CA GLY D 80 -20.41 -12.66 23.32
C GLY D 80 -20.97 -11.49 22.54
N VAL D 81 -22.12 -11.67 21.88
CA VAL D 81 -22.65 -10.52 21.16
C VAL D 81 -23.25 -9.50 22.13
N GLU D 82 -23.86 -9.99 23.21
CA GLU D 82 -24.36 -9.10 24.24
C GLU D 82 -23.26 -8.19 24.78
N ALA D 83 -22.11 -8.78 25.17
CA ALA D 83 -20.98 -8.00 25.67
C ALA D 83 -20.43 -7.02 24.62
N LEU D 84 -20.26 -7.49 23.39
CA LEU D 84 -19.69 -6.63 22.34
C LEU D 84 -20.62 -5.47 22.02
N LEU D 85 -21.92 -5.72 21.92
CA LEU D 85 -22.87 -4.67 21.61
C LEU D 85 -22.85 -3.65 22.76
N GLY D 86 -22.76 -4.13 23.98
CA GLY D 86 -22.66 -3.27 25.15
C GLY D 86 -21.45 -2.36 25.05
N ALA D 87 -20.32 -2.93 24.64
CA ALA D 87 -19.07 -2.20 24.56
C ALA D 87 -19.08 -1.20 23.40
N LEU D 88 -19.69 -1.59 22.29
CA LEU D 88 -19.81 -0.69 21.14
C LEU D 88 -20.71 0.49 21.51
N ASP D 89 -21.83 0.22 22.17
CA ASP D 89 -22.73 1.29 22.58
C ASP D 89 -21.99 2.24 23.53
N ASP D 90 -21.22 1.67 24.46
CA ASP D 90 -20.37 2.44 25.37
C ASP D 90 -19.42 3.35 24.58
N ALA D 91 -18.93 2.84 23.46
CA ALA D 91 -17.94 3.57 22.66
C ALA D 91 -18.59 4.50 21.62
N ASN D 92 -19.90 4.41 21.50
CA ASN D 92 -20.63 5.16 20.47
C ASN D 92 -20.16 4.74 19.08
N LEU D 93 -19.87 3.45 18.92
CA LEU D 93 -19.44 2.89 17.64
C LEU D 93 -20.43 1.81 17.16
N ARG D 94 -20.35 1.44 15.90
CA ARG D 94 -21.24 0.41 15.36
C ARG D 94 -20.49 -0.84 14.93
N PRO D 95 -21.18 -1.98 14.86
CA PRO D 95 -20.53 -3.22 14.41
C PRO D 95 -19.73 -3.06 13.11
N SER D 96 -20.23 -2.28 12.16
CA SER D 96 -19.53 -2.15 10.88
C SER D 96 -18.23 -1.33 10.99
N ASP D 97 -18.02 -0.65 12.11
CA ASP D 97 -16.79 0.11 12.35
C ASP D 97 -15.60 -0.78 12.70
N ILE D 98 -15.87 -2.01 13.13
CA ILE D 98 -14.83 -2.90 13.62
C ILE D 98 -13.92 -3.43 12.50
N ASP D 99 -12.61 -3.27 12.67
CA ASP D 99 -11.64 -3.70 11.67
C ASP D 99 -10.99 -5.04 12.02
N MET D 100 -10.90 -5.34 13.30
CA MET D 100 -10.47 -6.66 13.71
C MET D 100 -11.16 -7.07 15.01
N ILE D 101 -11.48 -8.35 15.09
CA ILE D 101 -12.10 -8.91 16.28
C ILE D 101 -11.28 -10.09 16.78
N ALA D 102 -10.85 -9.99 18.04
CA ALA D 102 -10.18 -11.09 18.70
C ALA D 102 -11.17 -11.70 19.69
N THR D 103 -11.24 -13.02 19.73
CA THR D 103 -12.05 -13.66 20.77
C THR D 103 -11.15 -14.54 21.62
N ALA D 104 -11.54 -14.73 22.88
CA ALA D 104 -10.76 -15.56 23.78
C ALA D 104 -11.71 -16.46 24.55
N THR D 105 -11.41 -17.75 24.54
CA THR D 105 -12.10 -18.69 25.40
C THR D 105 -11.20 -19.89 25.57
N VAL D 106 -11.47 -20.66 26.62
CA VAL D 106 -10.76 -21.90 26.85
C VAL D 106 -11.78 -22.94 27.30
N THR D 107 -13.06 -22.56 27.32
CA THR D 107 -14.05 -23.44 27.93
C THR D 107 -14.93 -24.16 26.93
N GLY D 108 -14.61 -24.05 25.64
CA GLY D 108 -15.39 -24.72 24.61
C GLY D 108 -14.63 -24.73 23.30
N VAL D 109 -15.01 -25.64 22.41
CA VAL D 109 -14.28 -25.83 21.16
C VAL D 109 -15.21 -25.51 20.00
N ALA D 110 -14.92 -24.41 19.30
CA ALA D 110 -15.82 -23.94 18.25
C ALA D 110 -15.07 -23.80 16.91
N VAL D 111 -15.50 -24.54 15.91
CA VAL D 111 -14.97 -24.40 14.55
C VAL D 111 -16.14 -24.62 13.59
N PRO D 112 -16.59 -23.56 12.89
CA PRO D 112 -16.15 -22.16 12.90
C PRO D 112 -16.06 -21.52 14.29
N SER D 113 -15.07 -20.62 14.46
CA SER D 113 -14.76 -20.03 15.76
C SER D 113 -15.83 -19.05 16.24
N LEU D 114 -15.72 -18.63 17.50
CA LEU D 114 -16.68 -17.69 18.05
C LEU D 114 -16.64 -16.35 17.32
N ASP D 115 -15.46 -15.90 16.92
CA ASP D 115 -15.38 -14.62 16.19
C ASP D 115 -16.19 -14.66 14.90
N ALA D 116 -16.14 -15.78 14.18
CA ALA D 116 -16.92 -15.90 12.96
C ALA D 116 -18.41 -15.81 13.28
N ARG D 117 -18.81 -16.49 14.36
CA ARG D 117 -20.22 -16.55 14.72
C ARG D 117 -20.72 -15.20 15.21
N ILE D 118 -19.91 -14.54 16.04
CA ILE D 118 -20.25 -13.22 16.51
C ILE D 118 -20.31 -12.23 15.35
N ALA D 119 -19.31 -12.30 14.47
CA ALA D 119 -19.29 -11.42 13.30
C ALA D 119 -20.60 -11.57 12.51
N GLY D 120 -21.03 -12.81 12.30
CA GLY D 120 -22.24 -13.08 11.55
C GLY D 120 -23.47 -12.47 12.22
N ARG D 121 -23.55 -12.65 13.52
CA ARG D 121 -24.71 -12.19 14.29
C ARG D 121 -24.85 -10.68 14.41
N LEU D 122 -23.73 -9.98 14.54
CA LEU D 122 -23.77 -8.54 14.73
C LEU D 122 -23.59 -7.78 13.42
N GLY D 123 -23.36 -8.53 12.34
CA GLY D 123 -23.19 -7.91 11.05
C GLY D 123 -21.89 -7.13 10.93
N LEU D 124 -20.80 -7.68 11.45
CA LEU D 124 -19.49 -7.10 11.19
C LEU D 124 -19.21 -7.18 9.67
N ARG D 125 -18.35 -6.31 9.17
CA ARG D 125 -18.01 -6.34 7.75
C ARG D 125 -17.44 -7.69 7.38
N PRO D 126 -17.73 -8.14 6.15
CA PRO D 126 -17.19 -9.39 5.61
C PRO D 126 -15.67 -9.43 5.66
N ASP D 127 -15.00 -8.27 5.56
CA ASP D 127 -13.55 -8.23 5.57
C ASP D 127 -12.96 -7.97 6.95
N VAL D 128 -13.75 -8.17 8.00
CA VAL D 128 -13.20 -7.99 9.34
C VAL D 128 -12.07 -9.01 9.57
N ARG D 129 -10.97 -8.56 10.18
CA ARG D 129 -9.88 -9.46 10.51
C ARG D 129 -10.20 -10.25 11.77
N ARG D 130 -10.06 -11.57 11.72
CA ARG D 130 -10.43 -12.41 12.86
C ARG D 130 -9.21 -13.01 13.55
N MET D 131 -9.21 -12.99 14.87
CA MET D 131 -8.13 -13.57 15.67
C MET D 131 -8.67 -14.42 16.84
N PRO D 132 -8.99 -15.68 16.59
CA PRO D 132 -9.52 -16.58 17.62
C PRO D 132 -8.44 -17.13 18.53
N LEU D 133 -8.30 -16.54 19.71
CA LEU D 133 -7.28 -16.95 20.65
C LEU D 133 -7.84 -18.04 21.54
N PHE D 134 -7.31 -19.24 21.40
CA PHE D 134 -7.71 -20.35 22.25
C PHE D 134 -6.48 -20.92 22.94
N GLY D 135 -6.59 -21.16 24.23
CA GLY D 135 -5.52 -21.83 24.95
C GLY D 135 -4.66 -20.91 25.78
N LEU D 136 -5.03 -19.64 25.84
CA LEU D 136 -4.35 -18.71 26.73
C LEU D 136 -4.93 -18.77 28.14
N GLY D 137 -6.13 -19.32 28.26
CA GLY D 137 -6.79 -19.43 29.55
C GLY D 137 -6.90 -18.10 30.27
N CYS D 138 -6.66 -18.11 31.57
CA CYS D 138 -6.86 -16.94 32.42
C CYS D 138 -6.02 -15.71 32.08
N VAL D 139 -5.01 -15.85 31.24
CA VAL D 139 -4.16 -14.71 30.91
C VAL D 139 -4.76 -13.91 29.76
N ALA D 140 -5.76 -14.47 29.09
CA ALA D 140 -6.24 -13.91 27.81
C ALA D 140 -6.94 -12.55 27.88
N GLY D 141 -7.49 -12.19 29.04
CA GLY D 141 -8.05 -10.86 29.22
C GLY D 141 -6.97 -9.81 29.02
N ALA D 142 -5.88 -9.94 29.78
CA ALA D 142 -4.74 -9.05 29.67
C ALA D 142 -4.03 -9.17 28.33
N ALA D 143 -3.79 -10.41 27.90
CA ALA D 143 -3.04 -10.62 26.67
C ALA D 143 -3.84 -10.11 25.49
N GLY D 144 -5.16 -10.26 25.55
CA GLY D 144 -6.02 -9.85 24.46
C GLY D 144 -5.97 -8.34 24.29
N VAL D 145 -5.94 -7.62 25.41
CA VAL D 145 -5.81 -6.16 25.36
C VAL D 145 -4.45 -5.78 24.77
N ALA D 146 -3.40 -6.50 25.14
CA ALA D 146 -2.07 -6.28 24.56
C ALA D 146 -2.05 -6.54 23.05
N ARG D 147 -2.77 -7.58 22.61
CA ARG D 147 -2.89 -7.89 21.19
C ARG D 147 -3.63 -6.80 20.41
N LEU D 148 -4.62 -6.19 21.05
CA LEU D 148 -5.33 -5.06 20.45
C LEU D 148 -4.36 -3.93 20.20
N ARG D 149 -3.54 -3.62 21.20
CA ARG D 149 -2.52 -2.59 21.01
C ARG D 149 -1.56 -2.97 19.90
N ASP D 150 -1.10 -4.22 19.90
CA ASP D 150 -0.15 -4.64 18.86
C ASP D 150 -0.75 -4.39 17.47
N TYR D 151 -2.04 -4.62 17.31
CA TYR D 151 -2.71 -4.33 16.07
C TYR D 151 -2.83 -2.82 15.79
N LEU D 152 -3.35 -2.09 16.75
CA LEU D 152 -3.71 -0.69 16.54
C LEU D 152 -2.48 0.20 16.44
N ARG D 153 -1.38 -0.27 17.00
CA ARG D 153 -0.10 0.41 16.92
C ARG D 153 0.28 0.61 15.45
N GLY D 154 -0.13 -0.34 14.61
CA GLY D 154 0.13 -0.25 13.18
C GLY D 154 -1.07 0.16 12.36
N ALA D 155 -2.12 0.62 13.03
CA ALA D 155 -3.36 0.97 12.35
C ALA D 155 -4.08 2.09 13.11
N PRO D 156 -3.56 3.31 12.99
CA PRO D 156 -3.98 4.47 13.79
C PRO D 156 -5.43 4.90 13.61
N ASP D 157 -6.04 4.54 12.48
CA ASP D 157 -7.42 4.92 12.18
C ASP D 157 -8.42 3.82 12.50
N ASP D 158 -7.94 2.71 13.05
CA ASP D 158 -8.75 1.51 13.10
C ASP D 158 -9.49 1.28 14.42
N VAL D 159 -10.43 0.34 14.36
CA VAL D 159 -11.16 -0.09 15.54
C VAL D 159 -10.89 -1.58 15.72
N ALA D 160 -10.50 -1.97 16.92
CA ALA D 160 -10.25 -3.38 17.18
C ALA D 160 -10.95 -3.76 18.48
N VAL D 161 -11.55 -4.95 18.50
CA VAL D 161 -12.30 -5.37 19.67
C VAL D 161 -11.84 -6.73 20.21
N LEU D 162 -11.94 -6.92 21.53
CA LEU D 162 -11.69 -8.20 22.15
C LEU D 162 -12.98 -8.67 22.79
N VAL D 163 -13.35 -9.92 22.54
CA VAL D 163 -14.50 -10.52 23.23
C VAL D 163 -14.04 -11.79 23.95
N SER D 164 -14.23 -11.79 25.26
CA SER D 164 -13.91 -12.95 26.09
C SER D 164 -15.22 -13.61 26.50
N VAL D 165 -15.31 -14.94 26.35
CA VAL D 165 -16.48 -15.67 26.85
C VAL D 165 -15.98 -16.94 27.50
N GLU D 166 -16.29 -17.09 28.78
CA GLU D 166 -15.89 -18.27 29.54
C GLU D 166 -17.10 -18.84 30.27
N LEU D 167 -17.51 -20.03 29.85
CA LEU D 167 -18.63 -20.69 30.48
C LEU D 167 -18.07 -21.91 31.19
N CYS D 168 -17.35 -21.66 32.29
CA CYS D 168 -16.73 -22.75 33.04
C CYS D 168 -17.71 -23.83 33.50
N SER D 169 -18.96 -23.46 33.79
CA SER D 169 -20.02 -24.40 34.23
C SER D 169 -20.14 -25.55 33.26
N LEU D 170 -19.98 -25.25 31.98
CA LEU D 170 -20.30 -26.24 30.95
C LEU D 170 -19.24 -27.31 30.81
N THR D 171 -18.15 -27.19 31.54
CA THR D 171 -17.15 -28.25 31.58
C THR D 171 -17.51 -29.36 32.55
N TYR D 172 -18.67 -29.25 33.17
CA TYR D 172 -19.13 -30.26 34.15
C TYR D 172 -18.98 -31.75 33.75
N PRO D 173 -19.16 -32.09 32.47
CA PRO D 173 -18.98 -33.51 32.10
C PRO D 173 -17.64 -34.11 32.54
N ALA D 174 -16.62 -33.27 32.61
CA ALA D 174 -15.24 -33.70 32.92
C ALA D 174 -14.97 -33.67 34.42
N VAL D 175 -15.94 -33.19 35.19
CA VAL D 175 -15.74 -33.00 36.63
C VAL D 175 -15.96 -34.29 37.42
N LYS D 176 -14.99 -34.62 38.26
CA LYS D 176 -15.15 -35.70 39.23
C LYS D 176 -14.70 -35.21 40.60
N PRO D 177 -15.08 -35.94 41.66
CA PRO D 177 -14.76 -35.52 43.01
C PRO D 177 -13.30 -35.79 43.39
N THR D 178 -12.39 -35.42 42.51
CA THR D 178 -10.98 -35.33 42.88
C THR D 178 -10.67 -33.90 43.30
N VAL D 179 -9.59 -33.73 44.05
CA VAL D 179 -9.33 -32.42 44.67
C VAL D 179 -9.18 -31.28 43.66
N SER D 180 -8.36 -31.44 42.64
CA SER D 180 -8.19 -30.33 41.70
C SER D 180 -9.51 -29.93 41.02
N SER D 181 -10.33 -30.89 40.64
CA SER D 181 -11.64 -30.55 40.02
C SER D 181 -12.55 -29.86 41.01
N LEU D 182 -12.52 -30.31 42.26
CA LEU D 182 -13.38 -29.73 43.28
C LEU D 182 -12.97 -28.29 43.58
N VAL D 183 -11.66 -28.02 43.57
CA VAL D 183 -11.20 -26.63 43.71
C VAL D 183 -11.81 -25.79 42.59
N GLY D 184 -11.86 -26.35 41.39
CA GLY D 184 -12.53 -25.67 40.28
C GLY D 184 -13.99 -25.34 40.56
N THR D 185 -14.73 -26.31 41.09
CA THR D 185 -16.15 -26.10 41.39
C THR D 185 -16.36 -25.03 42.46
N ALA D 186 -15.34 -24.74 43.26
CA ALA D 186 -15.48 -23.70 44.28
C ALA D 186 -15.38 -22.29 43.71
N LEU D 187 -14.59 -22.14 42.64
CA LEU D 187 -14.15 -20.81 42.22
C LEU D 187 -14.81 -20.28 40.93
N PHE D 188 -14.98 -21.15 39.94
CA PHE D 188 -15.27 -20.66 38.59
C PHE D 188 -16.74 -20.45 38.29
N GLY D 189 -17.03 -19.36 37.59
CA GLY D 189 -18.38 -19.03 37.18
C GLY D 189 -18.46 -18.73 35.69
N ASP D 190 -19.60 -18.21 35.26
CA ASP D 190 -19.81 -18.01 33.81
C ASP D 190 -19.99 -16.53 33.53
N GLY D 191 -19.54 -16.10 32.36
CA GLY D 191 -19.72 -14.72 31.95
C GLY D 191 -18.88 -14.37 30.74
N ALA D 192 -19.00 -13.11 30.32
CA ALA D 192 -18.33 -12.63 29.14
C ALA D 192 -17.99 -11.15 29.34
N ALA D 193 -17.07 -10.67 28.52
CA ALA D 193 -16.77 -9.25 28.52
C ALA D 193 -16.18 -8.85 27.16
N ALA D 194 -16.28 -7.57 26.85
CA ALA D 194 -15.71 -7.06 25.60
C ALA D 194 -15.00 -5.73 25.82
N VAL D 195 -13.92 -5.53 25.07
CA VAL D 195 -13.23 -4.26 25.05
C VAL D 195 -13.20 -3.75 23.62
N VAL D 196 -13.59 -2.49 23.45
CA VAL D 196 -13.47 -1.83 22.17
C VAL D 196 -12.33 -0.83 22.27
N ALA D 197 -11.39 -0.94 21.35
CA ALA D 197 -10.25 -0.02 21.35
C ALA D 197 -10.04 0.57 19.96
N VAL D 198 -9.41 1.73 19.92
CA VAL D 198 -9.21 2.45 18.68
C VAL D 198 -7.78 2.95 18.58
N GLY D 199 -7.37 3.22 17.35
CA GLY D 199 -6.05 3.76 17.07
C GLY D 199 -5.93 5.19 17.53
N ASP D 200 -4.71 5.67 17.68
CA ASP D 200 -4.50 7.02 18.24
C ASP D 200 -5.20 8.12 17.48
N ARG D 201 -5.22 8.02 16.16
CA ARG D 201 -5.85 9.06 15.35
C ARG D 201 -7.37 8.97 15.47
N ARG D 202 -7.87 7.73 15.43
CA ARG D 202 -9.30 7.49 15.56
C ARG D 202 -9.80 7.98 16.92
N ALA D 203 -8.95 7.88 17.94
CA ALA D 203 -9.36 8.22 19.30
C ALA D 203 -9.90 9.64 19.41
N GLU D 204 -9.23 10.60 18.79
CA GLU D 204 -9.71 11.97 18.83
C GLU D 204 -11.08 12.10 18.16
N GLN D 205 -11.28 11.40 17.04
CA GLN D 205 -12.54 11.49 16.30
C GLN D 205 -13.72 10.90 17.07
N VAL D 206 -13.49 9.80 17.79
CA VAL D 206 -14.58 9.15 18.53
C VAL D 206 -14.65 9.64 19.98
N ARG D 207 -13.72 10.52 20.35
CA ARG D 207 -13.62 10.99 21.71
C ARG D 207 -13.52 9.81 22.67
N ALA D 208 -12.60 8.90 22.40
CA ALA D 208 -12.41 7.70 23.25
C ALA D 208 -12.13 8.05 24.70
N GLY D 209 -12.89 7.41 25.61
CA GLY D 209 -12.82 7.69 27.03
C GLY D 209 -11.64 7.09 27.80
N GLY D 210 -10.85 6.26 27.13
CA GLY D 210 -9.63 5.74 27.74
C GLY D 210 -9.94 4.53 28.59
N PRO D 211 -8.93 3.98 29.29
CA PRO D 211 -7.52 4.38 29.35
C PRO D 211 -6.71 4.14 28.08
N ASP D 212 -5.57 4.81 27.97
CA ASP D 212 -4.60 4.53 26.92
C ASP D 212 -3.92 3.19 27.21
N ILE D 213 -3.68 2.40 26.16
CA ILE D 213 -2.91 1.17 26.32
C ILE D 213 -1.48 1.48 25.88
N LEU D 214 -0.56 1.54 26.85
CA LEU D 214 0.78 2.07 26.61
C LEU D 214 1.79 1.01 26.18
N ASP D 215 1.70 -0.17 26.77
CA ASP D 215 2.70 -1.21 26.53
C ASP D 215 2.28 -2.49 27.22
N SER D 216 2.98 -3.57 26.94
CA SER D 216 2.68 -4.84 27.61
C SER D 216 3.93 -5.69 27.67
N ARG D 217 3.94 -6.67 28.57
CA ARG D 217 5.04 -7.62 28.65
C ARG D 217 4.55 -8.99 29.12
N SER D 218 4.82 -10.00 28.29
CA SER D 218 4.61 -11.40 28.62
C SER D 218 5.79 -11.98 29.39
N SER D 219 5.51 -12.96 30.23
CA SER D 219 6.56 -13.71 30.90
C SER D 219 6.17 -15.18 31.00
N LEU D 220 6.77 -16.00 30.15
CA LEU D 220 6.52 -17.44 30.11
C LEU D 220 7.56 -18.12 30.99
N TYR D 221 7.09 -18.82 32.02
CA TYR D 221 8.01 -19.45 32.97
C TYR D 221 8.49 -20.79 32.44
N PRO D 222 9.81 -21.01 32.43
CA PRO D 222 10.34 -22.27 31.92
C PRO D 222 9.85 -23.49 32.70
N ASP D 223 9.69 -24.61 32.01
CA ASP D 223 9.47 -25.89 32.68
C ASP D 223 8.23 -25.92 33.56
N SER D 224 7.13 -25.32 33.10
CA SER D 224 5.95 -25.19 33.95
C SER D 224 4.63 -25.45 33.21
N LEU D 225 4.70 -26.24 32.15
CA LEU D 225 3.51 -26.58 31.39
C LEU D 225 2.45 -27.26 32.26
N HIS D 226 2.92 -27.91 33.33
CA HIS D 226 2.08 -28.75 34.19
C HIS D 226 1.31 -27.95 35.25
N ILE D 227 1.67 -26.68 35.43
CA ILE D 227 1.09 -25.88 36.50
C ILE D 227 -0.42 -25.72 36.34
N MET D 228 -0.85 -25.39 35.13
CA MET D 228 -2.26 -25.19 34.87
C MET D 228 -2.57 -25.48 33.41
N GLY D 229 -3.74 -26.07 33.16
CA GLY D 229 -4.20 -26.29 31.80
C GLY D 229 -5.36 -27.26 31.79
N TRP D 230 -5.58 -27.90 30.64
CA TRP D 230 -6.61 -28.92 30.53
C TRP D 230 -5.98 -30.27 30.24
N ASP D 231 -6.59 -31.32 30.77
CA ASP D 231 -6.41 -32.65 30.21
C ASP D 231 -7.67 -32.97 29.42
N VAL D 232 -7.52 -33.09 28.10
CA VAL D 232 -8.66 -33.18 27.19
C VAL D 232 -8.90 -34.63 26.80
N GLY D 233 -10.17 -35.01 26.78
CA GLY D 233 -10.56 -36.34 26.31
C GLY D 233 -12.04 -36.51 26.05
N SER D 234 -12.48 -37.77 26.02
CA SER D 234 -13.86 -38.11 25.72
C SER D 234 -14.88 -37.44 26.63
N HIS D 235 -14.46 -37.12 27.86
CA HIS D 235 -15.38 -36.44 28.80
C HIS D 235 -15.21 -34.93 28.80
N GLY D 236 -14.38 -34.44 27.91
CA GLY D 236 -14.26 -33.01 27.71
C GLY D 236 -13.00 -32.39 28.27
N LEU D 237 -13.19 -31.29 28.98
CA LEU D 237 -12.07 -30.46 29.44
C LEU D 237 -11.92 -30.59 30.95
N ARG D 238 -10.92 -31.36 31.35
CA ARG D 238 -10.69 -31.63 32.77
C ARG D 238 -9.56 -30.77 33.35
N LEU D 239 -9.84 -30.10 34.46
CA LEU D 239 -8.89 -29.14 35.01
C LEU D 239 -7.62 -29.81 35.49
N ARG D 240 -6.48 -29.30 35.04
CA ARG D 240 -5.21 -29.58 35.66
C ARG D 240 -4.78 -28.31 36.33
N LEU D 241 -4.55 -28.39 37.64
CA LEU D 241 -4.17 -27.24 38.43
C LEU D 241 -3.26 -27.70 39.57
N SER D 242 -2.02 -27.23 39.55
CA SER D 242 -1.03 -27.62 40.56
C SER D 242 -1.09 -26.69 41.77
N PRO D 243 -0.87 -27.26 42.97
CA PRO D 243 -0.76 -26.42 44.17
C PRO D 243 0.51 -25.55 44.16
N ASP D 244 1.47 -25.87 43.29
CA ASP D 244 2.74 -25.14 43.24
C ASP D 244 2.61 -23.74 42.62
N LEU D 245 1.45 -23.46 42.02
CA LEU D 245 1.22 -22.21 41.31
C LEU D 245 1.57 -20.98 42.16
N THR D 246 1.02 -20.89 43.37
CA THR D 246 1.30 -19.73 44.21
C THR D 246 2.79 -19.57 44.52
N ASN D 247 3.50 -20.68 44.74
CA ASN D 247 4.94 -20.62 44.95
C ASN D 247 5.70 -19.94 43.80
N LEU D 248 5.27 -20.18 42.57
CA LEU D 248 5.90 -19.54 41.41
C LEU D 248 5.68 -18.03 41.43
N ILE D 249 4.46 -17.61 41.78
CA ILE D 249 4.14 -16.21 41.93
C ILE D 249 5.02 -15.57 42.99
N GLU D 250 5.09 -16.21 44.16
CA GLU D 250 5.88 -15.69 45.27
C GLU D 250 7.36 -15.51 44.88
N ARG D 251 7.89 -16.46 44.12
CA ARG D 251 9.29 -16.44 43.76
C ARG D 251 9.63 -15.46 42.63
N TYR D 252 8.71 -15.28 41.69
CA TYR D 252 9.07 -14.68 40.40
C TYR D 252 8.29 -13.45 39.95
N LEU D 253 7.15 -13.18 40.57
CA LEU D 253 6.30 -12.10 40.07
C LEU D 253 6.95 -10.71 40.23
N ALA D 254 7.60 -10.47 41.36
CA ALA D 254 8.18 -9.16 41.63
C ALA D 254 9.18 -8.79 40.54
N ASN D 255 9.97 -9.76 40.12
CA ASN D 255 10.91 -9.56 39.02
C ASN D 255 10.18 -9.21 37.71
N ASP D 256 9.07 -9.90 37.41
CA ASP D 256 8.27 -9.59 36.23
C ASP D 256 7.88 -8.12 36.23
N VAL D 257 7.35 -7.64 37.36
CA VAL D 257 6.82 -6.29 37.46
C VAL D 257 7.92 -5.24 37.45
N THR D 258 9.00 -5.51 38.17
CA THR D 258 10.12 -4.58 38.22
C THR D 258 10.75 -4.37 36.86
N THR D 259 11.04 -5.45 36.15
CA THR D 259 11.63 -5.36 34.82
C THR D 259 10.76 -4.51 33.90
N PHE D 260 9.45 -4.76 33.91
CA PHE D 260 8.52 -4.01 33.07
C PHE D 260 8.47 -2.54 33.47
N LEU D 261 8.24 -2.26 34.75
CA LEU D 261 8.09 -0.89 35.21
C LEU D 261 9.38 -0.08 35.03
N ASP D 262 10.52 -0.73 35.24
CA ASP D 262 11.81 -0.05 35.08
C ASP D 262 11.97 0.54 33.69
N ALA D 263 11.52 -0.22 32.68
CA ALA D 263 11.64 0.22 31.28
C ALA D 263 10.87 1.51 31.03
N HIS D 264 9.90 1.78 31.90
CA HIS D 264 9.12 3.01 31.81
C HIS D 264 9.48 4.00 32.92
N ARG D 265 10.61 3.76 33.57
CA ARG D 265 11.04 4.58 34.69
C ARG D 265 9.90 4.80 35.66
N LEU D 266 9.23 3.71 36.01
CA LEU D 266 8.17 3.72 37.00
C LEU D 266 8.49 2.77 38.14
N THR D 267 7.85 3.02 39.28
CA THR D 267 7.93 2.12 40.42
C THR D 267 6.51 1.71 40.74
N LYS D 268 6.36 0.69 41.59
CA LYS D 268 5.04 0.26 42.02
C LYS D 268 4.26 1.43 42.59
N ASP D 269 4.97 2.36 43.21
CA ASP D 269 4.32 3.51 43.85
C ASP D 269 3.73 4.49 42.85
N ASP D 270 4.17 4.40 41.60
CA ASP D 270 3.60 5.24 40.55
C ASP D 270 2.28 4.69 40.01
N ILE D 271 1.98 3.43 40.32
CA ILE D 271 0.73 2.85 39.82
C ILE D 271 -0.50 3.38 40.55
N GLY D 272 -1.39 4.03 39.80
CA GLY D 272 -2.61 4.62 40.32
C GLY D 272 -3.75 3.64 40.56
N ALA D 273 -3.73 2.52 39.85
CA ALA D 273 -4.75 1.51 40.06
C ALA D 273 -4.25 0.20 39.48
N TRP D 274 -4.39 -0.86 40.28
CA TRP D 274 -4.00 -2.20 39.88
C TRP D 274 -5.24 -2.93 39.40
N VAL D 275 -5.10 -3.65 38.29
CA VAL D 275 -6.23 -4.39 37.73
C VAL D 275 -5.77 -5.83 37.57
N SER D 276 -6.03 -6.65 38.59
CA SER D 276 -5.42 -7.97 38.65
C SER D 276 -6.46 -9.08 38.54
N HIS D 277 -6.06 -10.18 37.90
CA HIS D 277 -6.91 -11.36 37.79
C HIS D 277 -7.13 -12.00 39.15
N PRO D 278 -8.40 -12.32 39.48
CA PRO D 278 -8.77 -12.96 40.75
C PRO D 278 -8.65 -14.46 40.67
N GLY D 279 -7.43 -14.99 40.73
CA GLY D 279 -7.29 -16.43 40.57
C GLY D 279 -7.99 -17.20 41.66
N GLY D 280 -7.98 -16.63 42.85
CA GLY D 280 -8.47 -17.28 44.05
C GLY D 280 -7.74 -16.63 45.21
N PRO D 281 -8.26 -16.79 46.43
CA PRO D 281 -7.70 -16.05 47.57
C PRO D 281 -6.20 -16.25 47.74
N LYS D 282 -5.73 -17.50 47.62
CA LYS D 282 -4.32 -17.80 47.85
C LYS D 282 -3.47 -17.09 46.82
N VAL D 283 -4.01 -16.94 45.62
CA VAL D 283 -3.33 -16.26 44.53
C VAL D 283 -3.29 -14.75 44.73
N ILE D 284 -4.44 -14.17 45.11
CA ILE D 284 -4.51 -12.73 45.33
C ILE D 284 -3.56 -12.35 46.47
N ASP D 285 -3.59 -13.12 47.55
CA ASP D 285 -2.68 -12.87 48.67
C ASP D 285 -1.23 -12.85 48.18
N ALA D 286 -0.88 -13.85 47.37
CA ALA D 286 0.50 -14.02 46.91
C ALA D 286 0.95 -12.84 46.07
N VAL D 287 0.04 -12.30 45.29
CA VAL D 287 0.32 -11.13 44.47
C VAL D 287 0.57 -9.92 45.38
N ALA D 288 -0.32 -9.72 46.35
CA ALA D 288 -0.19 -8.57 47.24
C ALA D 288 1.11 -8.63 48.05
N THR D 289 1.45 -9.84 48.51
CA THR D 289 2.64 -10.05 49.31
C THR D 289 3.90 -9.88 48.48
N SER D 290 3.94 -10.54 47.33
CA SER D 290 5.12 -10.50 46.47
C SER D 290 5.45 -9.07 46.04
N LEU D 291 4.42 -8.25 45.86
CA LEU D 291 4.57 -6.87 45.40
C LEU D 291 4.47 -5.83 46.51
N ALA D 292 4.40 -6.29 47.76
CA ALA D 292 4.20 -5.41 48.92
C ALA D 292 3.13 -4.34 48.70
N LEU D 293 1.95 -4.76 48.26
CA LEU D 293 0.83 -3.85 48.05
C LEU D 293 0.02 -3.70 49.34
N PRO D 294 -0.54 -2.49 49.59
CA PRO D 294 -1.51 -2.33 50.68
C PRO D 294 -2.81 -3.07 50.36
N PRO D 295 -3.63 -3.36 51.38
CA PRO D 295 -4.81 -4.22 51.20
C PRO D 295 -5.80 -3.65 50.19
N GLU D 296 -5.80 -2.33 50.02
CA GLU D 296 -6.76 -1.70 49.12
C GLU D 296 -6.35 -1.82 47.66
N ALA D 297 -5.09 -2.12 47.40
CA ALA D 297 -4.61 -2.12 46.02
C ALA D 297 -5.41 -3.09 45.17
N LEU D 298 -5.70 -4.26 45.73
CA LEU D 298 -6.36 -5.31 44.98
C LEU D 298 -7.84 -5.46 45.36
N GLU D 299 -8.41 -4.48 46.05
CA GLU D 299 -9.77 -4.62 46.56
C GLU D 299 -10.85 -4.84 45.50
N LEU D 300 -10.74 -4.19 44.34
CA LEU D 300 -11.71 -4.40 43.27
C LEU D 300 -11.65 -5.84 42.75
N THR D 301 -10.45 -6.43 42.80
CA THR D 301 -10.26 -7.82 42.44
C THR D 301 -10.97 -8.72 43.46
N TRP D 302 -10.76 -8.45 44.75
CA TRP D 302 -11.45 -9.20 45.80
C TRP D 302 -12.96 -9.08 45.63
N ARG D 303 -13.43 -7.87 45.33
CA ARG D 303 -14.87 -7.66 45.21
C ARG D 303 -15.48 -8.39 44.03
N SER D 304 -14.76 -8.42 42.91
CA SER D 304 -15.24 -9.11 41.73
C SER D 304 -15.33 -10.60 41.98
N LEU D 305 -14.27 -11.15 42.58
CA LEU D 305 -14.26 -12.55 42.96
C LEU D 305 -15.47 -12.86 43.83
N GLY D 306 -15.74 -11.97 44.78
CA GLY D 306 -16.85 -12.16 45.71
C GLY D 306 -18.18 -12.13 45.00
N GLU D 307 -18.34 -11.21 44.05
CA GLU D 307 -19.66 -10.99 43.45
C GLU D 307 -20.01 -11.99 42.33
N ILE D 308 -19.02 -12.43 41.57
CA ILE D 308 -19.29 -13.26 40.39
C ILE D 308 -18.36 -14.47 40.22
N GLY D 309 -17.42 -14.63 41.15
CA GLY D 309 -16.46 -15.72 41.05
C GLY D 309 -15.39 -15.45 40.01
N ASN D 310 -14.69 -16.51 39.63
CA ASN D 310 -13.57 -16.47 38.69
C ASN D 310 -14.08 -16.80 37.30
N LEU D 311 -14.05 -15.82 36.41
CA LEU D 311 -14.57 -16.00 35.06
C LEU D 311 -13.45 -16.28 34.05
N SER D 312 -12.35 -16.86 34.52
CA SER D 312 -11.19 -17.09 33.65
C SER D 312 -10.82 -15.77 32.95
N SER D 313 -10.57 -15.79 31.65
CA SER D 313 -10.15 -14.58 30.95
C SER D 313 -11.09 -13.37 31.10
N ALA D 314 -12.37 -13.59 31.37
CA ALA D 314 -13.30 -12.45 31.44
C ALA D 314 -13.20 -11.62 32.71
N SER D 315 -12.68 -12.19 33.80
CA SER D 315 -12.71 -11.50 35.09
C SER D 315 -11.98 -10.18 35.10
N ILE D 316 -10.76 -10.18 34.55
CA ILE D 316 -9.93 -8.98 34.60
C ILE D 316 -10.60 -7.84 33.84
N LEU D 317 -11.45 -8.19 32.87
CA LEU D 317 -12.12 -7.19 32.07
C LEU D 317 -13.29 -6.60 32.84
N HIS D 318 -13.93 -7.44 33.66
CA HIS D 318 -14.97 -6.96 34.55
C HIS D 318 -14.34 -6.00 35.55
N ILE D 319 -13.21 -6.38 36.09
CA ILE D 319 -12.50 -5.56 37.07
C ILE D 319 -11.99 -4.29 36.41
N LEU D 320 -11.54 -4.39 35.17
CA LEU D 320 -11.13 -3.19 34.43
C LEU D 320 -12.30 -2.21 34.31
N ARG D 321 -13.47 -2.72 33.95
CA ARG D 321 -14.67 -1.89 33.89
C ARG D 321 -14.98 -1.25 35.24
N ASP D 322 -14.91 -2.05 36.31
CA ASP D 322 -15.15 -1.53 37.65
C ASP D 322 -14.16 -0.41 37.96
N THR D 323 -12.91 -0.60 37.56
CA THR D 323 -11.85 0.36 37.86
C THR D 323 -12.09 1.66 37.11
N ILE D 324 -12.48 1.54 35.85
CA ILE D 324 -12.80 2.69 35.03
C ILE D 324 -13.94 3.50 35.64
N GLU D 325 -14.96 2.82 36.12
CA GLU D 325 -16.10 3.50 36.75
C GLU D 325 -15.71 4.22 38.04
N LYS D 326 -14.63 3.77 38.67
CA LYS D 326 -14.14 4.36 39.92
C LYS D 326 -13.31 5.61 39.65
N ARG D 327 -12.91 5.78 38.40
CA ARG D 327 -12.10 6.92 37.96
C ARG D 327 -10.85 7.16 38.80
N PRO D 328 -9.77 6.42 38.49
CA PRO D 328 -8.50 6.67 39.19
C PRO D 328 -7.99 8.07 38.84
N PRO D 329 -6.94 8.53 39.52
CA PRO D 329 -6.43 9.88 39.27
C PRO D 329 -6.13 10.11 37.80
N SER D 330 -6.64 11.19 37.25
CA SER D 330 -6.43 11.55 35.85
C SER D 330 -4.95 11.61 35.49
N GLY D 331 -4.58 10.93 34.41
CA GLY D 331 -3.21 10.91 33.94
C GLY D 331 -2.31 9.92 34.65
N SER D 332 -2.83 9.26 35.69
CA SER D 332 -2.01 8.29 36.41
C SER D 332 -1.93 6.97 35.66
N ALA D 333 -0.96 6.14 36.03
CA ALA D 333 -0.77 4.85 35.39
C ALA D 333 -1.62 3.74 35.99
N GLY D 334 -2.03 2.79 35.15
CA GLY D 334 -2.70 1.58 35.62
C GLY D 334 -1.90 0.38 35.17
N LEU D 335 -2.03 -0.73 35.88
CA LEU D 335 -1.34 -1.94 35.50
C LEU D 335 -2.27 -3.15 35.56
N MET D 336 -2.50 -3.78 34.41
CA MET D 336 -3.21 -5.06 34.37
C MET D 336 -2.21 -6.16 34.64
N LEU D 337 -2.64 -7.17 35.39
CA LEU D 337 -1.78 -8.28 35.74
C LEU D 337 -2.62 -9.55 35.72
N ALA D 338 -2.29 -10.48 34.84
CA ALA D 338 -3.02 -11.74 34.73
C ALA D 338 -2.02 -12.88 34.67
N MET D 339 -2.48 -14.10 34.89
CA MET D 339 -1.61 -15.23 34.76
C MET D 339 -2.45 -16.39 34.27
N GLY D 340 -1.81 -17.41 33.75
CA GLY D 340 -2.55 -18.56 33.26
C GLY D 340 -1.67 -19.65 32.71
N PRO D 341 -2.29 -20.60 31.99
CA PRO D 341 -1.59 -21.76 31.42
C PRO D 341 -0.34 -21.34 30.67
N GLY D 342 0.78 -22.00 30.96
CA GLY D 342 2.06 -21.68 30.34
C GLY D 342 3.21 -22.35 31.04
N PHE D 343 3.43 -22.04 32.32
CA PHE D 343 2.71 -21.01 33.07
C PHE D 343 3.25 -19.64 32.66
N CYS D 344 2.37 -18.64 32.65
CA CYS D 344 2.81 -17.31 32.26
C CYS D 344 2.07 -16.19 32.98
N THR D 345 2.66 -15.00 32.93
CA THR D 345 1.99 -13.80 33.38
C THR D 345 2.01 -12.80 32.23
N GLU D 346 1.06 -11.87 32.27
CA GLU D 346 0.96 -10.77 31.31
C GLU D 346 0.71 -9.48 32.05
N LEU D 347 1.52 -8.46 31.75
CA LEU D 347 1.34 -7.14 32.34
C LEU D 347 0.96 -6.19 31.22
N VAL D 348 0.02 -5.29 31.49
CA VAL D 348 -0.33 -4.26 30.52
C VAL D 348 -0.33 -2.90 31.21
N LEU D 349 0.47 -1.97 30.70
CA LEU D 349 0.54 -0.62 31.26
C LEU D 349 -0.52 0.29 30.64
N LEU D 350 -1.31 0.96 31.49
CA LEU D 350 -2.38 1.85 31.03
C LEU D 350 -2.18 3.26 31.55
N ARG D 351 -2.85 4.21 30.92
CA ARG D 351 -2.91 5.55 31.50
C ARG D 351 -4.36 6.00 31.59
N TRP D 352 -4.80 6.32 32.79
CA TRP D 352 -6.18 6.69 33.04
C TRP D 352 -6.47 8.11 32.55
N ARG D 353 -7.71 8.37 32.17
CA ARG D 353 -8.09 9.68 31.70
C ARG D 353 -8.37 10.63 32.85
#